data_5UGH
#
_entry.id   5UGH
#
_cell.length_a   99.731
_cell.length_b   109.100
_cell.length_c   149.012
_cell.angle_alpha   90.00
_cell.angle_beta   100.04
_cell.angle_gamma   90.00
#
_symmetry.space_group_name_H-M   'C 1 2 1'
#
loop_
_entity.id
_entity.type
_entity.pdbx_description
1 polymer 'S-adenosylmethionine synthase isoform type-2'
2 non-polymer 2-(7-chloro-5-phenyl[1,2,4]triazolo[4,3-a]quinolin-1-yl)-N,N-dimethylethan-1-amine
3 water water
#
_entity_poly.entity_id   1
_entity_poly.type   'polypeptide(L)'
_entity_poly.pdbx_seq_one_letter_code
;GSMNGQLNGFHEAFIEEGTFLFTSESVGEGHPDKICDQISDAVLDAHLQQDPDAKVACETVAKTGMILLAGEITSRAAVD
YQKVVREAVKHIGYDDSSKGFDYKTCNVLVALEQQSPDIAQGVHLDRNEEDIGAGDQGLMFGYATDETEECMPLTIVLAH
KLNAKLAELRRNGTLPWLRPDSKTQVTVQYMQDRGAVLPIRVHTIVISVQHDEEVCLDEMRDALKEKVIKAVVPAKYLDE
DTIYHLQPSGRFVIGGPQGDAGLTGRKIIVDTYGGWGAHGGGAFSGKDYTKVDRSAAYAARWVAKSLVKGGLCRRVLVQV
SYAIGVSHPLSISIFHYGTSQKSERELLEIVKKNFDLRPGVIVRDLDLKKPIYQRTAAYGHFGRDSFPWEVPKKLKY
;
_entity_poly.pdbx_strand_id   A,B,C,D
#
loop_
_chem_comp.id
_chem_comp.type
_chem_comp.name
_chem_comp.formula
8AJ non-polymer 2-(7-chloro-5-phenyl[1,2,4]triazolo[4,3-a]quinolin-1-yl)-N,N-dimethylethan-1-amine 'C20 H19 Cl N4'
#
# COMPACT_ATOMS: atom_id res chain seq x y z
N PHE A 14 1.76 -60.44 9.47
CA PHE A 14 2.52 -59.92 8.34
C PHE A 14 1.70 -58.93 7.54
N ILE A 15 0.50 -58.66 8.01
CA ILE A 15 -0.40 -57.74 7.33
C ILE A 15 0.04 -56.29 7.53
N GLU A 16 0.21 -55.89 8.79
CA GLU A 16 0.59 -54.51 9.07
C GLU A 16 2.06 -54.21 8.76
N GLU A 17 2.78 -55.19 8.22
CA GLU A 17 4.16 -54.99 7.81
C GLU A 17 4.17 -54.57 6.35
N GLY A 18 3.13 -54.95 5.64
CA GLY A 18 3.00 -54.64 4.23
C GLY A 18 2.17 -53.41 3.94
N THR A 19 1.62 -52.79 4.97
CA THR A 19 0.78 -51.62 4.78
C THR A 19 1.43 -50.34 5.28
N PHE A 20 1.02 -49.19 4.73
CA PHE A 20 1.48 -47.91 5.23
C PHE A 20 0.39 -46.86 5.11
N LEU A 21 0.47 -45.85 5.96
CA LEU A 21 -0.44 -44.73 5.90
C LEU A 21 0.19 -43.59 5.11
N PHE A 22 -0.64 -42.86 4.38
CA PHE A 22 -0.20 -41.62 3.75
C PHE A 22 -1.31 -40.58 3.80
N THR A 23 -0.92 -39.34 4.01
CA THR A 23 -1.87 -38.25 4.22
C THR A 23 -1.70 -37.16 3.17
N SER A 24 -2.81 -36.66 2.65
CA SER A 24 -2.82 -35.45 1.83
C SER A 24 -3.88 -34.48 2.34
N GLU A 25 -3.70 -33.19 2.05
CA GLU A 25 -4.68 -32.19 2.46
C GLU A 25 -5.18 -31.37 1.28
N SER A 26 -6.32 -30.72 1.48
CA SER A 26 -6.83 -29.74 0.53
C SER A 26 -7.47 -28.61 1.29
N VAL A 27 -7.63 -27.46 0.64
CA VAL A 27 -8.32 -26.32 1.24
C VAL A 27 -9.42 -25.82 0.32
N GLY A 28 -10.42 -25.16 0.89
CA GLY A 28 -11.54 -24.66 0.11
C GLY A 28 -11.23 -23.36 -0.60
N GLU A 29 -12.20 -22.87 -1.38
CA GLU A 29 -12.04 -21.64 -2.14
C GLU A 29 -11.83 -20.45 -1.23
N GLY A 30 -12.39 -20.52 -0.03
CA GLY A 30 -12.34 -19.43 0.93
C GLY A 30 -11.09 -19.32 1.78
N HIS A 31 -10.21 -20.32 1.68
CA HIS A 31 -8.93 -20.26 2.38
C HIS A 31 -8.10 -19.11 1.80
N PRO A 32 -7.49 -18.30 2.68
CA PRO A 32 -6.78 -17.07 2.28
C PRO A 32 -5.75 -17.29 1.17
N ASP A 33 -5.00 -18.38 1.23
CA ASP A 33 -4.03 -18.67 0.19
C ASP A 33 -4.71 -18.95 -1.14
N LYS A 34 -5.80 -19.72 -1.10
CA LYS A 34 -6.50 -20.09 -2.32
C LYS A 34 -7.30 -18.91 -2.90
N ILE A 35 -7.75 -18.01 -2.03
CA ILE A 35 -8.36 -16.76 -2.50
C ILE A 35 -7.38 -16.05 -3.43
N CYS A 36 -6.12 -15.97 -2.99
CA CYS A 36 -5.07 -15.30 -3.76
C CYS A 36 -4.78 -15.99 -5.09
N ASP A 37 -4.72 -17.33 -5.07
CA ASP A 37 -4.50 -18.09 -6.30
C ASP A 37 -5.60 -17.81 -7.32
N GLN A 38 -6.84 -17.83 -6.84
CA GLN A 38 -8.00 -17.61 -7.70
C GLN A 38 -8.04 -16.20 -8.29
N ILE A 39 -7.75 -15.20 -7.44
CA ILE A 39 -7.71 -13.82 -7.89
C ILE A 39 -6.60 -13.63 -8.92
N SER A 40 -5.41 -14.16 -8.63
CA SER A 40 -4.29 -14.09 -9.55
C SER A 40 -4.63 -14.67 -10.92
N ASP A 41 -5.34 -15.79 -10.95
CA ASP A 41 -5.72 -16.43 -12.21
C ASP A 41 -6.94 -15.75 -12.85
N ALA A 42 -7.77 -15.13 -12.02
CA ALA A 42 -8.86 -14.30 -12.54
C ALA A 42 -8.28 -13.13 -13.34
N VAL A 43 -7.18 -12.57 -12.85
CA VAL A 43 -6.48 -11.50 -13.54
C VAL A 43 -5.87 -12.00 -14.84
N LEU A 44 -5.23 -13.17 -14.79
CA LEU A 44 -4.64 -13.78 -15.97
C LEU A 44 -5.69 -14.03 -17.05
N ASP A 45 -6.83 -14.60 -16.67
CA ASP A 45 -7.91 -14.86 -17.62
C ASP A 45 -8.45 -13.56 -18.23
N ALA A 46 -8.62 -12.53 -17.40
CA ALA A 46 -9.15 -11.26 -17.87
C ALA A 46 -8.28 -10.70 -19.00
N HIS A 47 -6.97 -10.80 -18.83
CA HIS A 47 -6.03 -10.34 -19.86
C HIS A 47 -6.08 -11.22 -21.10
N LEU A 48 -6.04 -12.53 -20.91
CA LEU A 48 -6.03 -13.47 -22.04
C LEU A 48 -7.31 -13.40 -22.88
N GLN A 49 -8.42 -13.03 -22.25
CA GLN A 49 -9.67 -12.88 -22.98
C GLN A 49 -9.60 -11.77 -24.02
N GLN A 50 -8.77 -10.76 -23.76
CA GLN A 50 -8.61 -9.65 -24.69
C GLN A 50 -7.32 -9.78 -25.49
N ASP A 51 -6.28 -10.28 -24.82
CA ASP A 51 -4.97 -10.41 -25.43
C ASP A 51 -4.38 -11.79 -25.13
N PRO A 52 -4.51 -12.72 -26.09
CA PRO A 52 -4.04 -14.10 -25.96
C PRO A 52 -2.53 -14.18 -25.73
N ASP A 53 -1.80 -13.14 -26.12
CA ASP A 53 -0.35 -13.12 -26.00
C ASP A 53 0.13 -12.34 -24.79
N ALA A 54 -0.77 -12.07 -23.86
CA ALA A 54 -0.43 -11.32 -22.66
C ALA A 54 0.59 -12.04 -21.80
N LYS A 55 1.56 -11.29 -21.28
CA LYS A 55 2.51 -11.83 -20.32
C LYS A 55 2.08 -11.40 -18.93
N VAL A 56 1.82 -12.35 -18.05
CA VAL A 56 1.31 -12.02 -16.72
C VAL A 56 2.09 -12.70 -15.60
N ALA A 57 2.50 -11.90 -14.62
CA ALA A 57 3.05 -12.42 -13.37
C ALA A 57 2.38 -11.68 -12.22
N CYS A 58 1.21 -12.18 -11.81
CA CYS A 58 0.38 -11.48 -10.84
C CYS A 58 0.38 -12.17 -9.49
N GLU A 59 0.99 -11.53 -8.49
CA GLU A 59 0.96 -12.04 -7.13
C GLU A 59 -0.12 -11.31 -6.33
N THR A 60 -0.89 -12.07 -5.57
CA THR A 60 -1.95 -11.49 -4.76
C THR A 60 -1.69 -11.71 -3.28
N VAL A 61 -1.95 -10.67 -2.49
CA VAL A 61 -1.86 -10.74 -1.04
C VAL A 61 -3.23 -10.41 -0.45
N ALA A 62 -3.72 -11.26 0.45
CA ALA A 62 -5.01 -11.03 1.07
C ALA A 62 -4.92 -11.04 2.59
N LYS A 63 -5.38 -9.95 3.19
CA LYS A 63 -5.40 -9.81 4.64
C LYS A 63 -6.65 -9.06 5.06
N THR A 64 -6.82 -8.87 6.37
CA THR A 64 -7.99 -8.21 6.93
C THR A 64 -8.38 -6.96 6.15
N GLY A 65 -9.49 -7.06 5.42
CA GLY A 65 -10.03 -5.97 4.61
C GLY A 65 -9.07 -5.39 3.58
N MET A 66 -8.31 -6.25 2.90
CA MET A 66 -7.38 -5.77 1.89
C MET A 66 -6.94 -6.84 0.88
N ILE A 67 -7.00 -6.50 -0.40
CA ILE A 67 -6.42 -7.30 -1.46
C ILE A 67 -5.34 -6.45 -2.15
N LEU A 68 -4.13 -6.99 -2.23
CA LEU A 68 -3.06 -6.30 -2.95
C LEU A 68 -2.58 -7.11 -4.14
N LEU A 69 -2.50 -6.48 -5.30
CA LEU A 69 -1.96 -7.13 -6.49
C LEU A 69 -0.56 -6.57 -6.76
N ALA A 70 0.41 -7.46 -6.93
CA ALA A 70 1.77 -7.03 -7.22
C ALA A 70 2.40 -7.91 -8.29
N GLY A 71 3.17 -7.30 -9.18
CA GLY A 71 3.82 -8.06 -10.24
C GLY A 71 4.05 -7.27 -11.51
N GLU A 72 4.14 -7.99 -12.62
CA GLU A 72 4.47 -7.38 -13.90
C GLU A 72 3.56 -7.92 -14.99
N ILE A 73 3.10 -7.03 -15.86
CA ILE A 73 2.20 -7.42 -16.94
C ILE A 73 2.58 -6.73 -18.25
N THR A 74 2.66 -7.51 -19.32
CA THR A 74 2.84 -6.95 -20.65
C THR A 74 1.62 -7.35 -21.47
N SER A 75 0.72 -6.41 -21.69
CA SER A 75 -0.57 -6.73 -22.29
C SER A 75 -1.22 -5.55 -22.97
N ARG A 76 -1.98 -5.84 -24.03
CA ARG A 76 -2.75 -4.84 -24.75
C ARG A 76 -4.14 -4.70 -24.12
N ALA A 77 -4.45 -5.58 -23.18
CA ALA A 77 -5.78 -5.64 -22.60
C ALA A 77 -6.06 -4.44 -21.70
N ALA A 78 -7.33 -4.03 -21.68
CA ALA A 78 -7.79 -3.03 -20.72
C ALA A 78 -8.57 -3.73 -19.61
N VAL A 79 -7.93 -3.89 -18.47
CA VAL A 79 -8.52 -4.67 -17.39
C VAL A 79 -8.89 -3.85 -16.16
N ASP A 80 -10.15 -3.92 -15.78
CA ASP A 80 -10.65 -3.32 -14.56
C ASP A 80 -10.34 -4.24 -13.37
N TYR A 81 -9.24 -3.97 -12.68
CA TYR A 81 -8.79 -4.84 -11.59
C TYR A 81 -9.74 -4.83 -10.40
N GLN A 82 -10.37 -3.69 -10.15
CA GLN A 82 -11.37 -3.62 -9.09
C GLN A 82 -12.50 -4.60 -9.36
N LYS A 83 -13.04 -4.58 -10.57
CA LYS A 83 -14.14 -5.47 -10.95
C LYS A 83 -13.70 -6.93 -10.92
N VAL A 84 -12.53 -7.21 -11.47
CA VAL A 84 -12.02 -8.58 -11.52
C VAL A 84 -11.86 -9.15 -10.12
N VAL A 85 -11.22 -8.40 -9.22
CA VAL A 85 -11.02 -8.87 -7.86
C VAL A 85 -12.33 -9.06 -7.10
N ARG A 86 -13.21 -8.06 -7.14
CA ARG A 86 -14.47 -8.12 -6.38
C ARG A 86 -15.41 -9.21 -6.89
N GLU A 87 -15.46 -9.42 -8.20
CA GLU A 87 -16.26 -10.52 -8.75
C GLU A 87 -15.70 -11.89 -8.34
N ALA A 88 -14.38 -11.97 -8.22
CA ALA A 88 -13.77 -13.21 -7.78
C ALA A 88 -14.13 -13.49 -6.33
N VAL A 89 -14.03 -12.46 -5.50
CA VAL A 89 -14.36 -12.58 -4.08
C VAL A 89 -15.84 -12.84 -3.88
N LYS A 90 -16.68 -12.20 -4.69
CA LYS A 90 -18.12 -12.44 -4.66
C LYS A 90 -18.44 -13.90 -4.99
N HIS A 91 -17.84 -14.40 -6.06
CA HIS A 91 -18.07 -15.77 -6.49
C HIS A 91 -17.66 -16.77 -5.42
N ILE A 92 -16.53 -16.50 -4.77
CA ILE A 92 -16.04 -17.35 -3.68
C ILE A 92 -17.07 -17.38 -2.54
N GLY A 93 -17.74 -16.26 -2.28
CA GLY A 93 -18.84 -16.24 -1.35
C GLY A 93 -18.73 -15.25 -0.20
N TYR A 94 -17.74 -14.37 -0.26
CA TYR A 94 -17.56 -13.38 0.79
C TYR A 94 -18.29 -12.07 0.45
N ASP A 95 -19.48 -11.91 1.00
CA ASP A 95 -20.34 -10.77 0.67
C ASP A 95 -20.90 -10.05 1.90
N ASP A 96 -20.26 -10.22 3.05
CA ASP A 96 -20.70 -9.55 4.28
C ASP A 96 -19.63 -9.55 5.34
N SER A 97 -19.60 -8.49 6.15
CA SER A 97 -18.60 -8.33 7.20
C SER A 97 -18.70 -9.41 8.28
N SER A 98 -19.90 -9.97 8.45
CA SER A 98 -20.12 -11.04 9.44
C SER A 98 -19.39 -12.33 9.06
N LYS A 99 -18.99 -12.43 7.80
CA LYS A 99 -18.26 -13.59 7.33
C LYS A 99 -16.76 -13.31 7.37
N GLY A 100 -16.42 -12.08 7.75
CA GLY A 100 -15.04 -11.68 7.89
C GLY A 100 -14.49 -10.95 6.68
N PHE A 101 -15.27 -10.92 5.60
CA PHE A 101 -14.82 -10.30 4.36
C PHE A 101 -15.99 -10.01 3.42
N ASP A 102 -15.95 -8.84 2.79
CA ASP A 102 -17.02 -8.39 1.92
C ASP A 102 -16.45 -7.80 0.63
N TYR A 103 -16.81 -8.39 -0.51
CA TYR A 103 -16.33 -7.91 -1.79
C TYR A 103 -16.75 -6.46 -2.06
N LYS A 104 -17.85 -6.05 -1.42
CA LYS A 104 -18.39 -4.70 -1.63
C LYS A 104 -17.54 -3.61 -0.97
N THR A 105 -16.83 -3.96 0.10
CA THR A 105 -16.16 -2.96 0.91
C THR A 105 -14.65 -3.17 1.07
N CYS A 106 -14.11 -4.25 0.51
CA CYS A 106 -12.67 -4.50 0.66
C CYS A 106 -11.84 -3.48 -0.09
N ASN A 107 -10.69 -3.14 0.48
CA ASN A 107 -9.72 -2.26 -0.15
C ASN A 107 -8.90 -3.01 -1.18
N VAL A 108 -8.90 -2.53 -2.43
CA VAL A 108 -8.12 -3.18 -3.46
C VAL A 108 -6.98 -2.27 -3.90
N LEU A 109 -5.76 -2.72 -3.62
CA LEU A 109 -4.55 -1.98 -3.96
C LEU A 109 -3.84 -2.65 -5.14
N VAL A 110 -3.60 -1.88 -6.19
CA VAL A 110 -2.96 -2.44 -7.38
C VAL A 110 -1.53 -1.92 -7.55
N ALA A 111 -0.57 -2.84 -7.48
CA ALA A 111 0.83 -2.50 -7.70
C ALA A 111 1.41 -3.34 -8.83
N LEU A 112 0.76 -3.29 -9.99
CA LEU A 112 1.21 -4.03 -11.15
C LEU A 112 1.90 -3.12 -12.16
N GLU A 113 3.16 -3.38 -12.48
CA GLU A 113 3.81 -2.63 -13.54
C GLU A 113 3.32 -3.23 -14.86
N GLN A 114 2.57 -2.43 -15.62
CA GLN A 114 2.02 -2.91 -16.88
C GLN A 114 2.59 -2.26 -18.13
N GLN A 115 3.17 -3.08 -18.99
CA GLN A 115 3.71 -2.63 -20.28
C GLN A 115 2.79 -3.03 -21.43
N SER A 116 3.05 -2.49 -22.61
CA SER A 116 2.27 -2.87 -23.77
C SER A 116 3.09 -3.80 -24.66
N GLU A 130 8.60 -20.48 -31.64
CA GLU A 130 8.49 -21.84 -31.15
C GLU A 130 9.81 -22.34 -30.58
N ASP A 131 10.89 -21.65 -30.94
CA ASP A 131 12.22 -22.00 -30.46
C ASP A 131 12.68 -20.99 -29.43
N ILE A 132 11.73 -20.35 -28.75
CA ILE A 132 12.04 -19.38 -27.72
C ILE A 132 12.64 -20.05 -26.50
N GLY A 133 13.70 -19.44 -25.96
CA GLY A 133 14.37 -19.96 -24.78
C GLY A 133 13.44 -19.92 -23.59
N ALA A 134 13.71 -20.78 -22.60
CA ALA A 134 12.94 -20.77 -21.37
C ALA A 134 13.04 -19.39 -20.71
N GLY A 135 11.95 -18.96 -20.07
CA GLY A 135 11.95 -17.66 -19.44
C GLY A 135 12.75 -17.65 -18.17
N ASP A 136 13.04 -18.84 -17.65
CA ASP A 136 13.81 -18.96 -16.43
C ASP A 136 14.52 -20.30 -16.39
N GLN A 137 15.03 -20.64 -15.22
CA GLN A 137 15.61 -21.94 -14.95
C GLN A 137 14.64 -22.59 -14.00
N GLY A 138 14.84 -23.87 -13.74
CA GLY A 138 13.99 -24.54 -12.79
C GLY A 138 13.73 -25.97 -13.16
N LEU A 139 13.08 -26.67 -12.25
CA LEU A 139 12.77 -28.06 -12.40
C LEU A 139 11.30 -28.28 -12.11
N MET A 140 10.67 -29.14 -12.92
CA MET A 140 9.25 -29.42 -12.76
C MET A 140 9.02 -30.93 -12.84
N PHE A 141 8.00 -31.40 -12.15
CA PHE A 141 7.64 -32.81 -12.19
C PHE A 141 6.21 -33.05 -12.68
N GLY A 142 6.02 -34.19 -13.34
CA GLY A 142 4.69 -34.70 -13.64
C GLY A 142 4.57 -36.07 -13.02
N TYR A 143 3.37 -36.44 -12.58
CA TYR A 143 3.16 -37.72 -11.91
C TYR A 143 1.80 -38.28 -12.27
N ALA A 144 1.73 -39.61 -12.32
CA ALA A 144 0.48 -40.32 -12.58
C ALA A 144 0.51 -41.69 -11.90
N THR A 145 -0.66 -42.16 -11.49
CA THR A 145 -0.80 -43.41 -10.77
C THR A 145 -2.14 -44.07 -11.13
N ASP A 146 -2.12 -45.39 -11.33
CA ASP A 146 -3.31 -46.07 -11.81
C ASP A 146 -4.33 -46.37 -10.70
N GLU A 147 -4.10 -45.81 -9.51
CA GLU A 147 -4.94 -46.15 -8.36
C GLU A 147 -6.34 -45.54 -8.44
N THR A 148 -6.50 -44.49 -9.23
CA THR A 148 -7.83 -43.95 -9.53
C THR A 148 -8.01 -43.80 -11.03
N GLU A 149 -9.27 -43.66 -11.46
CA GLU A 149 -9.57 -43.45 -12.88
C GLU A 149 -8.98 -42.14 -13.41
N GLU A 150 -8.88 -41.12 -12.56
CA GLU A 150 -8.30 -39.84 -12.99
C GLU A 150 -6.78 -39.85 -12.89
N CYS A 151 -6.21 -41.02 -12.66
CA CYS A 151 -4.75 -41.21 -12.59
C CYS A 151 -4.11 -40.38 -11.50
N MET A 152 -4.82 -40.21 -10.39
CA MET A 152 -4.34 -39.39 -9.29
C MET A 152 -4.35 -40.16 -7.99
N PRO A 153 -3.51 -39.75 -7.03
CA PRO A 153 -3.52 -40.39 -5.72
C PRO A 153 -4.87 -40.26 -5.04
N LEU A 154 -5.34 -41.32 -4.40
CA LEU A 154 -6.65 -41.30 -3.76
C LEU A 154 -6.72 -40.25 -2.66
N THR A 155 -5.62 -40.07 -1.94
CA THR A 155 -5.57 -39.13 -0.82
C THR A 155 -5.92 -37.71 -1.25
N ILE A 156 -5.30 -37.24 -2.33
CA ILE A 156 -5.52 -35.86 -2.76
C ILE A 156 -6.85 -35.72 -3.51
N VAL A 157 -7.27 -36.79 -4.18
CA VAL A 157 -8.57 -36.76 -4.85
C VAL A 157 -9.70 -36.60 -3.84
N LEU A 158 -9.68 -37.40 -2.78
CA LEU A 158 -10.72 -37.34 -1.77
C LEU A 158 -10.70 -36.01 -1.02
N ALA A 159 -9.51 -35.50 -0.71
CA ALA A 159 -9.38 -34.24 0.00
C ALA A 159 -10.01 -33.11 -0.80
N HIS A 160 -9.70 -33.06 -2.10
CA HIS A 160 -10.28 -32.06 -3.00
C HIS A 160 -11.80 -32.17 -3.08
N LYS A 161 -12.29 -33.39 -3.28
CA LYS A 161 -13.71 -33.61 -3.49
C LYS A 161 -14.53 -33.30 -2.24
N LEU A 162 -13.91 -33.41 -1.08
CA LEU A 162 -14.57 -33.04 0.17
C LEU A 162 -14.84 -31.53 0.18
N ASN A 163 -13.87 -30.75 -0.27
CA ASN A 163 -14.05 -29.30 -0.34
C ASN A 163 -15.06 -28.91 -1.41
N ALA A 164 -15.05 -29.63 -2.53
CA ALA A 164 -15.99 -29.35 -3.61
C ALA A 164 -17.42 -29.62 -3.15
N LYS A 165 -17.59 -30.69 -2.38
CA LYS A 165 -18.90 -31.04 -1.85
C LYS A 165 -19.40 -29.98 -0.87
N LEU A 166 -18.51 -29.51 -0.01
CA LEU A 166 -18.83 -28.44 0.93
C LEU A 166 -19.32 -27.22 0.19
N ALA A 167 -18.57 -26.81 -0.83
CA ALA A 167 -18.93 -25.64 -1.63
C ALA A 167 -20.26 -25.86 -2.34
N GLU A 168 -20.50 -27.07 -2.81
CA GLU A 168 -21.74 -27.41 -3.49
C GLU A 168 -22.94 -27.29 -2.56
N LEU A 169 -22.79 -27.82 -1.35
CA LEU A 169 -23.88 -27.83 -0.38
C LEU A 169 -24.11 -26.44 0.21
N ARG A 170 -23.07 -25.61 0.20
CA ARG A 170 -23.20 -24.23 0.63
C ARG A 170 -23.98 -23.41 -0.40
N ARG A 171 -23.65 -23.59 -1.67
CA ARG A 171 -24.22 -22.76 -2.73
C ARG A 171 -25.65 -23.14 -3.11
N ASN A 172 -26.04 -24.40 -2.93
CA ASN A 172 -27.42 -24.77 -3.27
C ASN A 172 -28.34 -24.66 -2.05
N GLY A 173 -27.75 -24.35 -0.91
CA GLY A 173 -28.52 -24.06 0.28
C GLY A 173 -28.86 -25.28 1.13
N THR A 174 -28.32 -26.43 0.76
CA THR A 174 -28.52 -27.66 1.53
C THR A 174 -27.96 -27.48 2.93
N LEU A 175 -26.75 -26.95 3.00
CA LEU A 175 -26.14 -26.57 4.27
C LEU A 175 -25.86 -25.07 4.27
N PRO A 176 -26.89 -24.26 4.53
CA PRO A 176 -26.79 -22.81 4.41
C PRO A 176 -25.91 -22.16 5.48
N TRP A 177 -25.57 -22.90 6.52
CA TRP A 177 -24.73 -22.37 7.59
C TRP A 177 -23.24 -22.41 7.23
N LEU A 178 -22.91 -23.05 6.11
CA LEU A 178 -21.52 -23.13 5.66
C LEU A 178 -21.00 -21.77 5.15
N ARG A 179 -19.72 -21.53 5.37
CA ARG A 179 -19.05 -20.33 4.86
C ARG A 179 -17.83 -20.78 4.03
N PRO A 180 -17.26 -19.88 3.19
CA PRO A 180 -16.30 -20.31 2.16
C PRO A 180 -15.02 -20.99 2.64
N ASP A 181 -14.52 -20.65 3.82
CA ASP A 181 -13.22 -21.15 4.27
C ASP A 181 -13.30 -22.58 4.79
N SER A 182 -12.38 -23.43 4.35
CA SER A 182 -12.33 -24.82 4.80
C SER A 182 -10.99 -25.47 4.54
N LYS A 183 -10.70 -26.50 5.34
CA LYS A 183 -9.54 -27.35 5.11
C LYS A 183 -9.96 -28.79 5.34
N THR A 184 -9.45 -29.69 4.50
CA THR A 184 -9.72 -31.12 4.65
C THR A 184 -8.41 -31.88 4.62
N GLN A 185 -8.39 -33.02 5.29
CA GLN A 185 -7.20 -33.86 5.32
C GLN A 185 -7.58 -35.34 5.33
N VAL A 186 -7.02 -36.10 4.40
CA VAL A 186 -7.37 -37.51 4.26
C VAL A 186 -6.15 -38.41 4.37
N THR A 187 -6.20 -39.33 5.33
CA THR A 187 -5.15 -40.33 5.53
C THR A 187 -5.64 -41.69 5.03
N VAL A 188 -4.95 -42.24 4.04
CA VAL A 188 -5.33 -43.51 3.45
C VAL A 188 -4.33 -44.62 3.80
N GLN A 189 -4.85 -45.80 4.10
CA GLN A 189 -4.04 -46.99 4.33
C GLN A 189 -3.75 -47.67 3.01
N TYR A 190 -2.47 -47.82 2.70
CA TYR A 190 -2.01 -48.36 1.42
C TYR A 190 -1.28 -49.67 1.57
N MET A 191 -1.25 -50.43 0.48
CA MET A 191 -0.27 -51.50 0.31
C MET A 191 0.46 -51.24 -1.00
N GLN A 192 1.67 -51.76 -1.14
CA GLN A 192 2.41 -51.53 -2.37
C GLN A 192 2.40 -52.84 -3.13
N ASP A 193 2.22 -52.75 -4.44
CA ASP A 193 2.15 -53.94 -5.28
C ASP A 193 3.11 -53.81 -6.45
N ARG A 194 4.32 -54.33 -6.25
CA ARG A 194 5.38 -54.29 -7.24
C ARG A 194 5.57 -52.89 -7.84
N GLY A 195 5.72 -51.90 -6.96
CA GLY A 195 5.96 -50.53 -7.35
C GLY A 195 4.71 -49.69 -7.43
N ALA A 196 3.59 -50.33 -7.72
CA ALA A 196 2.28 -49.68 -7.73
C ALA A 196 1.73 -49.60 -6.32
N VAL A 197 0.95 -48.57 -6.03
CA VAL A 197 0.33 -48.48 -4.71
C VAL A 197 -1.20 -48.70 -4.80
N LEU A 198 -1.70 -49.46 -3.83
CA LEU A 198 -3.09 -49.92 -3.82
C LEU A 198 -3.78 -49.45 -2.55
N PRO A 199 -4.76 -48.54 -2.68
CA PRO A 199 -5.47 -48.05 -1.48
C PRO A 199 -6.39 -49.11 -0.90
N ILE A 200 -6.27 -49.33 0.40
CA ILE A 200 -7.06 -50.33 1.11
C ILE A 200 -8.29 -49.70 1.76
N ARG A 201 -8.08 -48.64 2.54
CA ARG A 201 -9.16 -48.02 3.30
C ARG A 201 -8.79 -46.61 3.72
N VAL A 202 -9.79 -45.79 4.04
CA VAL A 202 -9.53 -44.48 4.62
C VAL A 202 -9.34 -44.64 6.12
N HIS A 203 -8.18 -44.20 6.60
CA HIS A 203 -7.79 -44.38 7.99
C HIS A 203 -8.29 -43.23 8.87
N THR A 204 -8.08 -42.00 8.42
CA THR A 204 -8.47 -40.81 9.19
C THR A 204 -8.93 -39.70 8.25
N ILE A 205 -10.00 -39.01 8.63
CA ILE A 205 -10.46 -37.83 7.91
C ILE A 205 -10.58 -36.60 8.82
N VAL A 206 -10.01 -35.49 8.37
CA VAL A 206 -10.17 -34.21 9.07
C VAL A 206 -10.96 -33.24 8.21
N ILE A 207 -11.94 -32.58 8.81
CA ILE A 207 -12.64 -31.49 8.13
C ILE A 207 -12.83 -30.32 9.10
N SER A 208 -12.27 -29.16 8.73
CA SER A 208 -12.54 -27.92 9.44
C SER A 208 -13.13 -26.93 8.44
N VAL A 209 -14.29 -26.37 8.76
CA VAL A 209 -14.94 -25.46 7.84
C VAL A 209 -15.62 -24.28 8.56
N GLN A 210 -15.51 -23.11 7.94
CA GLN A 210 -16.12 -21.89 8.45
C GLN A 210 -17.65 -22.01 8.45
N HIS A 211 -18.29 -21.37 9.43
CA HIS A 211 -19.74 -21.49 9.61
C HIS A 211 -20.34 -20.27 10.31
N ASP A 212 -21.66 -20.12 10.27
CA ASP A 212 -22.29 -18.97 10.92
C ASP A 212 -22.44 -19.22 12.42
N GLU A 213 -22.98 -18.22 13.12
CA GLU A 213 -23.05 -18.27 14.58
C GLU A 213 -24.28 -19.00 15.12
N GLU A 214 -25.13 -19.49 14.24
CA GLU A 214 -26.38 -20.12 14.68
C GLU A 214 -26.25 -21.64 14.86
N VAL A 215 -25.71 -22.32 13.86
CA VAL A 215 -25.64 -23.78 13.87
C VAL A 215 -24.71 -24.28 14.98
N CYS A 216 -25.10 -25.38 15.62
CA CYS A 216 -24.31 -25.95 16.72
C CYS A 216 -23.34 -27.03 16.23
N LEU A 217 -22.37 -27.35 17.07
CA LEU A 217 -21.29 -28.28 16.72
C LEU A 217 -21.83 -29.66 16.35
N ASP A 218 -22.80 -30.14 17.12
CA ASP A 218 -23.38 -31.46 16.89
C ASP A 218 -24.05 -31.57 15.53
N GLU A 219 -24.83 -30.56 15.16
CA GLU A 219 -25.51 -30.55 13.87
C GLU A 219 -24.50 -30.53 12.73
N MET A 220 -23.45 -29.72 12.89
CA MET A 220 -22.38 -29.62 11.91
C MET A 220 -21.66 -30.95 11.72
N ARG A 221 -21.31 -31.60 12.83
CA ARG A 221 -20.53 -32.84 12.77
C ARG A 221 -21.31 -33.98 12.14
N ASP A 222 -22.62 -34.03 12.40
CA ASP A 222 -23.46 -35.04 11.78
C ASP A 222 -23.58 -34.82 10.28
N ALA A 223 -23.72 -33.55 9.88
CA ALA A 223 -23.82 -33.20 8.47
C ALA A 223 -22.52 -33.49 7.73
N LEU A 224 -21.39 -33.17 8.36
CA LEU A 224 -20.09 -33.37 7.75
C LEU A 224 -19.84 -34.85 7.46
N LYS A 225 -20.36 -35.71 8.33
CA LYS A 225 -20.17 -37.15 8.18
C LYS A 225 -21.14 -37.74 7.15
N GLU A 226 -22.43 -37.42 7.31
CA GLU A 226 -23.49 -38.05 6.52
C GLU A 226 -23.73 -37.41 5.15
N LYS A 227 -23.62 -36.09 5.07
CA LYS A 227 -23.99 -35.38 3.86
C LYS A 227 -22.77 -34.96 3.04
N VAL A 228 -21.59 -35.01 3.66
CA VAL A 228 -20.36 -34.64 2.97
C VAL A 228 -19.47 -35.85 2.73
N ILE A 229 -18.94 -36.41 3.81
CA ILE A 229 -18.00 -37.53 3.71
C ILE A 229 -18.63 -38.73 3.01
N LYS A 230 -19.81 -39.14 3.45
CA LYS A 230 -20.45 -40.33 2.88
C LYS A 230 -20.95 -40.12 1.45
N ALA A 231 -21.06 -38.86 1.04
CA ALA A 231 -21.49 -38.55 -0.32
C ALA A 231 -20.28 -38.48 -1.26
N VAL A 232 -19.09 -38.49 -0.69
CA VAL A 232 -17.86 -38.32 -1.47
C VAL A 232 -16.99 -39.58 -1.49
N VAL A 233 -16.74 -40.16 -0.33
CA VAL A 233 -15.89 -41.33 -0.23
C VAL A 233 -16.65 -42.62 -0.51
N PRO A 234 -16.19 -43.41 -1.50
CA PRO A 234 -16.80 -44.71 -1.78
C PRO A 234 -16.91 -45.54 -0.51
N ALA A 235 -18.08 -46.15 -0.29
CA ALA A 235 -18.36 -46.86 0.95
C ALA A 235 -17.34 -47.95 1.30
N LYS A 236 -16.76 -48.59 0.27
CA LYS A 236 -15.81 -49.67 0.50
C LYS A 236 -14.54 -49.21 1.21
N TYR A 237 -14.26 -47.91 1.18
CA TYR A 237 -13.07 -47.37 1.83
C TYR A 237 -13.35 -46.93 3.26
N LEU A 238 -14.62 -46.94 3.65
CA LEU A 238 -15.02 -46.54 4.99
C LEU A 238 -15.45 -47.74 5.79
N ASP A 239 -15.02 -47.80 7.05
CA ASP A 239 -15.47 -48.84 7.97
C ASP A 239 -15.61 -48.28 9.38
N GLU A 240 -15.88 -49.16 10.34
CA GLU A 240 -16.19 -48.73 11.69
C GLU A 240 -14.96 -48.25 12.45
N ASP A 241 -13.78 -48.47 11.88
CA ASP A 241 -12.53 -48.08 12.52
C ASP A 241 -12.03 -46.72 12.04
N THR A 242 -12.61 -46.24 10.94
CA THR A 242 -12.22 -44.96 10.37
C THR A 242 -12.36 -43.84 11.39
N ILE A 243 -11.30 -43.06 11.54
CA ILE A 243 -11.26 -41.99 12.52
C ILE A 243 -11.71 -40.67 11.91
N TYR A 244 -12.66 -40.01 12.56
CA TYR A 244 -13.20 -38.75 12.08
C TYR A 244 -12.87 -37.61 13.04
N HIS A 245 -12.20 -36.59 12.51
CA HIS A 245 -11.96 -35.35 13.24
C HIS A 245 -12.75 -34.23 12.56
N LEU A 246 -14.00 -34.06 12.99
CA LEU A 246 -14.88 -33.08 12.39
C LEU A 246 -15.01 -31.85 13.27
N GLN A 247 -14.67 -30.69 12.71
CA GLN A 247 -14.53 -29.45 13.46
C GLN A 247 -13.72 -29.65 14.75
N PRO A 248 -12.47 -30.17 14.63
CA PRO A 248 -11.71 -30.55 15.81
C PRO A 248 -11.32 -29.37 16.70
N SER A 249 -11.24 -28.16 16.15
CA SER A 249 -10.91 -26.98 16.95
C SER A 249 -12.18 -26.37 17.56
N GLY A 250 -13.33 -26.82 17.09
CA GLY A 250 -14.60 -26.31 17.58
C GLY A 250 -15.14 -25.16 16.75
N ARG A 251 -15.41 -24.03 17.41
CA ARG A 251 -15.98 -22.86 16.76
C ARG A 251 -15.07 -22.27 15.68
N PHE A 252 -15.64 -22.08 14.50
CA PHE A 252 -14.93 -21.52 13.35
C PHE A 252 -15.86 -20.53 12.62
N VAL A 253 -16.10 -19.38 13.23
CA VAL A 253 -17.06 -18.43 12.69
C VAL A 253 -16.41 -17.43 11.73
N ILE A 254 -15.27 -16.88 12.11
CA ILE A 254 -14.57 -15.93 11.26
C ILE A 254 -13.43 -16.63 10.52
N GLY A 255 -13.51 -16.62 9.20
CA GLY A 255 -12.50 -17.20 8.36
C GLY A 255 -12.05 -16.23 7.29
N GLY A 256 -11.41 -16.75 6.26
CA GLY A 256 -10.87 -15.92 5.19
C GLY A 256 -9.68 -15.12 5.68
N PRO A 257 -9.33 -14.05 4.96
CA PRO A 257 -8.17 -13.22 5.32
C PRO A 257 -8.34 -12.52 6.67
N ASP A 260 -2.92 -13.03 9.83
CA ASP A 260 -2.15 -13.90 8.95
C ASP A 260 -2.64 -13.78 7.50
N ALA A 261 -1.80 -13.18 6.67
CA ALA A 261 -2.12 -12.94 5.27
C ALA A 261 -2.06 -14.19 4.40
N GLY A 262 -2.95 -14.26 3.41
CA GLY A 262 -2.81 -15.26 2.36
C GLY A 262 -1.94 -14.69 1.24
N LEU A 263 -1.24 -15.58 0.53
CA LEU A 263 -0.39 -15.20 -0.59
C LEU A 263 -0.60 -16.15 -1.75
N THR A 264 -0.45 -15.65 -2.97
CA THR A 264 -0.46 -16.50 -4.15
C THR A 264 0.69 -17.51 -4.06
N GLY A 265 0.42 -18.75 -4.44
CA GLY A 265 1.46 -19.76 -4.55
C GLY A 265 1.95 -20.36 -3.26
N ARG A 266 1.06 -20.46 -2.27
CA ARG A 266 1.43 -21.00 -0.98
C ARG A 266 0.71 -22.32 -0.69
N LYS A 267 0.11 -22.88 -1.74
CA LYS A 267 -0.57 -24.16 -1.65
C LYS A 267 -0.17 -25.08 -2.82
N ILE A 268 1.12 -25.14 -3.12
CA ILE A 268 1.55 -25.79 -4.35
C ILE A 268 1.48 -27.32 -4.29
N ILE A 269 1.42 -27.87 -3.08
CA ILE A 269 1.31 -29.33 -2.92
C ILE A 269 -0.18 -29.72 -3.02
N VAL A 270 -1.03 -28.87 -2.46
CA VAL A 270 -2.48 -28.98 -2.64
C VAL A 270 -2.83 -28.90 -4.13
N ASP A 271 -2.13 -28.00 -4.84
CA ASP A 271 -2.35 -27.77 -6.27
C ASP A 271 -1.96 -28.96 -7.15
N THR A 272 -1.09 -29.82 -6.64
CA THR A 272 -0.52 -30.87 -7.48
C THR A 272 -0.93 -32.27 -7.04
N TYR A 273 -0.06 -32.97 -6.32
CA TYR A 273 -0.29 -34.39 -6.05
C TYR A 273 -0.46 -34.73 -4.58
N GLY A 274 -0.59 -33.72 -3.73
CA GLY A 274 -0.81 -33.95 -2.32
C GLY A 274 0.36 -34.65 -1.64
N GLY A 275 1.56 -34.43 -2.16
CA GLY A 275 2.76 -34.98 -1.56
C GLY A 275 3.35 -36.17 -2.28
N TRP A 276 2.57 -36.76 -3.19
CA TRP A 276 3.04 -37.88 -4.00
C TRP A 276 3.92 -37.37 -5.14
N GLY A 277 4.64 -38.28 -5.78
CA GLY A 277 5.51 -37.89 -6.89
C GLY A 277 6.68 -37.03 -6.43
N ALA A 278 6.71 -35.80 -6.94
CA ALA A 278 7.73 -34.83 -6.56
C ALA A 278 7.32 -33.43 -6.99
N HIS A 279 7.96 -32.41 -6.42
CA HIS A 279 7.67 -31.03 -6.79
C HIS A 279 8.95 -30.22 -6.95
N GLY A 280 9.01 -29.40 -7.99
CA GLY A 280 10.17 -28.57 -8.25
C GLY A 280 10.14 -27.20 -7.57
N GLY A 281 8.99 -26.84 -7.02
CA GLY A 281 8.89 -25.63 -6.21
C GLY A 281 8.15 -24.45 -6.80
N GLY A 282 7.85 -24.53 -8.09
CA GLY A 282 7.21 -23.43 -8.78
C GLY A 282 5.71 -23.37 -8.59
N ALA A 283 5.20 -22.17 -8.31
CA ALA A 283 3.77 -21.95 -8.17
C ALA A 283 3.15 -21.76 -9.55
N PHE A 284 1.86 -22.07 -9.66
CA PHE A 284 1.16 -21.98 -10.94
C PHE A 284 0.42 -20.65 -11.16
N SER A 285 -0.41 -20.26 -10.21
CA SER A 285 -1.38 -19.19 -10.44
C SER A 285 -0.76 -17.82 -10.66
N GLY A 286 -1.40 -17.02 -11.52
CA GLY A 286 -0.93 -15.69 -11.82
C GLY A 286 0.14 -15.68 -12.90
N LYS A 287 0.46 -16.87 -13.42
CA LYS A 287 1.50 -16.99 -14.43
C LYS A 287 0.95 -17.46 -15.79
N ASP A 288 1.33 -16.74 -16.85
CA ASP A 288 0.95 -17.14 -18.20
C ASP A 288 1.82 -18.29 -18.69
N TYR A 289 1.58 -18.75 -19.91
CA TYR A 289 2.20 -19.96 -20.43
C TYR A 289 3.72 -19.89 -20.60
N THR A 290 4.26 -18.68 -20.71
CA THR A 290 5.70 -18.52 -20.92
C THR A 290 6.50 -18.80 -19.66
N LYS A 291 5.80 -18.97 -18.54
CA LYS A 291 6.45 -19.36 -17.30
C LYS A 291 6.51 -20.88 -17.24
N VAL A 292 7.71 -21.43 -17.36
CA VAL A 292 7.89 -22.88 -17.42
C VAL A 292 7.45 -23.55 -16.13
N ASP A 293 7.45 -22.80 -15.04
CA ASP A 293 6.93 -23.29 -13.77
C ASP A 293 5.53 -23.88 -13.95
N ARG A 294 4.76 -23.27 -14.84
CA ARG A 294 3.38 -23.70 -15.07
C ARG A 294 3.27 -24.62 -16.28
N SER A 295 3.68 -24.13 -17.45
CA SER A 295 3.47 -24.86 -18.70
C SER A 295 4.19 -26.21 -18.74
N ALA A 296 5.40 -26.27 -18.20
CA ALA A 296 6.18 -27.51 -18.25
C ALA A 296 5.67 -28.53 -17.24
N ALA A 297 5.12 -28.05 -16.12
CA ALA A 297 4.50 -28.93 -15.14
C ALA A 297 3.21 -29.53 -15.70
N TYR A 298 2.46 -28.73 -16.45
CA TYR A 298 1.26 -29.23 -17.10
C TYR A 298 1.63 -30.28 -18.14
N ALA A 299 2.65 -29.98 -18.94
CA ALA A 299 3.13 -30.89 -19.96
C ALA A 299 3.67 -32.18 -19.37
N ALA A 300 4.37 -32.07 -18.25
CA ALA A 300 4.96 -33.23 -17.59
C ALA A 300 3.86 -34.15 -17.06
N ARG A 301 2.80 -33.56 -16.52
CA ARG A 301 1.61 -34.30 -16.10
C ARG A 301 0.98 -34.99 -17.31
N TRP A 302 0.90 -34.25 -18.41
CA TRP A 302 0.40 -34.77 -19.68
C TRP A 302 1.18 -36.01 -20.12
N VAL A 303 2.51 -35.95 -20.01
CA VAL A 303 3.35 -37.08 -20.38
C VAL A 303 3.10 -38.26 -19.45
N ALA A 304 3.11 -37.98 -18.14
CA ALA A 304 2.93 -39.02 -17.14
C ALA A 304 1.59 -39.73 -17.29
N LYS A 305 0.52 -38.96 -17.46
CA LYS A 305 -0.81 -39.55 -17.61
C LYS A 305 -0.95 -40.32 -18.92
N SER A 306 -0.30 -39.84 -19.98
CA SER A 306 -0.34 -40.52 -21.26
C SER A 306 0.33 -41.88 -21.18
N LEU A 307 1.41 -41.95 -20.40
CA LEU A 307 2.17 -43.18 -20.23
C LEU A 307 1.37 -44.24 -19.46
N VAL A 308 0.69 -43.82 -18.40
CA VAL A 308 -0.09 -44.74 -17.58
C VAL A 308 -1.34 -45.20 -18.31
N LYS A 309 -2.09 -44.26 -18.87
CA LYS A 309 -3.28 -44.58 -19.64
C LYS A 309 -2.92 -45.38 -20.90
N GLY A 310 -1.69 -45.21 -21.37
CA GLY A 310 -1.23 -45.92 -22.55
C GLY A 310 -0.86 -47.35 -22.23
N GLY A 311 -0.85 -47.69 -20.94
CA GLY A 311 -0.57 -49.06 -20.51
C GLY A 311 0.92 -49.36 -20.44
N LEU A 312 1.75 -48.32 -20.50
CA LEU A 312 3.19 -48.50 -20.50
C LEU A 312 3.74 -48.66 -19.08
N CYS A 313 2.99 -48.17 -18.10
CA CYS A 313 3.32 -48.35 -16.70
C CYS A 313 2.10 -48.08 -15.81
N ARG A 314 2.20 -48.43 -14.53
CA ARG A 314 1.09 -48.24 -13.59
C ARG A 314 1.27 -46.96 -12.81
N ARG A 315 2.51 -46.47 -12.81
CA ARG A 315 2.89 -45.37 -11.94
C ARG A 315 4.19 -44.78 -12.47
N VAL A 316 4.27 -43.46 -12.60
CA VAL A 316 5.44 -42.85 -13.23
C VAL A 316 5.69 -41.40 -12.80
N LEU A 317 6.97 -41.07 -12.67
CA LEU A 317 7.42 -39.72 -12.38
C LEU A 317 8.28 -39.17 -13.52
N VAL A 318 8.02 -37.93 -13.91
CA VAL A 318 8.77 -37.28 -14.97
C VAL A 318 9.38 -35.98 -14.49
N GLN A 319 10.71 -35.85 -14.56
CA GLN A 319 11.34 -34.57 -14.27
C GLN A 319 11.84 -33.89 -15.54
N VAL A 320 11.61 -32.59 -15.62
CA VAL A 320 12.15 -31.76 -16.69
CA VAL A 320 12.19 -31.77 -16.69
C VAL A 320 12.88 -30.58 -16.08
N SER A 321 13.96 -30.14 -16.71
CA SER A 321 14.70 -28.99 -16.20
C SER A 321 15.07 -28.07 -17.34
N TYR A 322 15.12 -26.78 -17.05
CA TYR A 322 15.42 -25.77 -18.06
C TYR A 322 16.53 -24.82 -17.62
N ALA A 323 17.09 -24.12 -18.60
CA ALA A 323 17.99 -23.02 -18.33
C ALA A 323 17.42 -21.80 -19.01
N ILE A 324 17.59 -20.63 -18.38
CA ILE A 324 16.98 -19.39 -18.85
C ILE A 324 17.37 -19.00 -20.28
N GLY A 325 18.44 -19.58 -20.80
CA GLY A 325 18.87 -19.26 -22.15
C GLY A 325 18.57 -20.32 -23.20
N VAL A 326 18.14 -21.50 -22.76
CA VAL A 326 17.97 -22.65 -23.65
C VAL A 326 16.51 -23.04 -23.91
N SER A 327 16.22 -23.36 -25.17
CA SER A 327 14.88 -23.76 -25.60
C SER A 327 14.55 -25.20 -25.22
N HIS A 328 15.40 -26.14 -25.64
CA HIS A 328 15.21 -27.55 -25.29
C HIS A 328 15.48 -27.76 -23.80
N PRO A 329 14.73 -28.68 -23.17
CA PRO A 329 14.99 -29.05 -21.78
C PRO A 329 16.44 -29.46 -21.54
N LEU A 330 16.98 -29.07 -20.39
CA LEU A 330 18.35 -29.42 -20.04
C LEU A 330 18.43 -30.93 -19.82
N SER A 331 17.37 -31.48 -19.23
CA SER A 331 17.29 -32.91 -18.99
C SER A 331 15.83 -33.35 -18.87
N ILE A 332 15.57 -34.57 -19.32
CA ILE A 332 14.29 -35.22 -19.10
C ILE A 332 14.58 -36.54 -18.41
N SER A 333 13.95 -36.78 -17.27
CA SER A 333 14.24 -37.96 -16.47
C SER A 333 12.95 -38.66 -16.08
N ILE A 334 12.96 -40.00 -16.12
CA ILE A 334 11.75 -40.78 -15.90
C ILE A 334 11.96 -41.89 -14.87
N PHE A 335 11.04 -41.96 -13.92
CA PHE A 335 11.05 -42.98 -12.88
C PHE A 335 9.71 -43.72 -12.93
N HIS A 336 9.73 -45.02 -13.25
CA HIS A 336 8.47 -45.75 -13.33
C HIS A 336 8.23 -46.66 -12.12
N TYR A 337 9.06 -46.50 -11.09
CA TYR A 337 8.89 -47.18 -9.80
C TYR A 337 8.92 -48.71 -9.92
N GLY A 338 9.33 -49.21 -11.08
CA GLY A 338 9.38 -50.64 -11.33
C GLY A 338 8.07 -51.21 -11.85
N THR A 339 7.17 -50.34 -12.29
CA THR A 339 5.83 -50.80 -12.70
C THR A 339 5.70 -50.98 -14.21
N SER A 340 6.84 -51.14 -14.88
CA SER A 340 6.82 -51.38 -16.31
C SER A 340 7.80 -52.47 -16.72
N GLN A 341 7.46 -53.20 -17.77
CA GLN A 341 8.38 -54.18 -18.35
C GLN A 341 9.43 -53.46 -19.19
N LYS A 342 9.11 -52.26 -19.63
CA LYS A 342 10.06 -51.43 -20.37
C LYS A 342 10.98 -50.69 -19.39
N SER A 343 12.23 -50.46 -19.80
CA SER A 343 13.15 -49.69 -18.96
C SER A 343 12.82 -48.21 -19.05
N GLU A 344 13.35 -47.43 -18.11
CA GLU A 344 13.15 -45.99 -18.12
C GLU A 344 13.85 -45.31 -19.29
N ARG A 345 14.96 -45.89 -19.73
CA ARG A 345 15.65 -45.41 -20.93
C ARG A 345 14.75 -45.57 -22.13
N GLU A 346 14.07 -46.71 -22.18
CA GLU A 346 13.13 -47.05 -23.25
C GLU A 346 11.92 -46.11 -23.24
N LEU A 347 11.38 -45.84 -22.06
CA LEU A 347 10.27 -44.90 -21.92
C LEU A 347 10.64 -43.49 -22.38
N LEU A 348 11.88 -43.10 -22.11
CA LEU A 348 12.37 -41.79 -22.50
C LEU A 348 12.40 -41.62 -24.01
N GLU A 349 12.81 -42.67 -24.71
CA GLU A 349 12.82 -42.67 -26.17
C GLU A 349 11.40 -42.53 -26.73
N ILE A 350 10.45 -43.19 -26.07
CA ILE A 350 9.05 -43.10 -26.46
C ILE A 350 8.51 -41.69 -26.25
N VAL A 351 8.87 -41.09 -25.11
CA VAL A 351 8.45 -39.73 -24.81
C VAL A 351 9.01 -38.74 -25.82
N LYS A 352 10.30 -38.89 -26.13
CA LYS A 352 10.96 -37.98 -27.06
C LYS A 352 10.37 -38.04 -28.47
N LYS A 353 9.88 -39.21 -28.89
CA LYS A 353 9.26 -39.30 -30.21
C LYS A 353 7.81 -38.80 -30.21
N ASN A 354 7.20 -38.71 -29.04
CA ASN A 354 5.79 -38.32 -28.97
C ASN A 354 5.56 -36.92 -28.41
N PHE A 355 6.56 -36.37 -27.73
CA PHE A 355 6.39 -35.07 -27.09
C PHE A 355 7.52 -34.09 -27.39
N ASP A 356 7.15 -32.83 -27.59
CA ASP A 356 8.13 -31.76 -27.75
C ASP A 356 7.96 -30.80 -26.58
N LEU A 357 8.88 -30.84 -25.64
CA LEU A 357 8.71 -30.13 -24.37
C LEU A 357 9.35 -28.75 -24.35
N ARG A 358 9.61 -28.20 -25.53
CA ARG A 358 10.01 -26.80 -25.61
C ARG A 358 8.79 -25.92 -25.32
N PRO A 359 8.98 -24.84 -24.55
CA PRO A 359 7.90 -23.96 -24.12
C PRO A 359 6.98 -23.53 -25.25
N GLY A 360 7.56 -23.12 -26.38
CA GLY A 360 6.78 -22.66 -27.52
C GLY A 360 5.91 -23.72 -28.18
N VAL A 361 6.26 -24.98 -27.96
CA VAL A 361 5.50 -26.08 -28.57
C VAL A 361 4.41 -26.58 -27.62
N ILE A 362 4.72 -26.59 -26.33
CA ILE A 362 3.75 -26.93 -25.30
C ILE A 362 2.48 -26.09 -25.41
N VAL A 363 2.66 -24.80 -25.68
CA VAL A 363 1.55 -23.87 -25.79
C VAL A 363 0.57 -24.25 -26.91
N ARG A 364 1.12 -24.69 -28.03
CA ARG A 364 0.31 -25.07 -29.17
C ARG A 364 -0.40 -26.40 -28.91
N ASP A 365 0.32 -27.33 -28.30
CA ASP A 365 -0.22 -28.66 -28.03
C ASP A 365 -1.33 -28.64 -26.98
N LEU A 366 -1.16 -27.80 -25.95
CA LEU A 366 -2.11 -27.78 -24.85
C LEU A 366 -3.02 -26.56 -24.87
N ASP A 367 -2.92 -25.77 -25.94
CA ASP A 367 -3.81 -24.63 -26.17
C ASP A 367 -3.84 -23.68 -24.97
N LEU A 368 -2.65 -23.27 -24.53
CA LEU A 368 -2.52 -22.58 -23.24
C LEU A 368 -2.78 -21.07 -23.30
N LYS A 369 -3.23 -20.57 -24.44
CA LYS A 369 -3.54 -19.15 -24.56
C LYS A 369 -5.00 -18.84 -24.25
N LYS A 370 -5.76 -19.90 -23.95
CA LYS A 370 -7.16 -19.76 -23.61
C LYS A 370 -7.31 -19.30 -22.16
N PRO A 371 -8.31 -18.45 -21.88
CA PRO A 371 -8.59 -18.03 -20.52
C PRO A 371 -9.22 -19.16 -19.70
N ILE A 372 -8.42 -20.15 -19.34
CA ILE A 372 -8.94 -21.33 -18.65
C ILE A 372 -8.40 -21.49 -17.23
N TYR A 373 -7.69 -20.49 -16.74
CA TYR A 373 -6.83 -20.73 -15.58
C TYR A 373 -7.47 -20.54 -14.20
N GLN A 374 -8.49 -19.68 -14.09
CA GLN A 374 -9.16 -19.49 -12.80
C GLN A 374 -9.77 -20.80 -12.27
N ARG A 375 -10.22 -21.65 -13.18
CA ARG A 375 -10.82 -22.92 -12.82
C ARG A 375 -9.83 -23.90 -12.18
N THR A 376 -8.53 -23.71 -12.45
CA THR A 376 -7.49 -24.57 -11.91
C THR A 376 -7.09 -24.18 -10.48
N ALA A 377 -7.44 -22.97 -10.09
CA ALA A 377 -6.90 -22.34 -8.88
C ALA A 377 -7.53 -22.85 -7.59
N ALA A 378 -8.54 -23.70 -7.72
CA ALA A 378 -9.11 -24.41 -6.58
C ALA A 378 -9.39 -25.85 -6.96
N TYR A 379 -9.26 -26.75 -5.98
CA TYR A 379 -9.56 -28.18 -6.14
C TYR A 379 -8.57 -28.92 -7.03
N GLY A 380 -7.38 -28.35 -7.21
CA GLY A 380 -6.30 -29.04 -7.87
C GLY A 380 -6.19 -28.80 -9.36
N HIS A 381 -4.96 -28.70 -9.85
CA HIS A 381 -4.71 -28.49 -11.27
C HIS A 381 -4.76 -29.79 -12.07
N PHE A 382 -4.68 -30.92 -11.37
CA PHE A 382 -4.59 -32.23 -12.03
C PHE A 382 -5.71 -33.16 -11.58
N GLY A 383 -6.15 -34.04 -12.49
CA GLY A 383 -7.14 -35.03 -12.16
C GLY A 383 -8.52 -34.71 -12.69
N ARG A 384 -8.65 -33.59 -13.38
CA ARG A 384 -9.94 -33.19 -13.94
C ARG A 384 -9.87 -33.16 -15.46
N ASP A 385 -10.69 -33.97 -16.13
CA ASP A 385 -10.48 -34.22 -17.56
C ASP A 385 -10.99 -33.11 -18.49
N SER A 386 -11.46 -32.00 -17.92
CA SER A 386 -11.86 -30.86 -18.73
C SER A 386 -10.62 -30.03 -19.13
N PHE A 387 -9.47 -30.37 -18.55
CA PHE A 387 -8.22 -29.67 -18.86
C PHE A 387 -7.46 -30.41 -19.94
N PRO A 388 -6.83 -29.68 -20.88
CA PRO A 388 -6.10 -30.27 -22.00
C PRO A 388 -4.98 -31.25 -21.59
N TRP A 389 -4.29 -30.96 -20.50
CA TRP A 389 -3.20 -31.82 -20.05
C TRP A 389 -3.72 -33.09 -19.35
N GLU A 390 -5.04 -33.23 -19.28
CA GLU A 390 -5.65 -34.41 -18.67
C GLU A 390 -6.24 -35.34 -19.71
N VAL A 391 -6.08 -34.96 -20.98
CA VAL A 391 -6.48 -35.82 -22.09
C VAL A 391 -5.25 -36.56 -22.62
N PRO A 392 -5.18 -37.86 -22.38
CA PRO A 392 -4.01 -38.65 -22.79
C PRO A 392 -3.76 -38.58 -24.29
N LYS A 393 -2.50 -38.33 -24.65
CA LYS A 393 -2.08 -38.42 -26.05
C LYS A 393 -1.88 -39.88 -26.43
N LYS A 394 -2.39 -40.28 -27.60
CA LYS A 394 -2.18 -41.62 -28.11
C LYS A 394 -0.73 -41.78 -28.54
N LEU A 395 -0.03 -42.72 -27.92
CA LEU A 395 1.40 -42.87 -28.14
C LEU A 395 1.73 -43.78 -29.30
N LYS A 396 2.72 -43.37 -30.10
CA LYS A 396 3.20 -44.18 -31.21
C LYS A 396 4.63 -44.65 -30.92
N TYR A 397 4.86 -45.95 -31.00
CA TYR A 397 6.17 -46.53 -30.72
C TYR A 397 6.30 -47.93 -31.29
N ALA B 13 -35.36 47.68 4.31
CA ALA B 13 -35.21 47.75 2.87
C ALA B 13 -33.89 48.44 2.50
N PHE B 14 -33.50 49.43 3.29
CA PHE B 14 -32.21 50.08 3.15
C PHE B 14 -31.14 49.24 3.84
N ILE B 15 -31.57 48.08 4.32
CA ILE B 15 -30.70 47.15 5.04
C ILE B 15 -29.70 46.51 4.08
N GLU B 16 -30.12 46.26 2.84
CA GLU B 16 -29.21 45.64 1.88
C GLU B 16 -28.16 46.64 1.40
N GLU B 17 -28.20 47.87 1.91
CA GLU B 17 -27.18 48.86 1.58
C GLU B 17 -26.08 48.95 2.63
N GLY B 18 -26.45 48.76 3.89
CA GLY B 18 -25.49 48.85 4.97
C GLY B 18 -24.97 47.54 5.52
N THR B 19 -25.53 46.43 5.04
CA THR B 19 -25.14 45.11 5.51
C THR B 19 -24.49 44.24 4.44
N PHE B 20 -23.79 43.18 4.87
CA PHE B 20 -23.31 42.19 3.92
C PHE B 20 -23.40 40.81 4.55
N LEU B 21 -23.50 39.80 3.69
CA LEU B 21 -23.53 38.43 4.14
C LEU B 21 -22.12 37.83 4.08
N PHE B 22 -21.81 36.98 5.04
CA PHE B 22 -20.57 36.21 4.96
C PHE B 22 -20.82 34.83 5.52
N THR B 23 -20.19 33.84 4.89
CA THR B 23 -20.43 32.43 5.21
C THR B 23 -19.15 31.71 5.64
N SER B 24 -19.25 30.91 6.70
CA SER B 24 -18.17 29.99 7.06
C SER B 24 -18.73 28.58 7.25
N GLU B 25 -17.87 27.57 7.10
CA GLU B 25 -18.31 26.20 7.28
C GLU B 25 -17.46 25.50 8.32
N SER B 26 -17.98 24.39 8.84
CA SER B 26 -17.22 23.50 9.70
C SER B 26 -17.63 22.06 9.40
N VAL B 27 -16.80 21.10 9.78
CA VAL B 27 -17.15 19.69 9.62
C VAL B 27 -16.97 18.93 10.93
N GLY B 28 -17.68 17.82 11.09
CA GLY B 28 -17.60 17.04 12.30
C GLY B 28 -16.38 16.13 12.36
N GLU B 29 -16.20 15.44 13.47
CA GLU B 29 -15.05 14.55 13.65
C GLU B 29 -15.06 13.40 12.64
N GLY B 30 -16.24 13.02 12.17
CA GLY B 30 -16.37 11.89 11.26
C GLY B 30 -16.11 12.19 9.80
N HIS B 31 -15.94 13.46 9.45
CA HIS B 31 -15.59 13.81 8.07
C HIS B 31 -14.21 13.24 7.73
N PRO B 32 -14.08 12.60 6.56
CA PRO B 32 -12.87 11.88 6.17
C PRO B 32 -11.60 12.72 6.27
N ASP B 33 -11.67 13.99 5.89
CA ASP B 33 -10.51 14.87 6.00
C ASP B 33 -10.15 15.10 7.47
N LYS B 34 -11.16 15.30 8.30
CA LYS B 34 -10.94 15.58 9.70
C LYS B 34 -10.53 14.33 10.47
N ILE B 35 -10.98 13.17 10.01
CA ILE B 35 -10.49 11.91 10.56
C ILE B 35 -8.97 11.86 10.44
N CYS B 36 -8.46 12.23 9.27
CA CYS B 36 -7.03 12.21 9.01
C CYS B 36 -6.26 13.19 9.89
N ASP B 37 -6.81 14.39 10.09
CA ASP B 37 -6.18 15.38 10.96
C ASP B 37 -6.08 14.85 12.40
N GLN B 38 -7.16 14.25 12.88
CA GLN B 38 -7.20 13.73 14.25
C GLN B 38 -6.22 12.58 14.45
N ILE B 39 -6.17 11.68 13.47
CA ILE B 39 -5.25 10.56 13.53
C ILE B 39 -3.81 11.06 13.52
N SER B 40 -3.50 11.96 12.59
CA SER B 40 -2.16 12.56 12.52
C SER B 40 -1.74 13.19 13.84
N ASP B 41 -2.66 13.88 14.50
CA ASP B 41 -2.33 14.54 15.76
C ASP B 41 -2.36 13.56 16.95
N ALA B 42 -3.14 12.50 16.83
CA ALA B 42 -3.09 11.42 17.81
C ALA B 42 -1.71 10.77 17.77
N VAL B 43 -1.17 10.62 16.58
CA VAL B 43 0.16 10.04 16.39
C VAL B 43 1.22 10.97 16.99
N LEU B 44 1.09 12.26 16.71
CA LEU B 44 1.98 13.26 17.29
C LEU B 44 1.96 13.24 18.81
N ASP B 45 0.76 13.21 19.39
CA ASP B 45 0.62 13.18 20.84
C ASP B 45 1.23 11.93 21.45
N ALA B 46 1.03 10.79 20.78
CA ALA B 46 1.58 9.53 21.28
C ALA B 46 3.09 9.63 21.45
N HIS B 47 3.75 10.25 20.49
CA HIS B 47 5.19 10.43 20.55
C HIS B 47 5.60 11.42 21.63
N LEU B 48 4.93 12.57 21.70
CA LEU B 48 5.27 13.61 22.67
C LEU B 48 5.06 13.15 24.12
N GLN B 49 4.14 12.22 24.33
CA GLN B 49 3.89 11.67 25.66
C GLN B 49 5.11 10.91 26.19
N GLN B 50 5.88 10.30 25.29
CA GLN B 50 7.06 9.54 25.66
C GLN B 50 8.35 10.33 25.41
N ASP B 51 8.34 11.12 24.34
CA ASP B 51 9.52 11.88 23.93
C ASP B 51 9.14 13.31 23.56
N PRO B 52 9.32 14.25 24.49
CA PRO B 52 8.95 15.66 24.28
C PRO B 52 9.68 16.31 23.11
N ASP B 53 10.82 15.75 22.71
CA ASP B 53 11.64 16.32 21.66
C ASP B 53 11.43 15.62 20.30
N ALA B 54 10.36 14.83 20.21
CA ALA B 54 10.08 14.08 18.98
C ALA B 54 9.83 14.98 17.78
N LYS B 55 10.39 14.59 16.64
CA LYS B 55 10.10 15.26 15.37
C LYS B 55 9.09 14.43 14.59
N VAL B 56 7.94 15.01 14.29
CA VAL B 56 6.87 14.27 13.63
C VAL B 56 6.32 14.99 12.42
N ALA B 57 6.23 14.28 11.30
CA ALA B 57 5.53 14.75 10.11
C ALA B 57 4.63 13.63 9.61
N CYS B 58 3.43 13.53 10.17
CA CYS B 58 2.55 12.40 9.88
C CYS B 58 1.38 12.79 8.99
N GLU B 59 1.38 12.30 7.76
CA GLU B 59 0.26 12.51 6.85
C GLU B 59 -0.62 11.27 6.88
N THR B 60 -1.93 11.46 6.94
CA THR B 60 -2.87 10.36 6.99
C THR B 60 -3.79 10.37 5.77
N VAL B 61 -4.03 9.19 5.23
CA VAL B 61 -4.97 9.01 4.13
C VAL B 61 -6.06 8.06 4.61
N ALA B 62 -7.32 8.45 4.44
CA ALA B 62 -8.43 7.60 4.84
C ALA B 62 -9.39 7.38 3.68
N LYS B 63 -9.62 6.12 3.35
CA LYS B 63 -10.54 5.76 2.29
C LYS B 63 -11.26 4.48 2.70
N THR B 64 -12.17 4.02 1.86
CA THR B 64 -12.98 2.83 2.13
C THR B 64 -12.18 1.68 2.76
N GLY B 65 -12.41 1.46 4.05
CA GLY B 65 -11.75 0.41 4.80
C GLY B 65 -10.23 0.44 4.80
N MET B 66 -9.65 1.64 4.92
CA MET B 66 -8.19 1.76 4.94
C MET B 66 -7.71 3.07 5.55
N ILE B 67 -6.74 2.94 6.46
CA ILE B 67 -6.02 4.10 7.00
C ILE B 67 -4.56 3.92 6.61
N LEU B 68 -3.98 4.93 5.96
CA LEU B 68 -2.56 4.89 5.63
C LEU B 68 -1.82 6.01 6.33
N LEU B 69 -0.71 5.66 6.98
CA LEU B 69 0.17 6.67 7.57
C LEU B 69 1.40 6.82 6.71
N ALA B 70 1.71 8.07 6.35
CA ALA B 70 2.88 8.35 5.54
C ALA B 70 3.60 9.57 6.10
N GLY B 71 4.92 9.52 6.12
CA GLY B 71 5.70 10.64 6.62
C GLY B 71 7.01 10.22 7.25
N GLU B 72 7.52 11.07 8.13
CA GLU B 72 8.83 10.85 8.73
C GLU B 72 8.80 11.16 10.22
N ILE B 73 9.49 10.34 11.02
CA ILE B 73 9.53 10.55 12.46
C ILE B 73 10.93 10.33 13.04
N THR B 74 11.36 11.28 13.86
CA THR B 74 12.59 11.13 14.63
C THR B 74 12.24 11.15 16.11
N SER B 75 12.25 9.99 16.74
CA SER B 75 11.74 9.87 18.10
C SER B 75 12.31 8.67 18.86
N ARG B 76 12.44 8.82 20.18
CA ARG B 76 12.85 7.72 21.04
C ARG B 76 11.65 6.90 21.48
N ALA B 77 10.45 7.37 21.14
CA ALA B 77 9.24 6.72 21.60
C ALA B 77 8.99 5.40 20.89
N ALA B 78 8.39 4.46 21.63
CA ALA B 78 7.88 3.23 21.04
C ALA B 78 6.36 3.33 20.93
N VAL B 79 5.88 3.58 19.71
CA VAL B 79 4.46 3.84 19.51
C VAL B 79 3.78 2.72 18.71
N ASP B 80 2.72 2.17 19.30
CA ASP B 80 1.88 1.19 18.60
C ASP B 80 0.92 1.92 17.68
N TYR B 81 1.28 2.03 16.40
CA TYR B 81 0.49 2.79 15.45
C TYR B 81 -0.89 2.17 15.19
N GLN B 82 -0.95 0.83 15.22
CA GLN B 82 -2.22 0.13 15.09
C GLN B 82 -3.17 0.58 16.18
N LYS B 83 -2.69 0.53 17.41
CA LYS B 83 -3.50 0.92 18.57
C LYS B 83 -3.88 2.39 18.52
N VAL B 84 -2.93 3.26 18.20
CA VAL B 84 -3.20 4.71 18.15
C VAL B 84 -4.29 5.02 17.13
N VAL B 85 -4.12 4.49 15.92
CA VAL B 85 -5.08 4.73 14.84
C VAL B 85 -6.47 4.17 15.16
N ARG B 86 -6.53 2.91 15.60
CA ARG B 86 -7.81 2.27 15.86
C ARG B 86 -8.54 2.90 17.05
N GLU B 87 -7.80 3.30 18.09
CA GLU B 87 -8.42 3.97 19.23
C GLU B 87 -8.96 5.36 18.85
N ALA B 88 -8.29 6.02 17.91
CA ALA B 88 -8.76 7.32 17.43
C ALA B 88 -10.06 7.16 16.65
N VAL B 89 -10.11 6.17 15.78
CA VAL B 89 -11.30 5.90 14.98
C VAL B 89 -12.44 5.45 15.88
N LYS B 90 -12.10 4.69 16.92
CA LYS B 90 -13.08 4.28 17.92
C LYS B 90 -13.68 5.50 18.64
N HIS B 91 -12.82 6.41 19.07
CA HIS B 91 -13.26 7.61 19.77
C HIS B 91 -14.17 8.47 18.89
N ILE B 92 -13.80 8.59 17.61
CA ILE B 92 -14.61 9.32 16.64
C ILE B 92 -16.00 8.70 16.53
N GLY B 93 -16.09 7.37 16.59
CA GLY B 93 -17.37 6.70 16.67
C GLY B 93 -17.66 5.66 15.62
N TYR B 94 -16.65 5.30 14.83
CA TYR B 94 -16.83 4.28 13.79
C TYR B 94 -16.48 2.89 14.32
N ASP B 95 -17.50 2.15 14.73
CA ASP B 95 -17.30 0.86 15.38
C ASP B 95 -18.15 -0.26 14.77
N ASP B 96 -18.61 -0.05 13.54
CA ASP B 96 -19.40 -1.08 12.86
C ASP B 96 -19.47 -0.81 11.36
N SER B 97 -19.54 -1.88 10.57
CA SER B 97 -19.58 -1.77 9.12
C SER B 97 -20.85 -1.08 8.63
N SER B 98 -21.91 -1.16 9.42
CA SER B 98 -23.19 -0.53 9.08
C SER B 98 -23.08 1.00 9.10
N LYS B 99 -22.03 1.51 9.74
CA LYS B 99 -21.78 2.95 9.78
C LYS B 99 -20.81 3.35 8.68
N GLY B 100 -20.32 2.36 7.94
CA GLY B 100 -19.41 2.61 6.84
C GLY B 100 -17.95 2.43 7.18
N PHE B 101 -17.66 2.22 8.45
CA PHE B 101 -16.29 2.09 8.92
C PHE B 101 -16.22 1.48 10.32
N ASP B 102 -15.25 0.59 10.53
CA ASP B 102 -15.11 -0.08 11.81
C ASP B 102 -13.64 -0.14 12.22
N TYR B 103 -13.32 0.44 13.37
CA TYR B 103 -11.95 0.43 13.86
C TYR B 103 -11.43 -0.98 14.10
N LYS B 104 -12.34 -1.93 14.33
CA LYS B 104 -11.94 -3.30 14.59
C LYS B 104 -11.44 -4.03 13.35
N THR B 105 -11.90 -3.62 12.18
CA THR B 105 -11.60 -4.38 10.97
C THR B 105 -10.94 -3.59 9.85
N CYS B 106 -10.74 -2.29 10.05
CA CYS B 106 -10.14 -1.47 9.01
C CYS B 106 -8.67 -1.82 8.83
N ASN B 107 -8.20 -1.74 7.60
CA ASN B 107 -6.80 -1.97 7.27
C ASN B 107 -5.95 -0.74 7.58
N VAL B 108 -4.92 -0.93 8.40
CA VAL B 108 -4.01 0.16 8.74
C VAL B 108 -2.63 -0.10 8.13
N LEU B 109 -2.24 0.74 7.18
CA LEU B 109 -0.95 0.59 6.53
C LEU B 109 -0.02 1.69 7.03
N VAL B 110 1.13 1.29 7.57
CA VAL B 110 2.06 2.27 8.12
C VAL B 110 3.30 2.40 7.25
N ALA B 111 3.47 3.59 6.69
CA ALA B 111 4.65 3.90 5.89
C ALA B 111 5.36 5.10 6.49
N LEU B 112 5.69 5.02 7.77
CA LEU B 112 6.40 6.09 8.46
C LEU B 112 7.87 5.72 8.59
N GLU B 113 8.72 6.58 8.02
CA GLU B 113 10.15 6.43 8.16
C GLU B 113 10.60 6.91 9.53
N GLN B 114 11.19 6.02 10.31
CA GLN B 114 11.64 6.41 11.63
C GLN B 114 13.17 6.40 11.68
N GLN B 115 13.73 7.56 12.01
CA GLN B 115 15.17 7.75 12.13
C GLN B 115 15.65 7.74 13.56
N SER B 116 16.96 7.79 13.73
CA SER B 116 17.57 7.77 15.04
C SER B 116 17.85 9.18 15.54
N PRO B 117 17.42 9.46 16.78
CA PRO B 117 17.62 10.73 17.48
C PRO B 117 19.04 10.84 18.02
N ASP B 136 11.96 27.64 9.82
CA ASP B 136 12.53 27.46 8.49
C ASP B 136 12.04 28.55 7.54
N GLN B 137 11.32 28.17 6.49
CA GLN B 137 10.68 29.15 5.62
C GLN B 137 9.15 29.06 5.71
N GLY B 138 8.45 30.08 5.22
CA GLY B 138 7.00 30.06 5.15
C GLY B 138 6.32 31.38 5.45
N LEU B 139 5.01 31.43 5.21
CA LEU B 139 4.25 32.64 5.54
C LEU B 139 2.98 32.21 6.27
N MET B 140 2.67 32.93 7.35
CA MET B 140 1.52 32.63 8.20
C MET B 140 0.77 33.89 8.59
N PHE B 141 -0.53 33.74 8.86
CA PHE B 141 -1.33 34.88 9.35
C PHE B 141 -1.95 34.58 10.70
N GLY B 142 -2.10 35.63 11.50
CA GLY B 142 -2.88 35.57 12.72
C GLY B 142 -4.00 36.58 12.60
N TYR B 143 -5.15 36.28 13.21
CA TYR B 143 -6.31 37.16 13.10
C TYR B 143 -7.12 37.17 14.39
N ALA B 144 -7.71 38.31 14.69
CA ALA B 144 -8.58 38.45 15.85
C ALA B 144 -9.61 39.54 15.58
N THR B 145 -10.79 39.38 16.18
CA THR B 145 -11.90 40.31 15.98
C THR B 145 -12.71 40.37 17.26
N ASP B 146 -13.14 41.57 17.65
CA ASP B 146 -13.79 41.73 18.96
C ASP B 146 -15.28 41.36 18.92
N GLU B 147 -15.73 40.75 17.84
CA GLU B 147 -17.16 40.50 17.65
C GLU B 147 -17.71 39.38 18.53
N THR B 148 -16.83 38.51 19.02
CA THR B 148 -17.21 37.51 20.02
C THR B 148 -16.24 37.56 21.19
N GLU B 149 -16.64 36.98 22.32
CA GLU B 149 -15.77 36.92 23.50
C GLU B 149 -14.48 36.12 23.24
N GLU B 150 -14.54 35.11 22.38
CA GLU B 150 -13.35 34.33 22.07
C GLU B 150 -12.50 34.98 20.98
N CYS B 151 -12.85 36.21 20.62
CA CYS B 151 -12.12 36.98 19.61
C CYS B 151 -12.08 36.34 18.24
N MET B 152 -13.16 35.67 17.87
CA MET B 152 -13.24 34.96 16.61
C MET B 152 -14.46 35.40 15.82
N PRO B 153 -14.43 35.21 14.49
CA PRO B 153 -15.63 35.52 13.71
C PRO B 153 -16.82 34.68 14.15
N LEU B 154 -18.00 35.29 14.22
CA LEU B 154 -19.19 34.59 14.68
C LEU B 154 -19.54 33.43 13.76
N THR B 155 -19.33 33.62 12.46
CA THR B 155 -19.66 32.60 11.47
C THR B 155 -18.98 31.26 11.76
N ILE B 156 -17.68 31.30 12.02
CA ILE B 156 -16.91 30.06 12.22
C ILE B 156 -17.10 29.51 13.63
N VAL B 157 -17.32 30.39 14.61
CA VAL B 157 -17.58 29.96 15.97
C VAL B 157 -18.87 29.14 16.04
N LEU B 158 -19.93 29.65 15.43
CA LEU B 158 -21.22 28.97 15.43
C LEU B 158 -21.15 27.67 14.63
N ALA B 159 -20.47 27.70 13.49
CA ALA B 159 -20.36 26.51 12.66
C ALA B 159 -19.67 25.39 13.41
N HIS B 160 -18.57 25.72 14.09
CA HIS B 160 -17.85 24.76 14.92
C HIS B 160 -18.75 24.21 16.04
N LYS B 161 -19.42 25.11 16.75
CA LYS B 161 -20.20 24.72 17.92
C LYS B 161 -21.40 23.87 17.54
N LEU B 162 -21.89 24.04 16.31
CA LEU B 162 -22.98 23.22 15.82
C LEU B 162 -22.53 21.76 15.70
N ASN B 163 -21.32 21.56 15.19
CA ASN B 163 -20.76 20.20 15.08
C ASN B 163 -20.43 19.60 16.44
N ALA B 164 -19.94 20.42 17.35
CA ALA B 164 -19.60 19.97 18.69
C ALA B 164 -20.86 19.53 19.43
N LYS B 165 -21.93 20.27 19.21
CA LYS B 165 -23.23 19.96 19.81
C LYS B 165 -23.74 18.63 19.28
N LEU B 166 -23.59 18.41 17.98
CA LEU B 166 -23.98 17.12 17.37
C LEU B 166 -23.25 15.96 18.03
N ALA B 167 -21.93 16.09 18.17
CA ALA B 167 -21.13 15.05 18.79
C ALA B 167 -21.51 14.85 20.25
N GLU B 168 -21.82 15.95 20.94
CA GLU B 168 -22.21 15.88 22.34
C GLU B 168 -23.52 15.12 22.52
N LEU B 169 -24.51 15.43 21.69
CA LEU B 169 -25.82 14.81 21.79
C LEU B 169 -25.78 13.37 21.27
N ARG B 170 -24.81 13.09 20.41
CA ARG B 170 -24.60 11.73 19.93
C ARG B 170 -24.02 10.86 21.06
N ARG B 171 -23.03 11.40 21.75
CA ARG B 171 -22.29 10.62 22.74
C ARG B 171 -23.03 10.42 24.06
N ASN B 172 -23.90 11.35 24.44
CA ASN B 172 -24.66 11.16 25.69
C ASN B 172 -26.03 10.52 25.44
N GLY B 173 -26.35 10.28 24.18
CA GLY B 173 -27.56 9.56 23.83
C GLY B 173 -28.82 10.39 23.64
N THR B 174 -28.69 11.71 23.66
CA THR B 174 -29.84 12.58 23.43
C THR B 174 -30.41 12.34 22.03
N LEU B 175 -29.51 12.28 21.05
CA LEU B 175 -29.90 11.91 19.69
C LEU B 175 -29.13 10.68 19.23
N PRO B 176 -29.59 9.48 19.64
CA PRO B 176 -28.87 8.22 19.41
C PRO B 176 -28.82 7.81 17.94
N TRP B 177 -29.61 8.45 17.09
CA TRP B 177 -29.61 8.12 15.67
C TRP B 177 -28.48 8.85 14.92
N LEU B 178 -27.79 9.75 15.61
CA LEU B 178 -26.67 10.47 15.01
C LEU B 178 -25.46 9.57 14.77
N ARG B 179 -24.72 9.86 13.70
CA ARG B 179 -23.49 9.17 13.37
C ARG B 179 -22.37 10.22 13.16
N PRO B 180 -21.09 9.81 13.19
CA PRO B 180 -19.97 10.76 13.30
C PRO B 180 -19.79 11.81 12.19
N ASP B 181 -20.16 11.52 10.95
CA ASP B 181 -19.88 12.44 9.85
C ASP B 181 -20.90 13.59 9.81
N SER B 182 -20.41 14.82 9.66
CA SER B 182 -21.30 15.98 9.57
C SER B 182 -20.62 17.21 8.95
N LYS B 183 -21.44 18.09 8.38
CA LYS B 183 -20.95 19.37 7.89
C LYS B 183 -21.95 20.46 8.27
N THR B 184 -21.44 21.62 8.67
CA THR B 184 -22.30 22.75 8.98
C THR B 184 -21.85 23.98 8.20
N GLN B 185 -22.78 24.86 7.92
CA GLN B 185 -22.48 26.08 7.20
C GLN B 185 -23.34 27.21 7.75
N VAL B 186 -22.70 28.31 8.14
CA VAL B 186 -23.41 29.41 8.78
C VAL B 186 -23.17 30.73 8.05
N THR B 187 -24.27 31.35 7.61
CA THR B 187 -24.21 32.65 6.96
C THR B 187 -24.73 33.74 7.90
N VAL B 188 -23.87 34.69 8.24
CA VAL B 188 -24.24 35.79 9.14
C VAL B 188 -24.35 37.09 8.37
N GLN B 189 -25.37 37.87 8.70
CA GLN B 189 -25.53 39.22 8.14
C GLN B 189 -24.78 40.23 9.02
N TYR B 190 -23.84 40.94 8.41
CA TYR B 190 -22.94 41.85 9.13
C TYR B 190 -23.13 43.30 8.77
N MET B 191 -22.70 44.19 9.66
CA MET B 191 -22.46 45.57 9.26
C MET B 191 -21.02 45.94 9.61
N GLN B 192 -20.46 46.90 8.88
CA GLN B 192 -19.10 47.36 9.14
C GLN B 192 -19.07 48.81 9.63
N ASP B 193 -18.24 49.09 10.63
CA ASP B 193 -18.10 50.44 11.16
C ASP B 193 -16.62 50.79 11.29
N ARG B 194 -16.10 51.52 10.31
CA ARG B 194 -14.68 51.88 10.23
C ARG B 194 -13.77 50.68 10.43
N GLY B 195 -14.03 49.60 9.70
CA GLY B 195 -13.19 48.42 9.77
C GLY B 195 -13.65 47.36 10.75
N ALA B 196 -14.38 47.77 11.79
CA ALA B 196 -14.91 46.78 12.73
C ALA B 196 -16.15 46.15 12.14
N VAL B 197 -16.33 44.85 12.39
CA VAL B 197 -17.51 44.15 11.89
C VAL B 197 -18.44 43.72 13.03
N LEU B 198 -19.73 43.95 12.80
CA LEU B 198 -20.76 43.73 13.80
C LEU B 198 -21.82 42.77 13.27
N PRO B 199 -21.88 41.56 13.84
CA PRO B 199 -22.90 40.60 13.38
C PRO B 199 -24.30 41.01 13.82
N ILE B 200 -25.23 41.06 12.88
CA ILE B 200 -26.60 41.47 13.17
C ILE B 200 -27.49 40.27 13.43
N ARG B 201 -27.46 39.30 12.52
CA ARG B 201 -28.33 38.14 12.59
C ARG B 201 -27.80 36.98 11.77
N VAL B 202 -28.29 35.79 12.09
CA VAL B 202 -27.98 34.62 11.28
C VAL B 202 -28.96 34.55 10.11
N HIS B 203 -28.40 34.55 8.91
CA HIS B 203 -29.19 34.58 7.68
C HIS B 203 -29.57 33.17 7.24
N THR B 204 -28.59 32.28 7.21
CA THR B 204 -28.82 30.90 6.75
C THR B 204 -27.97 29.91 7.55
N ILE B 205 -28.57 28.78 7.92
CA ILE B 205 -27.83 27.68 8.53
C ILE B 205 -28.05 26.39 7.74
N VAL B 206 -26.95 25.72 7.41
CA VAL B 206 -27.01 24.41 6.79
C VAL B 206 -26.43 23.38 7.74
N ILE B 207 -27.14 22.27 7.91
CA ILE B 207 -26.62 21.13 8.66
C ILE B 207 -26.90 19.83 7.93
N SER B 208 -25.82 19.12 7.61
CA SER B 208 -25.92 17.77 7.07
C SER B 208 -25.19 16.83 8.01
N VAL B 209 -25.86 15.77 8.46
CA VAL B 209 -25.22 14.87 9.39
C VAL B 209 -25.59 13.41 9.09
N GLN B 210 -24.61 12.53 9.25
CA GLN B 210 -24.80 11.10 9.06
C GLN B 210 -25.79 10.57 10.09
N HIS B 211 -26.57 9.57 9.72
CA HIS B 211 -27.62 9.05 10.60
C HIS B 211 -27.93 7.59 10.30
N ASP B 212 -28.65 6.92 11.20
CA ASP B 212 -28.97 5.51 10.97
C ASP B 212 -30.16 5.39 10.02
N GLU B 213 -30.53 4.15 9.70
CA GLU B 213 -31.55 3.89 8.69
C GLU B 213 -32.97 3.90 9.25
N GLU B 214 -33.10 4.11 10.56
CA GLU B 214 -34.42 4.03 11.20
C GLU B 214 -35.13 5.38 11.27
N VAL B 215 -34.42 6.40 11.74
CA VAL B 215 -35.02 7.71 11.97
C VAL B 215 -35.49 8.36 10.66
N CYS B 216 -36.62 9.05 10.72
CA CYS B 216 -37.20 9.69 9.55
C CYS B 216 -36.74 11.14 9.42
N LEU B 217 -36.90 11.71 8.22
CA LEU B 217 -36.40 13.05 7.92
C LEU B 217 -36.99 14.15 8.80
N ASP B 218 -38.31 14.11 8.97
CA ASP B 218 -39.00 15.13 9.76
C ASP B 218 -38.52 15.19 11.20
N GLU B 219 -38.34 14.01 11.81
CA GLU B 219 -37.83 13.93 13.17
C GLU B 219 -36.42 14.51 13.27
N MET B 220 -35.57 14.18 12.29
CA MET B 220 -34.22 14.72 12.26
C MET B 220 -34.21 16.25 12.11
N ARG B 221 -35.01 16.76 11.18
CA ARG B 221 -35.00 18.19 10.91
C ARG B 221 -35.53 18.99 12.10
N ASP B 222 -36.52 18.44 12.80
CA ASP B 222 -37.05 19.10 13.98
C ASP B 222 -36.03 19.08 15.11
N ALA B 223 -35.33 17.96 15.27
CA ALA B 223 -34.31 17.83 16.29
C ALA B 223 -33.13 18.77 16.03
N LEU B 224 -32.73 18.87 14.76
CA LEU B 224 -31.61 19.71 14.39
C LEU B 224 -31.88 21.19 14.68
N LYS B 225 -33.15 21.59 14.55
CA LYS B 225 -33.53 22.97 14.81
C LYS B 225 -33.70 23.26 16.29
N GLU B 226 -34.42 22.39 16.98
CA GLU B 226 -34.80 22.64 18.36
C GLU B 226 -33.73 22.24 19.38
N LYS B 227 -33.02 21.15 19.10
CA LYS B 227 -32.06 20.60 20.08
C LYS B 227 -30.60 20.91 19.75
N VAL B 228 -30.34 21.35 18.53
CA VAL B 228 -28.97 21.67 18.15
C VAL B 228 -28.79 23.18 17.92
N ILE B 229 -29.45 23.70 16.88
CA ILE B 229 -29.32 25.11 16.53
C ILE B 229 -29.74 26.06 17.65
N LYS B 230 -30.93 25.83 18.21
CA LYS B 230 -31.44 26.71 19.26
C LYS B 230 -30.69 26.55 20.57
N ALA B 231 -29.94 25.47 20.70
CA ALA B 231 -29.14 25.25 21.89
C ALA B 231 -27.74 25.85 21.73
N VAL B 232 -27.42 26.28 20.52
CA VAL B 232 -26.09 26.81 20.23
C VAL B 232 -26.10 28.29 19.87
N VAL B 233 -26.98 28.68 18.95
CA VAL B 233 -27.04 30.06 18.49
C VAL B 233 -27.87 30.90 19.43
N PRO B 234 -27.29 31.99 19.96
CA PRO B 234 -28.02 32.93 20.80
C PRO B 234 -29.32 33.38 20.12
N ALA B 235 -30.42 33.38 20.86
CA ALA B 235 -31.73 33.68 20.31
C ALA B 235 -31.82 35.03 19.59
N LYS B 236 -31.02 36.00 20.05
CA LYS B 236 -31.05 37.33 19.48
C LYS B 236 -30.59 37.36 18.02
N TYR B 237 -29.87 36.31 17.61
CA TYR B 237 -29.37 36.20 16.24
C TYR B 237 -30.33 35.44 15.33
N LEU B 238 -31.34 34.82 15.92
CA LEU B 238 -32.32 34.03 15.17
C LEU B 238 -33.67 34.72 15.06
N ASP B 239 -34.28 34.67 13.89
CA ASP B 239 -35.66 35.14 13.72
C ASP B 239 -36.40 34.29 12.69
N GLU B 240 -37.63 34.68 12.35
CA GLU B 240 -38.46 33.88 11.46
C GLU B 240 -38.04 33.97 9.98
N ASP B 241 -37.10 34.86 9.67
CA ASP B 241 -36.64 35.00 8.30
C ASP B 241 -35.41 34.13 8.08
N THR B 242 -34.82 33.68 9.19
CA THR B 242 -33.65 32.80 9.14
C THR B 242 -33.94 31.57 8.31
N ILE B 243 -33.07 31.29 7.35
CA ILE B 243 -33.27 30.18 6.43
C ILE B 243 -32.55 28.92 6.92
N TYR B 244 -33.30 27.82 6.97
CA TYR B 244 -32.75 26.54 7.43
C TYR B 244 -32.70 25.51 6.32
N HIS B 245 -31.50 24.99 6.06
CA HIS B 245 -31.32 23.85 5.17
C HIS B 245 -30.84 22.66 6.00
N LEU B 246 -31.79 21.90 6.55
CA LEU B 246 -31.48 20.79 7.44
C LEU B 246 -31.64 19.46 6.71
N GLN B 247 -30.57 18.67 6.68
CA GLN B 247 -30.50 17.48 5.83
C GLN B 247 -30.97 17.78 4.40
N PRO B 248 -30.33 18.75 3.73
CA PRO B 248 -30.83 19.20 2.43
C PRO B 248 -30.73 18.16 1.32
N SER B 249 -29.80 17.23 1.43
CA SER B 249 -29.67 16.18 0.42
C SER B 249 -30.58 15.00 0.74
N GLY B 250 -31.13 15.00 1.95
CA GLY B 250 -32.00 13.91 2.39
C GLY B 250 -31.22 12.85 3.15
N ARG B 251 -31.32 11.62 2.68
CA ARG B 251 -30.69 10.46 3.33
C ARG B 251 -29.17 10.55 3.38
N PHE B 252 -28.62 10.34 4.57
CA PHE B 252 -27.18 10.39 4.80
C PHE B 252 -26.82 9.25 5.76
N VAL B 253 -26.88 8.02 5.26
CA VAL B 253 -26.68 6.84 6.11
C VAL B 253 -25.22 6.40 6.13
N ILE B 254 -24.58 6.40 4.96
CA ILE B 254 -23.18 6.04 4.89
C ILE B 254 -22.32 7.29 4.81
N GLY B 255 -21.45 7.47 5.80
CA GLY B 255 -20.53 8.60 5.83
C GLY B 255 -19.13 8.09 6.10
N GLY B 256 -18.24 8.99 6.50
CA GLY B 256 -16.86 8.64 6.75
C GLY B 256 -16.11 8.31 5.47
N PRO B 257 -14.99 7.57 5.60
CA PRO B 257 -14.13 7.22 4.47
C PRO B 257 -14.85 6.37 3.42
N ASP B 260 -14.17 8.77 -2.24
CA ASP B 260 -13.45 10.01 -1.99
C ASP B 260 -12.59 9.91 -0.73
N ALA B 261 -11.28 9.89 -0.93
CA ALA B 261 -10.35 9.74 0.18
C ALA B 261 -10.23 11.02 1.00
N GLY B 262 -10.05 10.86 2.31
CA GLY B 262 -9.68 11.98 3.15
C GLY B 262 -8.17 12.09 3.23
N LEU B 263 -7.68 13.31 3.42
CA LEU B 263 -6.26 13.56 3.58
C LEU B 263 -6.04 14.54 4.71
N THR B 264 -4.91 14.41 5.41
CA THR B 264 -4.52 15.41 6.41
C THR B 264 -4.31 16.75 5.73
N GLY B 265 -4.77 17.82 6.39
CA GLY B 265 -4.49 19.17 5.95
C GLY B 265 -5.34 19.67 4.79
N ARG B 266 -6.57 19.18 4.71
CA ARG B 266 -7.46 19.57 3.62
C ARG B 266 -8.65 20.37 4.13
N LYS B 267 -8.56 20.80 5.39
CA LYS B 267 -9.59 21.62 6.02
C LYS B 267 -8.97 22.81 6.76
N ILE B 268 -8.01 23.48 6.12
CA ILE B 268 -7.20 24.48 6.82
C ILE B 268 -7.95 25.79 7.09
N ILE B 269 -9.03 26.03 6.35
CA ILE B 269 -9.82 27.23 6.57
C ILE B 269 -10.82 26.95 7.69
N VAL B 270 -11.34 25.73 7.72
CA VAL B 270 -12.15 25.27 8.85
C VAL B 270 -11.31 25.33 10.13
N ASP B 271 -10.04 24.95 10.01
CA ASP B 271 -9.13 24.90 11.15
C ASP B 271 -8.81 26.27 11.73
N THR B 272 -8.98 27.31 10.93
CA THR B 272 -8.52 28.63 11.32
C THR B 272 -9.67 29.63 11.50
N TYR B 273 -9.92 30.47 10.51
CA TYR B 273 -10.83 31.60 10.72
C TYR B 273 -12.08 31.59 9.85
N GLY B 274 -12.31 30.47 9.16
CA GLY B 274 -13.51 30.33 8.35
C GLY B 274 -13.60 31.30 7.19
N GLY B 275 -12.45 31.74 6.69
CA GLY B 275 -12.42 32.62 5.54
C GLY B 275 -12.09 34.06 5.89
N TRP B 276 -12.15 34.39 7.17
CA TRP B 276 -11.79 35.73 7.62
C TRP B 276 -10.28 35.87 7.72
N GLY B 277 -9.81 37.11 7.84
CA GLY B 277 -8.39 37.38 7.95
C GLY B 277 -7.67 37.02 6.66
N ALA B 278 -6.77 36.04 6.76
CA ALA B 278 -6.03 35.55 5.61
C ALA B 278 -5.37 34.22 5.96
N HIS B 279 -4.94 33.48 4.96
CA HIS B 279 -4.25 32.21 5.20
C HIS B 279 -3.03 32.04 4.31
N GLY B 280 -1.93 31.54 4.87
CA GLY B 280 -0.70 31.34 4.13
C GLY B 280 -0.59 29.99 3.43
N GLY B 281 -1.50 29.07 3.76
CA GLY B 281 -1.56 27.81 3.04
C GLY B 281 -1.07 26.59 3.79
N GLY B 282 -0.41 26.81 4.93
CA GLY B 282 0.17 25.72 5.69
C GLY B 282 -0.83 24.97 6.56
N ALA B 283 -0.77 23.65 6.53
CA ALA B 283 -1.62 22.80 7.37
C ALA B 283 -1.01 22.63 8.76
N PHE B 284 -1.85 22.38 9.75
CA PHE B 284 -1.39 22.23 11.13
C PHE B 284 -1.12 20.78 11.54
N SER B 285 -2.09 19.90 11.32
CA SER B 285 -2.06 18.57 11.95
C SER B 285 -0.94 17.66 11.43
N GLY B 286 -0.41 16.83 12.33
CA GLY B 286 0.65 15.92 11.97
C GLY B 286 2.02 16.58 12.02
N LYS B 287 2.05 17.85 12.41
CA LYS B 287 3.31 18.59 12.48
C LYS B 287 3.66 18.97 13.91
N ASP B 288 4.89 18.68 14.32
CA ASP B 288 5.34 19.07 15.65
C ASP B 288 5.67 20.56 15.67
N TYR B 289 6.10 21.03 16.83
CA TYR B 289 6.32 22.46 17.07
C TYR B 289 7.48 23.08 16.28
N THR B 290 8.39 22.26 15.76
CA THR B 290 9.52 22.80 15.00
C THR B 290 9.11 23.22 13.59
N LYS B 291 7.88 22.90 13.20
CA LYS B 291 7.33 23.33 11.93
C LYS B 291 6.64 24.69 12.08
N VAL B 292 7.22 25.73 11.47
CA VAL B 292 6.68 27.08 11.62
C VAL B 292 5.27 27.23 11.06
N ASP B 293 4.89 26.35 10.14
CA ASP B 293 3.51 26.30 9.66
C ASP B 293 2.52 26.26 10.81
N ARG B 294 2.90 25.55 11.87
CA ARG B 294 2.02 25.40 13.02
C ARG B 294 2.36 26.39 14.13
N SER B 295 3.60 26.33 14.62
CA SER B 295 3.99 27.13 15.79
C SER B 295 3.87 28.64 15.56
N ALA B 296 4.24 29.11 14.36
CA ALA B 296 4.21 30.55 14.08
C ALA B 296 2.78 31.03 13.82
N ALA B 297 1.94 30.15 13.28
CA ALA B 297 0.54 30.48 13.09
C ALA B 297 -0.15 30.59 14.44
N TYR B 298 0.22 29.71 15.37
CA TYR B 298 -0.30 29.77 16.73
C TYR B 298 0.17 31.07 17.40
N ALA B 299 1.45 31.38 17.24
CA ALA B 299 2.02 32.59 17.83
C ALA B 299 1.38 33.84 17.22
N ALA B 300 1.12 33.82 15.92
CA ALA B 300 0.51 34.95 15.24
C ALA B 300 -0.91 35.20 15.73
N ARG B 301 -1.65 34.11 15.99
CA ARG B 301 -2.97 34.19 16.61
C ARG B 301 -2.86 34.80 18.01
N TRP B 302 -1.88 34.32 18.77
CA TRP B 302 -1.57 34.83 20.10
C TRP B 302 -1.34 36.35 20.09
N VAL B 303 -0.56 36.81 19.12
CA VAL B 303 -0.27 38.24 18.98
C VAL B 303 -1.53 39.03 18.67
N ALA B 304 -2.28 38.57 17.68
CA ALA B 304 -3.50 39.25 17.25
C ALA B 304 -4.51 39.35 18.38
N LYS B 305 -4.74 38.24 19.08
CA LYS B 305 -5.69 38.23 20.18
C LYS B 305 -5.22 39.13 21.32
N SER B 306 -3.90 39.18 21.53
CA SER B 306 -3.34 40.03 22.57
C SER B 306 -3.59 41.51 22.26
N LEU B 307 -3.50 41.86 20.99
CA LEU B 307 -3.72 43.23 20.55
C LEU B 307 -5.16 43.66 20.76
N VAL B 308 -6.09 42.77 20.41
CA VAL B 308 -7.51 43.07 20.53
C VAL B 308 -7.96 43.07 21.99
N LYS B 309 -7.61 42.03 22.74
CA LYS B 309 -7.97 41.96 24.15
C LYS B 309 -7.29 43.07 24.96
N GLY B 310 -6.16 43.55 24.45
CA GLY B 310 -5.43 44.61 25.11
C GLY B 310 -6.06 45.97 24.86
N GLY B 311 -7.06 46.01 23.98
CA GLY B 311 -7.78 47.23 23.70
C GLY B 311 -7.07 48.12 22.69
N LEU B 312 -6.08 47.58 21.99
CA LEU B 312 -5.31 48.36 21.04
C LEU B 312 -6.01 48.48 19.68
N CYS B 313 -6.90 47.54 19.39
CA CYS B 313 -7.72 47.60 18.19
C CYS B 313 -8.93 46.67 18.33
N ARG B 314 -9.87 46.76 17.40
CA ARG B 314 -11.07 45.93 17.46
C ARG B 314 -10.93 44.72 16.56
N ARG B 315 -9.99 44.80 15.63
CA ARG B 315 -9.85 43.82 14.57
C ARG B 315 -8.46 43.97 13.97
N VAL B 316 -7.74 42.85 13.78
CA VAL B 316 -6.37 42.95 13.32
C VAL B 316 -5.89 41.69 12.59
N LEU B 317 -5.09 41.92 11.55
CA LEU B 317 -4.45 40.86 10.80
C LEU B 317 -2.94 40.99 10.95
N VAL B 318 -2.28 39.87 11.24
CA VAL B 318 -0.83 39.86 11.40
C VAL B 318 -0.21 38.85 10.46
N GLN B 319 0.66 39.31 9.56
CA GLN B 319 1.38 38.38 8.72
C GLN B 319 2.81 38.22 9.23
N VAL B 320 3.26 36.99 9.26
CA VAL B 320 4.63 36.65 9.63
CA VAL B 320 4.64 36.69 9.61
C VAL B 320 5.23 35.78 8.52
N SER B 321 6.48 36.05 8.16
CA SER B 321 7.12 35.24 7.15
C SER B 321 8.53 34.89 7.58
N TYR B 322 8.99 33.71 7.18
CA TYR B 322 10.32 33.27 7.55
C TYR B 322 11.09 32.87 6.31
N ALA B 323 12.41 32.99 6.37
CA ALA B 323 13.31 32.49 5.33
C ALA B 323 14.50 31.76 5.92
N ILE B 324 15.03 30.81 5.16
CA ILE B 324 16.19 30.03 5.60
C ILE B 324 17.36 30.97 5.91
N GLY B 325 18.04 30.71 7.02
CA GLY B 325 19.20 31.48 7.43
C GLY B 325 18.91 32.58 8.43
N VAL B 326 17.63 32.94 8.57
CA VAL B 326 17.26 33.98 9.52
C VAL B 326 16.39 33.34 10.61
N SER B 327 16.70 33.62 11.87
CA SER B 327 15.94 33.04 12.98
C SER B 327 14.65 33.80 13.20
N HIS B 328 14.77 35.11 13.35
CA HIS B 328 13.61 36.01 13.47
C HIS B 328 12.89 36.04 12.13
N PRO B 329 11.58 36.30 12.17
CA PRO B 329 10.81 36.45 10.92
C PRO B 329 11.48 37.43 9.96
N LEU B 330 11.42 37.17 8.66
CA LEU B 330 11.94 38.16 7.70
C LEU B 330 11.12 39.42 7.78
N SER B 331 9.84 39.26 8.02
CA SER B 331 8.96 40.42 8.12
C SER B 331 7.75 40.12 8.98
N ILE B 332 7.31 41.16 9.68
CA ILE B 332 6.06 41.17 10.38
C ILE B 332 5.25 42.34 9.85
N SER B 333 4.04 42.07 9.41
CA SER B 333 3.21 43.10 8.79
C SER B 333 1.86 43.09 9.47
N ILE B 334 1.31 44.28 9.73
CA ILE B 334 0.09 44.39 10.52
C ILE B 334 -0.97 45.26 9.87
N PHE B 335 -2.19 44.75 9.81
CA PHE B 335 -3.34 45.45 9.25
C PHE B 335 -4.43 45.52 10.31
N HIS B 336 -4.79 46.73 10.75
CA HIS B 336 -5.83 46.85 11.77
C HIS B 336 -7.17 47.30 11.19
N TYR B 337 -7.25 47.32 9.85
CA TYR B 337 -8.50 47.61 9.14
C TYR B 337 -9.07 48.99 9.46
N GLY B 338 -8.29 49.83 10.12
CA GLY B 338 -8.73 51.14 10.55
C GLY B 338 -9.38 51.13 11.91
N THR B 339 -9.20 50.05 12.67
CA THR B 339 -9.88 49.89 13.95
C THR B 339 -9.02 50.28 15.14
N SER B 340 -7.98 51.05 14.88
CA SER B 340 -7.14 51.58 15.94
C SER B 340 -6.81 53.03 15.67
N GLN B 341 -6.66 53.80 16.74
CA GLN B 341 -6.19 55.19 16.62
C GLN B 341 -4.68 55.21 16.44
N LYS B 342 -4.03 54.11 16.81
CA LYS B 342 -2.60 53.95 16.58
C LYS B 342 -2.34 53.50 15.15
N SER B 343 -1.20 53.89 14.60
CA SER B 343 -0.85 53.44 13.27
C SER B 343 -0.37 51.99 13.35
N GLU B 344 -0.38 51.31 12.22
CA GLU B 344 0.11 49.93 12.16
C GLU B 344 1.61 49.88 12.43
N ARG B 345 2.32 50.95 12.08
CA ARG B 345 3.74 51.05 12.40
C ARG B 345 3.94 51.05 13.91
N GLU B 346 3.09 51.78 14.63
CA GLU B 346 3.16 51.81 16.09
C GLU B 346 2.79 50.45 16.69
N LEU B 347 1.76 49.82 16.13
CA LEU B 347 1.37 48.48 16.59
C LEU B 347 2.51 47.49 16.39
N LEU B 348 3.26 47.62 15.30
CA LEU B 348 4.39 46.74 15.04
C LEU B 348 5.48 46.89 16.09
N GLU B 349 5.76 48.13 16.48
CA GLU B 349 6.74 48.40 17.53
C GLU B 349 6.30 47.82 18.87
N ILE B 350 5.00 47.89 19.15
CA ILE B 350 4.47 47.29 20.37
C ILE B 350 4.64 45.76 20.33
N VAL B 351 4.37 45.17 19.18
CA VAL B 351 4.53 43.73 19.01
C VAL B 351 5.99 43.32 19.19
N LYS B 352 6.90 44.05 18.54
CA LYS B 352 8.32 43.76 18.61
C LYS B 352 8.88 43.88 20.02
N LYS B 353 8.32 44.79 20.82
CA LYS B 353 8.77 44.98 22.19
C LYS B 353 8.21 43.92 23.14
N ASN B 354 7.11 43.29 22.75
CA ASN B 354 6.44 42.35 23.64
C ASN B 354 6.55 40.89 23.25
N PHE B 355 6.95 40.62 22.00
CA PHE B 355 7.00 39.26 21.50
C PHE B 355 8.34 38.90 20.86
N ASP B 356 8.77 37.65 21.11
CA ASP B 356 9.94 37.08 20.48
C ASP B 356 9.45 35.93 19.62
N LEU B 357 9.43 36.14 18.31
CA LEU B 357 8.78 35.20 17.40
C LEU B 357 9.76 34.22 16.77
N ARG B 358 10.92 34.03 17.40
CA ARG B 358 11.79 32.95 16.97
C ARG B 358 11.12 31.66 17.39
N PRO B 359 11.11 30.66 16.50
CA PRO B 359 10.44 29.38 16.75
C PRO B 359 10.82 28.77 18.10
N GLY B 360 12.09 28.80 18.44
CA GLY B 360 12.56 28.22 19.69
C GLY B 360 12.03 28.91 20.94
N VAL B 361 11.62 30.17 20.80
CA VAL B 361 11.11 30.91 21.94
C VAL B 361 9.59 30.72 22.03
N ILE B 362 8.95 30.68 20.88
CA ILE B 362 7.53 30.37 20.79
C ILE B 362 7.18 29.04 21.48
N VAL B 363 8.01 28.02 21.25
CA VAL B 363 7.78 26.71 21.84
C VAL B 363 7.78 26.78 23.37
N ARG B 364 8.71 27.57 23.91
CA ARG B 364 8.83 27.71 25.35
C ARG B 364 7.69 28.55 25.93
N ASP B 365 7.33 29.64 25.24
CA ASP B 365 6.26 30.52 25.72
C ASP B 365 4.89 29.86 25.67
N LEU B 366 4.65 29.05 24.64
CA LEU B 366 3.33 28.46 24.43
C LEU B 366 3.31 26.98 24.83
N ASP B 367 4.41 26.52 25.43
CA ASP B 367 4.51 25.17 26.00
C ASP B 367 4.10 24.11 24.99
N LEU B 368 4.69 24.18 23.80
CA LEU B 368 4.22 23.41 22.66
C LEU B 368 4.76 21.97 22.60
N LYS B 369 5.45 21.53 23.65
CA LYS B 369 5.92 20.14 23.68
C LYS B 369 4.91 19.25 24.38
N LYS B 370 3.81 19.82 24.85
CA LYS B 370 2.78 19.04 25.51
C LYS B 370 1.92 18.31 24.48
N PRO B 371 1.54 17.05 24.78
CA PRO B 371 0.65 16.29 23.90
C PRO B 371 -0.79 16.77 23.94
N ILE B 372 -1.05 17.96 23.38
CA ILE B 372 -2.39 18.54 23.43
C ILE B 372 -2.98 18.69 22.03
N TYR B 373 -2.34 18.10 21.03
CA TYR B 373 -2.63 18.48 19.65
C TYR B 373 -3.83 17.77 19.05
N GLN B 374 -4.14 16.57 19.52
CA GLN B 374 -5.32 15.88 19.01
C GLN B 374 -6.60 16.70 19.26
N ARG B 375 -6.61 17.43 20.37
CA ARG B 375 -7.75 18.27 20.72
C ARG B 375 -7.98 19.42 19.74
N THR B 376 -6.91 19.82 19.04
CA THR B 376 -7.00 20.94 18.11
C THR B 376 -7.54 20.50 16.75
N ALA B 377 -7.51 19.20 16.50
CA ALA B 377 -7.72 18.66 15.16
C ALA B 377 -9.20 18.61 14.77
N ALA B 378 -10.06 18.94 15.71
CA ALA B 378 -11.48 19.11 15.39
C ALA B 378 -12.03 20.33 16.13
N TYR B 379 -12.98 21.02 15.50
CA TYR B 379 -13.69 22.19 16.05
C TYR B 379 -12.82 23.44 16.13
N GLY B 380 -11.74 23.48 15.35
CA GLY B 380 -10.94 24.68 15.21
C GLY B 380 -9.77 24.80 16.16
N HIS B 381 -8.65 25.31 15.65
CA HIS B 381 -7.44 25.49 16.45
C HIS B 381 -7.49 26.79 17.26
N PHE B 382 -8.40 27.68 16.90
CA PHE B 382 -8.45 29.01 17.54
C PHE B 382 -9.82 29.30 18.15
N GLY B 383 -9.82 30.03 19.27
CA GLY B 383 -11.06 30.45 19.91
C GLY B 383 -11.43 29.70 21.19
N ARG B 384 -10.61 28.75 21.59
CA ARG B 384 -10.87 28.00 22.83
C ARG B 384 -9.76 28.28 23.84
N ASP B 385 -10.12 28.81 25.00
CA ASP B 385 -9.14 29.38 25.92
C ASP B 385 -8.36 28.34 26.72
N SER B 386 -8.58 27.07 26.46
CA SER B 386 -7.79 26.02 27.09
C SER B 386 -6.43 25.88 26.40
N PHE B 387 -6.26 26.54 25.27
CA PHE B 387 -5.00 26.52 24.52
C PHE B 387 -4.13 27.72 24.89
N PRO B 388 -2.81 27.49 25.02
CA PRO B 388 -1.87 28.55 25.44
C PRO B 388 -1.90 29.79 24.54
N TRP B 389 -2.08 29.62 23.24
CA TRP B 389 -2.09 30.76 22.33
C TRP B 389 -3.40 31.55 22.39
N GLU B 390 -4.32 31.12 23.23
CA GLU B 390 -5.59 31.81 23.40
C GLU B 390 -5.65 32.59 24.71
N VAL B 391 -4.55 32.54 25.45
CA VAL B 391 -4.43 33.36 26.66
C VAL B 391 -3.65 34.62 26.31
N PRO B 392 -4.34 35.77 26.28
CA PRO B 392 -3.73 37.04 25.90
C PRO B 392 -2.52 37.40 26.76
N LYS B 393 -1.44 37.83 26.13
CA LYS B 393 -0.31 38.40 26.85
C LYS B 393 -0.61 39.83 27.25
N LYS B 394 -0.32 40.18 28.50
CA LYS B 394 -0.46 41.55 28.96
C LYS B 394 0.64 42.40 28.34
N LEU B 395 0.25 43.40 27.55
CA LEU B 395 1.23 44.19 26.79
C LEU B 395 1.76 45.39 27.55
N LYS B 396 3.07 45.63 27.41
CA LYS B 396 3.72 46.78 27.99
C LYS B 396 4.18 47.70 26.87
N TYR B 397 3.79 48.98 26.96
CA TYR B 397 4.14 49.96 25.93
C TYR B 397 3.96 51.37 26.46
N GLU C 16 24.45 -48.16 -19.57
CA GLU C 16 23.96 -47.30 -18.50
C GLU C 16 22.44 -47.35 -18.43
N GLU C 17 21.91 -48.51 -18.10
CA GLU C 17 20.46 -48.70 -17.94
C GLU C 17 20.09 -48.38 -16.50
N GLY C 18 21.10 -48.43 -15.63
CA GLY C 18 20.92 -48.19 -14.22
C GLY C 18 21.19 -46.76 -13.78
N THR C 19 21.55 -45.89 -14.72
CA THR C 19 21.88 -44.53 -14.30
C THR C 19 20.75 -43.58 -14.66
N PHE C 20 20.66 -42.50 -13.90
CA PHE C 20 19.68 -41.45 -14.18
C PHE C 20 20.22 -40.08 -13.80
N LEU C 21 19.68 -39.05 -14.43
CA LEU C 21 20.04 -37.68 -14.09
C LEU C 21 19.02 -37.14 -13.11
N PHE C 22 19.46 -36.29 -12.19
CA PHE C 22 18.52 -35.56 -11.35
C PHE C 22 19.05 -34.16 -11.11
N THR C 23 18.14 -33.19 -11.07
CA THR C 23 18.51 -31.78 -10.99
C THR C 23 17.91 -31.11 -9.76
N SER C 24 18.72 -30.31 -9.06
CA SER C 24 18.22 -29.44 -8.00
C SER C 24 18.73 -28.02 -8.22
N GLU C 25 18.01 -27.04 -7.66
CA GLU C 25 18.41 -25.64 -7.80
C GLU C 25 18.53 -24.95 -6.44
N SER C 26 19.24 -23.84 -6.42
CA SER C 26 19.28 -22.98 -5.25
C SER C 26 19.32 -21.53 -5.72
N VAL C 27 18.96 -20.60 -4.83
CA VAL C 27 19.07 -19.18 -5.16
C VAL C 27 19.81 -18.44 -4.04
N GLY C 28 20.41 -17.31 -4.40
CA GLY C 28 21.19 -16.54 -3.44
C GLY C 28 20.34 -15.67 -2.55
N GLU C 29 20.99 -14.98 -1.61
CA GLU C 29 20.30 -14.11 -0.66
C GLU C 29 19.57 -12.96 -1.36
N GLY C 30 20.09 -12.55 -2.50
CA GLY C 30 19.55 -11.41 -3.23
C GLY C 30 18.35 -11.71 -4.11
N HIS C 31 18.02 -13.00 -4.24
CA HIS C 31 16.83 -13.38 -5.00
C HIS C 31 15.59 -12.86 -4.27
N PRO C 32 14.67 -12.23 -5.01
CA PRO C 32 13.52 -11.53 -4.40
C PRO C 32 12.71 -12.38 -3.42
N ASP C 33 12.49 -13.66 -3.74
CA ASP C 33 11.79 -14.55 -2.83
C ASP C 33 12.57 -14.79 -1.55
N LYS C 34 13.88 -14.96 -1.66
CA LYS C 34 14.70 -15.24 -0.49
C LYS C 34 14.90 -13.98 0.34
N ILE C 35 14.89 -12.83 -0.30
CA ILE C 35 14.90 -11.56 0.42
C ILE C 35 13.74 -11.55 1.39
N CYS C 36 12.58 -11.94 0.90
CA CYS C 36 11.36 -11.97 1.72
C CYS C 36 11.46 -12.99 2.84
N ASP C 37 12.02 -14.16 2.55
CA ASP C 37 12.20 -15.18 3.59
C ASP C 37 13.10 -14.67 4.70
N GLN C 38 14.20 -14.02 4.32
CA GLN C 38 15.15 -13.49 5.31
C GLN C 38 14.56 -12.37 6.16
N ILE C 39 13.83 -11.47 5.51
CA ILE C 39 13.18 -10.38 6.22
C ILE C 39 12.18 -10.94 7.23
N SER C 40 11.34 -11.86 6.78
CA SER C 40 10.36 -12.50 7.65
C SER C 40 10.98 -13.14 8.89
N ASP C 41 12.13 -13.81 8.71
CA ASP C 41 12.79 -14.46 9.84
C ASP C 41 13.62 -13.48 10.67
N ALA C 42 14.08 -12.40 10.05
CA ALA C 42 14.71 -11.31 10.80
C ALA C 42 13.68 -10.69 11.76
N VAL C 43 12.46 -10.56 11.28
CA VAL C 43 11.37 -10.04 12.09
C VAL C 43 11.05 -11.02 13.23
N LEU C 44 10.98 -12.31 12.88
CA LEU C 44 10.74 -13.35 13.87
C LEU C 44 11.81 -13.33 14.96
N ASP C 45 13.07 -13.25 14.55
CA ASP C 45 14.18 -13.22 15.50
C ASP C 45 14.12 -11.98 16.40
N ALA C 46 13.79 -10.83 15.81
CA ALA C 46 13.72 -9.58 16.55
C ALA C 46 12.77 -9.70 17.75
N HIS C 47 11.63 -10.33 17.53
CA HIS C 47 10.67 -10.55 18.61
C HIS C 47 11.18 -11.55 19.63
N LEU C 48 11.72 -12.67 19.15
CA LEU C 48 12.20 -13.73 20.03
C LEU C 48 13.35 -13.26 20.91
N GLN C 49 14.13 -12.30 20.42
CA GLN C 49 15.23 -11.74 21.20
C GLN C 49 14.73 -11.01 22.45
N GLN C 50 13.53 -10.46 22.38
CA GLN C 50 12.94 -9.76 23.52
C GLN C 50 11.88 -10.62 24.22
N ASP C 51 11.15 -11.38 23.43
CA ASP C 51 10.05 -12.20 23.95
C ASP C 51 10.10 -13.62 23.37
N PRO C 52 10.65 -14.57 24.14
CA PRO C 52 10.77 -15.96 23.66
C PRO C 52 9.43 -16.61 23.33
N ASP C 53 8.35 -16.09 23.89
CA ASP C 53 7.02 -16.68 23.69
C ASP C 53 6.20 -15.95 22.63
N ALA C 54 6.87 -15.12 21.83
CA ALA C 54 6.18 -14.36 20.79
C ALA C 54 5.54 -15.27 19.76
N LYS C 55 4.31 -14.93 19.36
CA LYS C 55 3.65 -15.61 18.25
C LYS C 55 3.78 -14.76 17.00
N VAL C 56 4.40 -15.31 15.96
CA VAL C 56 4.68 -14.54 14.76
C VAL C 56 4.24 -15.23 13.47
N ALA C 57 3.51 -14.51 12.63
CA ALA C 57 3.19 -14.94 11.29
C ALA C 57 3.44 -13.77 10.34
N CYS C 58 4.67 -13.61 9.88
CA CYS C 58 5.07 -12.44 9.10
C CYS C 58 5.32 -12.76 7.63
N GLU C 59 4.47 -12.25 6.76
CA GLU C 59 4.67 -12.40 5.32
C GLU C 59 5.30 -11.14 4.73
N THR C 60 6.28 -11.33 3.84
CA THR C 60 6.96 -10.21 3.21
C THR C 60 6.72 -10.21 1.70
N VAL C 61 6.48 -9.04 1.15
CA VAL C 61 6.35 -8.86 -0.29
C VAL C 61 7.40 -7.85 -0.75
N ALA C 62 8.16 -8.21 -1.77
CA ALA C 62 9.19 -7.32 -2.28
C ALA C 62 9.03 -7.05 -3.77
N LYS C 63 8.94 -5.78 -4.13
CA LYS C 63 8.83 -5.38 -5.52
C LYS C 63 9.61 -4.09 -5.72
N THR C 64 9.65 -3.61 -6.95
CA THR C 64 10.41 -2.40 -7.30
C THR C 64 10.26 -1.29 -6.26
N GLY C 65 11.34 -1.08 -5.51
CA GLY C 65 11.40 -0.06 -4.47
C GLY C 65 10.33 -0.12 -3.39
N MET C 66 9.98 -1.32 -2.94
CA MET C 66 8.99 -1.45 -1.88
C MET C 66 9.06 -2.79 -1.17
N ILE C 67 9.04 -2.73 0.17
CA ILE C 67 8.93 -3.91 1.01
C ILE C 67 7.62 -3.81 1.79
N LEU C 68 6.80 -4.83 1.71
CA LEU C 68 5.55 -4.86 2.47
C LEU C 68 5.56 -5.99 3.50
N LEU C 69 5.22 -5.64 4.75
CA LEU C 69 5.04 -6.65 5.78
C LEU C 69 3.55 -6.82 6.07
N ALA C 70 3.09 -8.06 6.04
CA ALA C 70 1.69 -8.36 6.32
C ALA C 70 1.60 -9.62 7.17
N GLY C 71 0.68 -9.61 8.13
CA GLY C 71 0.50 -10.78 8.99
C GLY C 71 0.01 -10.43 10.38
N GLU C 72 0.29 -11.32 11.32
CA GLU C 72 -0.21 -11.18 12.69
C GLU C 72 0.89 -11.50 13.69
N ILE C 73 0.96 -10.70 14.75
CA ILE C 73 1.98 -10.90 15.77
C ILE C 73 1.40 -10.73 17.18
N THR C 74 1.68 -11.67 18.06
CA THR C 74 1.32 -11.55 19.47
C THR C 74 2.60 -11.54 20.29
N SER C 75 2.99 -10.37 20.76
CA SER C 75 4.30 -10.23 21.38
C SER C 75 4.42 -9.07 22.38
N ARG C 76 5.26 -9.24 23.39
CA ARG C 76 5.56 -8.17 24.34
C ARG C 76 6.72 -7.32 23.83
N ALA C 77 7.33 -7.74 22.73
CA ALA C 77 8.50 -7.05 22.21
C ALA C 77 8.14 -5.70 21.58
N ALA C 78 9.05 -4.74 21.69
CA ALA C 78 8.94 -3.50 20.96
C ALA C 78 9.93 -3.52 19.81
N VAL C 79 9.44 -3.77 18.61
CA VAL C 79 10.31 -3.97 17.46
C VAL C 79 10.19 -2.87 16.42
N ASP C 80 11.33 -2.27 16.09
CA ASP C 80 11.42 -1.28 15.02
C ASP C 80 11.44 -1.99 13.68
N TYR C 81 10.27 -2.12 13.05
CA TYR C 81 10.18 -2.88 11.80
C TYR C 81 10.97 -2.21 10.68
N GLN C 82 11.03 -0.88 10.70
CA GLN C 82 11.82 -0.13 9.74
C GLN C 82 13.30 -0.52 9.83
N LYS C 83 13.86 -0.52 11.03
CA LYS C 83 15.27 -0.89 11.21
C LYS C 83 15.54 -2.34 10.82
N VAL C 84 14.66 -3.24 11.26
CA VAL C 84 14.84 -4.67 10.98
C VAL C 84 14.88 -4.95 9.48
N VAL C 85 13.92 -4.40 8.75
CA VAL C 85 13.85 -4.60 7.31
C VAL C 85 15.05 -4.01 6.59
N ARG C 86 15.38 -2.75 6.91
CA ARG C 86 16.48 -2.06 6.23
C ARG C 86 17.84 -2.68 6.55
N GLU C 87 18.05 -3.11 7.79
CA GLU C 87 19.30 -3.77 8.16
C GLU C 87 19.43 -5.13 7.49
N ALA C 88 18.30 -5.81 7.27
CA ALA C 88 18.30 -7.08 6.56
C ALA C 88 18.70 -6.87 5.10
N VAL C 89 18.12 -5.86 4.48
CA VAL C 89 18.41 -5.53 3.08
C VAL C 89 19.87 -5.09 2.92
N LYS C 90 20.37 -4.34 3.91
CA LYS C 90 21.76 -3.93 3.94
C LYS C 90 22.71 -5.13 4.01
N HIS C 91 22.41 -6.05 4.93
CA HIS C 91 23.25 -7.23 5.12
C HIS C 91 23.30 -8.07 3.84
N ILE C 92 22.14 -8.21 3.19
CA ILE C 92 22.05 -8.94 1.93
C ILE C 92 22.96 -8.30 0.88
N GLY C 93 23.04 -6.96 0.90
CA GLY C 93 24.00 -6.25 0.07
C GLY C 93 23.43 -5.20 -0.86
N TYR C 94 22.16 -4.88 -0.70
CA TYR C 94 21.53 -3.87 -1.56
C TYR C 94 21.59 -2.49 -0.92
N ASP C 95 22.59 -1.71 -1.34
CA ASP C 95 22.86 -0.41 -0.72
C ASP C 95 23.03 0.71 -1.73
N ASP C 96 22.49 0.52 -2.94
CA ASP C 96 22.54 1.56 -3.96
C ASP C 96 21.56 1.27 -5.10
N SER C 97 21.02 2.33 -5.68
CA SER C 97 20.03 2.23 -6.75
C SER C 97 20.59 1.58 -8.02
N SER C 98 21.91 1.68 -8.20
CA SER C 98 22.56 1.08 -9.36
C SER C 98 22.51 -0.43 -9.31
N LYS C 99 22.22 -0.96 -8.13
CA LYS C 99 22.09 -2.41 -7.93
C LYS C 99 20.63 -2.84 -8.01
N GLY C 100 19.74 -1.85 -8.17
CA GLY C 100 18.33 -2.13 -8.32
C GLY C 100 17.56 -1.99 -7.03
N PHE C 101 18.27 -1.81 -5.92
CA PHE C 101 17.63 -1.72 -4.61
C PHE C 101 18.57 -1.12 -3.58
N ASP C 102 18.05 -0.25 -2.73
CA ASP C 102 18.83 0.44 -1.71
C ASP C 102 18.07 0.46 -0.40
N TYR C 103 18.66 -0.12 0.65
CA TYR C 103 18.03 -0.17 1.96
C TYR C 103 17.76 1.23 2.52
N LYS C 104 18.54 2.21 2.07
CA LYS C 104 18.42 3.58 2.55
C LYS C 104 17.18 4.30 2.02
N THR C 105 16.69 3.89 0.85
CA THR C 105 15.63 4.64 0.18
C THR C 105 14.38 3.81 -0.12
N CYS C 106 14.41 2.53 0.20
CA CYS C 106 13.27 1.68 -0.12
C CYS C 106 12.06 2.04 0.74
N ASN C 107 10.89 1.94 0.13
CA ASN C 107 9.63 2.15 0.82
C ASN C 107 9.17 0.91 1.59
N VAL C 108 8.97 1.07 2.90
CA VAL C 108 8.53 -0.02 3.76
C VAL C 108 7.13 0.19 4.33
N LEU C 109 6.20 -0.67 3.93
CA LEU C 109 4.81 -0.61 4.42
C LEU C 109 4.54 -1.71 5.42
N VAL C 110 4.10 -1.34 6.61
CA VAL C 110 3.86 -2.33 7.64
C VAL C 110 2.37 -2.50 7.88
N ALA C 111 1.89 -3.71 7.60
CA ALA C 111 0.50 -4.07 7.85
C ALA C 111 0.47 -5.27 8.79
N LEU C 112 1.14 -5.12 9.92
CA LEU C 112 1.16 -6.17 10.93
C LEU C 112 0.25 -5.82 12.09
N GLU C 113 -0.74 -6.68 12.33
CA GLU C 113 -1.59 -6.54 13.50
C GLU C 113 -0.85 -7.14 14.70
N GLN C 114 -0.56 -6.31 15.70
CA GLN C 114 0.18 -6.82 16.85
C GLN C 114 -0.66 -6.85 18.12
N GLN C 115 -0.80 -8.05 18.69
CA GLN C 115 -1.52 -8.21 19.94
C GLN C 115 -0.50 -8.34 21.07
N SER C 116 -0.96 -8.19 22.31
CA SER C 116 -0.09 -8.37 23.47
C SER C 116 -0.39 -9.66 24.19
N GLU C 129 1.11 -28.60 29.26
CA GLU C 129 1.94 -27.79 28.37
C GLU C 129 2.49 -28.64 27.21
N GLU C 130 2.86 -29.87 27.53
CA GLU C 130 3.40 -30.78 26.53
C GLU C 130 2.31 -31.42 25.67
N ASP C 131 1.08 -31.35 26.16
CA ASP C 131 -0.05 -31.95 25.46
C ASP C 131 -0.93 -30.90 24.77
N ILE C 132 -0.33 -29.77 24.43
CA ILE C 132 -1.06 -28.72 23.71
C ILE C 132 -1.34 -29.16 22.27
N GLY C 133 -2.55 -28.90 21.80
CA GLY C 133 -2.93 -29.28 20.46
C GLY C 133 -2.15 -28.56 19.38
N ALA C 134 -2.05 -29.18 18.21
CA ALA C 134 -1.41 -28.53 17.06
C ALA C 134 -2.17 -27.25 16.73
N GLY C 135 -1.45 -26.24 16.28
CA GLY C 135 -2.05 -24.97 15.95
C GLY C 135 -2.81 -25.05 14.65
N ASP C 136 -2.53 -26.09 13.88
CA ASP C 136 -3.20 -26.28 12.61
C ASP C 136 -3.21 -27.74 12.23
N GLN C 137 -3.61 -28.01 10.99
CA GLN C 137 -3.54 -29.33 10.41
C GLN C 137 -2.43 -29.24 9.40
N GLY C 138 -2.07 -30.38 8.82
CA GLY C 138 -1.07 -30.37 7.79
C GLY C 138 -0.22 -31.61 7.82
N LEU C 139 0.61 -31.73 6.80
CA LEU C 139 1.47 -32.88 6.65
C LEU C 139 2.87 -32.38 6.38
N MET C 140 3.85 -33.02 7.00
CA MET C 140 5.24 -32.61 6.86
C MET C 140 6.12 -33.83 6.62
N PHE C 141 7.21 -33.64 5.88
CA PHE C 141 8.17 -34.72 5.64
C PHE C 141 9.56 -34.39 6.14
N GLY C 142 10.27 -35.42 6.57
CA GLY C 142 11.70 -35.32 6.85
C GLY C 142 12.39 -36.34 5.96
N TYR C 143 13.61 -36.02 5.54
CA TYR C 143 14.33 -36.88 4.62
C TYR C 143 15.82 -36.86 4.91
N ALA C 144 16.47 -38.00 4.70
CA ALA C 144 17.91 -38.09 4.85
C ALA C 144 18.47 -39.18 3.93
N THR C 145 19.70 -38.97 3.48
CA THR C 145 20.35 -39.89 2.55
C THR C 145 21.85 -39.89 2.83
N ASP C 146 22.45 -41.07 2.80
CA ASP C 146 23.85 -41.21 3.21
C ASP C 146 24.84 -40.83 2.11
N GLU C 147 24.35 -40.23 1.02
CA GLU C 147 25.20 -39.93 -0.13
C GLU C 147 26.15 -38.77 0.14
N THR C 148 25.84 -37.95 1.13
CA THR C 148 26.77 -36.92 1.59
C THR C 148 26.96 -37.02 3.10
N GLU C 149 28.04 -36.43 3.61
CA GLU C 149 28.31 -36.42 5.04
C GLU C 149 27.22 -35.67 5.82
N GLU C 150 26.61 -34.66 5.21
CA GLU C 150 25.54 -33.91 5.85
C GLU C 150 24.17 -34.58 5.72
N CYS C 151 24.17 -35.82 5.22
CA CYS C 151 22.94 -36.60 5.06
C CYS C 151 21.93 -35.96 4.13
N MET C 152 22.43 -35.29 3.10
CA MET C 152 21.57 -34.56 2.16
C MET C 152 21.88 -34.99 0.73
N PRO C 153 20.92 -34.79 -0.19
CA PRO C 153 21.18 -35.08 -1.60
C PRO C 153 22.32 -34.23 -2.15
N LEU C 154 23.19 -34.83 -2.96
CA LEU C 154 24.34 -34.11 -3.49
C LEU C 154 23.95 -32.91 -4.34
N THR C 155 22.88 -33.05 -5.11
CA THR C 155 22.42 -32.00 -6.00
C THR C 155 22.13 -30.67 -5.28
N ILE C 156 21.40 -30.75 -4.18
CA ILE C 156 20.99 -29.56 -3.45
C ILE C 156 22.12 -29.02 -2.57
N VAL C 157 22.97 -29.92 -2.09
CA VAL C 157 24.14 -29.50 -1.31
C VAL C 157 25.06 -28.65 -2.18
N LEU C 158 25.36 -29.14 -3.37
CA LEU C 158 26.23 -28.42 -4.29
C LEU C 158 25.59 -27.11 -4.75
N ALA C 159 24.29 -27.13 -5.03
CA ALA C 159 23.59 -25.93 -5.50
C ALA C 159 23.65 -24.84 -4.44
N HIS C 160 23.35 -25.20 -3.19
CA HIS C 160 23.44 -24.27 -2.07
C HIS C 160 24.86 -23.73 -1.89
N LYS C 161 25.84 -24.64 -1.90
CA LYS C 161 27.20 -24.25 -1.62
C LYS C 161 27.79 -23.37 -2.73
N LEU C 162 27.27 -23.50 -3.95
CA LEU C 162 27.69 -22.62 -5.03
C LEU C 162 27.26 -21.18 -4.76
N ASN C 163 26.02 -21.01 -4.27
CA ASN C 163 25.53 -19.67 -3.94
C ASN C 163 26.24 -19.10 -2.72
N ALA C 164 26.54 -19.95 -1.75
CA ALA C 164 27.25 -19.51 -0.54
C ALA C 164 28.66 -19.05 -0.87
N LYS C 165 29.30 -19.74 -1.82
CA LYS C 165 30.64 -19.38 -2.26
C LYS C 165 30.62 -18.00 -2.94
N LEU C 166 29.61 -17.77 -3.76
CA LEU C 166 29.42 -16.48 -4.41
C LEU C 166 29.34 -15.35 -3.40
N ALA C 167 28.49 -15.51 -2.40
CA ALA C 167 28.33 -14.51 -1.35
C ALA C 167 29.62 -14.32 -0.56
N GLU C 168 30.34 -15.40 -0.34
CA GLU C 168 31.60 -15.35 0.39
C GLU C 168 32.63 -14.52 -0.36
N LEU C 169 32.76 -14.78 -1.67
CA LEU C 169 33.74 -14.11 -2.49
C LEU C 169 33.32 -12.67 -2.79
N ARG C 170 32.01 -12.41 -2.72
CA ARG C 170 31.50 -11.05 -2.87
C ARG C 170 31.84 -10.23 -1.64
N ARG C 171 31.63 -10.81 -0.46
CA ARG C 171 31.77 -10.08 0.80
C ARG C 171 33.22 -9.88 1.23
N ASN C 172 34.13 -10.75 0.82
CA ASN C 172 35.53 -10.57 1.19
C ASN C 172 36.29 -9.77 0.12
N GLY C 173 35.60 -9.45 -0.97
CA GLY C 173 36.15 -8.58 -1.99
C GLY C 173 36.96 -9.26 -3.07
N THR C 174 36.97 -10.60 -3.05
CA THR C 174 37.67 -11.37 -4.07
C THR C 174 37.08 -11.09 -5.45
N LEU C 175 35.74 -11.14 -5.53
CA LEU C 175 35.04 -10.79 -6.75
C LEU C 175 34.10 -9.61 -6.50
N PRO C 176 34.66 -8.40 -6.49
CA PRO C 176 33.92 -7.18 -6.12
C PRO C 176 32.85 -6.80 -7.14
N TRP C 177 32.87 -7.42 -8.32
CA TRP C 177 31.88 -7.12 -9.33
C TRP C 177 30.58 -7.89 -9.08
N LEU C 178 30.60 -8.82 -8.12
CA LEU C 178 29.42 -9.60 -7.77
C LEU C 178 28.34 -8.77 -7.06
N ARG C 179 27.09 -9.12 -7.31
CA ARG C 179 25.96 -8.50 -6.62
C ARG C 179 25.07 -9.61 -6.01
N PRO C 180 24.18 -9.26 -5.05
CA PRO C 180 23.52 -10.27 -4.21
C PRO C 180 22.64 -11.32 -4.91
N ASP C 181 22.01 -10.98 -6.04
CA ASP C 181 21.06 -11.89 -6.66
C ASP C 181 21.78 -12.98 -7.44
N SER C 182 21.34 -14.23 -7.25
CA SER C 182 21.94 -15.35 -7.98
C SER C 182 21.03 -16.58 -8.00
N LYS C 183 21.23 -17.42 -9.01
CA LYS C 183 20.57 -18.73 -9.07
C LYS C 183 21.56 -19.76 -9.57
N THR C 184 21.52 -20.95 -8.97
CA THR C 184 22.37 -22.06 -9.40
C THR C 184 21.53 -23.31 -9.62
N GLN C 185 22.01 -24.17 -10.51
CA GLN C 185 21.30 -25.41 -10.80
C GLN C 185 22.30 -26.51 -11.09
N VAL C 186 22.17 -27.64 -10.39
CA VAL C 186 23.12 -28.74 -10.50
C VAL C 186 22.43 -30.05 -10.88
N THR C 187 22.86 -30.61 -12.00
CA THR C 187 22.37 -31.91 -12.44
C THR C 187 23.43 -32.98 -12.19
N VAL C 188 23.09 -33.97 -11.38
CA VAL C 188 24.03 -35.04 -11.04
C VAL C 188 23.61 -36.35 -11.70
N GLN C 189 24.61 -37.07 -12.22
CA GLN C 189 24.39 -38.41 -12.77
C GLN C 189 24.47 -39.43 -11.65
N TYR C 190 23.38 -40.17 -11.44
CA TYR C 190 23.29 -41.11 -10.33
C TYR C 190 23.20 -42.55 -10.77
N MET C 191 23.58 -43.44 -9.85
CA MET C 191 23.18 -44.84 -9.89
C MET C 191 22.51 -45.17 -8.57
N GLN C 192 21.69 -46.20 -8.57
CA GLN C 192 21.02 -46.64 -7.35
C GLN C 192 21.15 -48.14 -7.11
N ASP C 193 21.26 -48.53 -5.85
CA ASP C 193 21.36 -49.93 -5.47
C ASP C 193 20.26 -50.24 -4.47
N ARG C 194 19.16 -50.78 -4.97
CA ARG C 194 18.04 -51.15 -4.11
C ARG C 194 17.63 -50.00 -3.19
N GLY C 195 17.44 -48.83 -3.76
CA GLY C 195 17.03 -47.67 -2.98
C GLY C 195 18.15 -46.77 -2.53
N ALA C 196 19.37 -47.28 -2.37
CA ALA C 196 20.46 -46.41 -1.99
C ALA C 196 20.87 -45.67 -3.24
N VAL C 197 21.17 -44.37 -3.11
CA VAL C 197 21.52 -43.58 -4.29
C VAL C 197 23.02 -43.29 -4.28
N LEU C 198 23.62 -43.49 -5.45
CA LEU C 198 25.07 -43.42 -5.58
C LEU C 198 25.44 -42.38 -6.62
N PRO C 199 25.92 -41.22 -6.18
CA PRO C 199 26.31 -40.19 -7.14
C PRO C 199 27.58 -40.55 -7.88
N ILE C 200 27.53 -40.46 -9.21
CA ILE C 200 28.67 -40.78 -10.07
C ILE C 200 29.46 -39.54 -10.46
N ARG C 201 28.76 -38.54 -11.00
CA ARG C 201 29.41 -37.34 -11.51
C ARG C 201 28.42 -36.20 -11.66
N VAL C 202 28.95 -34.98 -11.73
CA VAL C 202 28.12 -33.81 -12.03
C VAL C 202 27.96 -33.70 -13.55
N HIS C 203 26.71 -33.71 -14.00
CA HIS C 203 26.40 -33.72 -15.42
C HIS C 203 26.33 -32.30 -16.00
N THR C 204 25.60 -31.43 -15.32
CA THR C 204 25.40 -30.05 -15.79
C THR C 204 25.37 -29.09 -14.61
N ILE C 205 26.02 -27.94 -14.78
CA ILE C 205 25.93 -26.86 -13.79
C ILE C 205 25.48 -25.56 -14.44
N VAL C 206 24.47 -24.94 -13.86
CA VAL C 206 24.01 -23.62 -14.28
C VAL C 206 24.31 -22.61 -13.18
N ILE C 207 24.90 -21.49 -13.55
CA ILE C 207 25.08 -20.40 -12.60
C ILE C 207 24.74 -19.07 -13.26
N SER C 208 23.76 -18.38 -12.68
CA SER C 208 23.42 -17.02 -13.06
C SER C 208 23.58 -16.12 -11.84
N VAL C 209 24.35 -15.05 -11.97
CA VAL C 209 24.58 -14.17 -10.84
C VAL C 209 24.61 -12.71 -11.26
N GLN C 210 24.02 -11.85 -10.42
CA GLN C 210 23.99 -10.42 -10.65
C GLN C 210 25.40 -9.82 -10.58
N HIS C 211 25.64 -8.76 -11.35
CA HIS C 211 26.96 -8.16 -11.45
C HIS C 211 26.90 -6.67 -11.82
N ASP C 212 28.01 -5.96 -11.67
CA ASP C 212 28.01 -4.54 -11.98
C ASP C 212 28.15 -4.31 -13.49
N GLU C 213 28.14 -3.06 -13.92
CA GLU C 213 28.12 -2.75 -15.35
C GLU C 213 29.50 -2.72 -15.99
N GLU C 214 30.54 -2.93 -15.19
CA GLU C 214 31.92 -2.81 -15.69
C GLU C 214 32.53 -4.12 -16.19
N VAL C 215 32.41 -5.18 -15.38
CA VAL C 215 33.08 -6.44 -15.70
C VAL C 215 32.55 -7.09 -16.98
N CYS C 216 33.45 -7.66 -17.76
CA CYS C 216 33.08 -8.29 -19.03
CA CYS C 216 33.09 -8.28 -19.03
C CYS C 216 32.64 -9.73 -18.82
N LEU C 217 31.87 -10.25 -19.77
CA LEU C 217 31.28 -11.59 -19.66
C LEU C 217 32.32 -12.70 -19.53
N ASP C 218 33.37 -12.63 -20.34
CA ASP C 218 34.41 -13.66 -20.33
C ASP C 218 35.10 -13.73 -18.97
N GLU C 219 35.39 -12.57 -18.39
CA GLU C 219 36.01 -12.52 -17.07
C GLU C 219 35.12 -13.16 -16.01
N MET C 220 33.82 -12.88 -16.07
CA MET C 220 32.87 -13.49 -15.14
C MET C 220 32.81 -15.00 -15.28
N ARG C 221 32.70 -15.48 -16.51
CA ARG C 221 32.51 -16.91 -16.75
C ARG C 221 33.72 -17.75 -16.36
N ASP C 222 34.91 -17.23 -16.61
CA ASP C 222 36.13 -17.93 -16.24
C ASP C 222 36.27 -17.95 -14.72
N ALA C 223 35.90 -16.84 -14.08
CA ALA C 223 35.95 -16.73 -12.63
C ALA C 223 34.95 -17.67 -11.96
N LEU C 224 33.76 -17.79 -12.54
CA LEU C 224 32.72 -18.66 -12.00
C LEU C 224 33.18 -20.13 -12.01
N LYS C 225 33.97 -20.49 -12.99
CA LYS C 225 34.45 -21.87 -13.12
C LYS C 225 35.63 -22.15 -12.19
N GLU C 226 36.61 -21.26 -12.19
CA GLU C 226 37.86 -21.51 -11.48
C GLU C 226 37.79 -21.18 -9.99
N LYS C 227 37.07 -20.13 -9.64
CA LYS C 227 37.06 -19.65 -8.26
C LYS C 227 35.80 -20.04 -7.49
N VAL C 228 34.77 -20.46 -8.21
CA VAL C 228 33.52 -20.85 -7.55
C VAL C 228 33.28 -22.35 -7.66
N ILE C 229 33.03 -22.82 -8.88
CA ILE C 229 32.70 -24.23 -9.12
C ILE C 229 33.81 -25.18 -8.66
N LYS C 230 35.05 -24.91 -9.06
CA LYS C 230 36.16 -25.78 -8.72
C LYS C 230 36.52 -25.67 -7.24
N ALA C 231 36.03 -24.62 -6.58
CA ALA C 231 36.27 -24.45 -5.16
C ALA C 231 35.18 -25.10 -4.30
N VAL C 232 34.10 -25.52 -4.95
CA VAL C 232 32.95 -26.09 -4.24
C VAL C 232 32.76 -27.57 -4.54
N VAL C 233 32.77 -27.91 -5.82
CA VAL C 233 32.53 -29.27 -6.26
C VAL C 233 33.80 -30.12 -6.21
N PRO C 234 33.75 -31.26 -5.50
CA PRO C 234 34.86 -32.21 -5.43
C PRO C 234 35.36 -32.60 -6.83
N ALA C 235 36.67 -32.59 -7.02
CA ALA C 235 37.27 -32.85 -8.33
C ALA C 235 36.83 -34.19 -8.92
N LYS C 236 36.59 -35.17 -8.05
CA LYS C 236 36.20 -36.51 -8.50
C LYS C 236 34.84 -36.51 -9.19
N TYR C 237 34.04 -35.48 -8.95
CA TYR C 237 32.72 -35.37 -9.58
C TYR C 237 32.76 -34.56 -10.86
N LEU C 238 33.91 -33.94 -11.15
CA LEU C 238 34.06 -33.13 -12.35
C LEU C 238 34.95 -33.82 -13.38
N ASP C 239 34.54 -33.76 -14.64
CA ASP C 239 35.39 -34.23 -15.73
C ASP C 239 35.16 -33.35 -16.96
N GLU C 240 35.78 -33.73 -18.08
CA GLU C 240 35.75 -32.88 -19.27
C GLU C 240 34.42 -32.93 -20.02
N ASP C 241 33.52 -33.80 -19.59
CA ASP C 241 32.21 -33.91 -20.24
C ASP C 241 31.15 -33.07 -19.52
N THR C 242 31.48 -32.64 -18.30
CA THR C 242 30.57 -31.80 -17.51
C THR C 242 30.16 -30.54 -18.25
N ILE C 243 28.86 -30.29 -18.33
CA ILE C 243 28.34 -29.17 -19.08
C ILE C 243 28.19 -27.92 -18.20
N TYR C 244 28.74 -26.81 -18.66
CA TYR C 244 28.69 -25.56 -17.91
C TYR C 244 27.83 -24.50 -18.59
N HIS C 245 26.82 -24.02 -17.88
CA HIS C 245 26.04 -22.86 -18.32
C HIS C 245 26.28 -21.70 -17.39
N LEU C 246 27.32 -20.91 -17.70
CA LEU C 246 27.69 -19.79 -16.84
C LEU C 246 27.23 -18.47 -17.44
N GLN C 247 26.43 -17.73 -16.67
CA GLN C 247 25.72 -16.55 -17.15
C GLN C 247 25.04 -16.82 -18.49
N PRO C 248 24.13 -17.82 -18.54
CA PRO C 248 23.55 -18.24 -19.81
C PRO C 248 22.64 -17.19 -20.44
N SER C 249 22.06 -16.31 -19.63
CA SER C 249 21.20 -15.26 -20.14
C SER C 249 22.01 -14.03 -20.53
N GLY C 250 23.27 -14.00 -20.10
CA GLY C 250 24.16 -12.90 -20.39
C GLY C 250 24.18 -11.81 -19.32
N ARG C 251 23.93 -10.58 -19.74
CA ARG C 251 23.97 -9.44 -18.83
C ARG C 251 22.93 -9.57 -17.72
N PHE C 252 23.39 -9.42 -16.49
CA PHE C 252 22.55 -9.56 -15.30
C PHE C 252 22.92 -8.46 -14.30
N VAL C 253 22.57 -7.22 -14.64
CA VAL C 253 22.95 -6.07 -13.82
C VAL C 253 21.87 -5.72 -12.80
N ILE C 254 20.61 -5.77 -13.22
CA ILE C 254 19.53 -5.47 -12.30
C ILE C 254 18.90 -6.75 -11.74
N GLY C 255 19.00 -6.91 -10.43
CA GLY C 255 18.43 -8.04 -9.74
C GLY C 255 17.63 -7.58 -8.53
N GLY C 256 17.32 -8.50 -7.63
CA GLY C 256 16.54 -8.16 -6.46
C GLY C 256 15.10 -7.86 -6.85
N PRO C 257 14.39 -7.12 -5.98
CA PRO C 257 12.97 -6.79 -6.18
C PRO C 257 12.74 -5.95 -7.44
N ASP C 260 8.02 -8.54 -11.32
CA ASP C 260 7.77 -9.77 -10.59
C ASP C 260 8.16 -9.63 -9.12
N ALA C 261 7.15 -9.65 -8.26
CA ALA C 261 7.36 -9.48 -6.82
C ALA C 261 7.93 -10.75 -6.19
N GLY C 262 8.77 -10.57 -5.18
CA GLY C 262 9.16 -11.68 -4.34
C GLY C 262 8.17 -11.84 -3.21
N LEU C 263 8.00 -13.09 -2.75
CA LEU C 263 7.11 -13.36 -1.63
C LEU C 263 7.74 -14.34 -0.66
N THR C 264 7.41 -14.21 0.61
CA THR C 264 7.80 -15.20 1.61
C THR C 264 7.21 -16.55 1.24
N GLY C 265 8.00 -17.62 1.40
CA GLY C 265 7.51 -18.97 1.24
C GLY C 265 7.30 -19.46 -0.19
N ARG C 266 8.10 -18.96 -1.12
CA ARG C 266 7.94 -19.34 -2.52
C ARG C 266 9.16 -20.10 -3.03
N LYS C 267 10.00 -20.53 -2.09
CA LYS C 267 11.19 -21.33 -2.39
C LYS C 267 11.31 -22.53 -1.45
N ILE C 268 10.19 -23.23 -1.23
CA ILE C 268 10.13 -24.24 -0.19
C ILE C 268 10.88 -25.53 -0.56
N ILE C 269 11.12 -25.75 -1.84
CA ILE C 269 11.84 -26.93 -2.29
C ILE C 269 13.34 -26.66 -2.21
N VAL C 270 13.73 -25.43 -2.52
CA VAL C 270 15.08 -24.94 -2.29
C VAL C 270 15.42 -25.00 -0.81
N ASP C 271 14.45 -24.64 0.03
CA ASP C 271 14.61 -24.63 1.48
C ASP C 271 14.84 -26.01 2.09
N THR C 272 14.42 -27.04 1.37
CA THR C 272 14.41 -28.38 1.94
C THR C 272 15.38 -29.32 1.22
N TYR C 273 14.87 -30.17 0.33
CA TYR C 273 15.69 -31.26 -0.19
C TYR C 273 15.93 -31.19 -1.70
N GLY C 274 15.58 -30.07 -2.31
CA GLY C 274 15.82 -29.87 -3.73
C GLY C 274 15.05 -30.81 -4.64
N GLY C 275 13.90 -31.27 -4.19
CA GLY C 275 13.05 -32.13 -4.99
C GLY C 275 13.10 -33.58 -4.56
N TRP C 276 14.08 -33.94 -3.73
CA TRP C 276 14.18 -35.30 -3.20
C TRP C 276 13.20 -35.49 -2.05
N GLY C 277 12.97 -36.74 -1.65
CA GLY C 277 12.06 -37.03 -0.56
C GLY C 277 10.63 -36.66 -0.90
N ALA C 278 10.07 -35.71 -0.15
CA ALA C 278 8.73 -35.21 -0.38
C ALA C 278 8.51 -33.91 0.39
N HIS C 279 7.45 -33.17 0.03
CA HIS C 279 7.12 -31.93 0.72
C HIS C 279 5.63 -31.82 1.01
N GLY C 280 5.28 -31.36 2.20
CA GLY C 280 3.88 -31.24 2.60
C GLY C 280 3.23 -29.92 2.22
N GLY C 281 4.04 -28.95 1.80
CA GLY C 281 3.52 -27.70 1.27
C GLY C 281 3.67 -26.48 2.15
N GLY C 282 4.05 -26.68 3.41
CA GLY C 282 4.17 -25.58 4.34
C GLY C 282 5.47 -24.81 4.20
N ALA C 283 5.37 -23.49 4.22
CA ALA C 283 6.55 -22.64 4.18
C ALA C 283 7.12 -22.48 5.57
N PHE C 284 8.42 -22.21 5.67
CA PHE C 284 9.07 -22.08 6.97
C PHE C 284 9.15 -20.66 7.51
N SER C 285 9.68 -19.74 6.70
CA SER C 285 10.09 -18.44 7.21
C SER C 285 8.89 -17.58 7.62
N GLY C 286 9.09 -16.76 8.65
CA GLY C 286 8.04 -15.88 9.14
C GLY C 286 7.09 -16.55 10.11
N LYS C 287 7.33 -17.82 10.41
CA LYS C 287 6.48 -18.57 11.32
C LYS C 287 7.24 -18.96 12.58
N ASP C 288 6.65 -18.70 13.75
CA ASP C 288 7.29 -19.11 14.98
C ASP C 288 7.14 -20.62 15.21
N TYR C 289 7.68 -21.09 16.33
CA TYR C 289 7.78 -22.52 16.60
C TYR C 289 6.43 -23.23 16.82
N THR C 290 5.39 -22.47 17.13
CA THR C 290 4.07 -23.06 17.36
C THR C 290 3.40 -23.50 16.06
N LYS C 291 4.01 -23.12 14.93
CA LYS C 291 3.52 -23.56 13.62
C LYS C 291 4.14 -24.89 13.23
N VAL C 292 3.33 -25.95 13.20
CA VAL C 292 3.83 -27.29 12.90
C VAL C 292 4.42 -27.39 11.49
N ASP C 293 3.99 -26.50 10.60
CA ASP C 293 4.60 -26.41 9.27
C ASP C 293 6.12 -26.33 9.38
N ARG C 294 6.60 -25.65 10.41
CA ARG C 294 8.03 -25.48 10.61
C ARG C 294 8.60 -26.49 11.61
N SER C 295 8.07 -26.47 12.83
CA SER C 295 8.63 -27.27 13.93
C SER C 295 8.58 -28.77 13.64
N ALA C 296 7.49 -29.25 13.04
CA ALA C 296 7.34 -30.68 12.77
C ALA C 296 8.19 -31.11 11.58
N ALA C 297 8.40 -30.20 10.64
CA ALA C 297 9.29 -30.49 9.52
C ALA C 297 10.73 -30.58 10.01
N TYR C 298 11.08 -29.71 10.95
CA TYR C 298 12.40 -29.76 11.58
C TYR C 298 12.55 -31.07 12.34
N ALA C 299 11.53 -31.43 13.11
CA ALA C 299 11.55 -32.65 13.90
C ALA C 299 11.66 -33.89 13.01
N ALA C 300 10.96 -33.89 11.89
CA ALA C 300 10.98 -35.02 10.97
C ALA C 300 12.36 -35.22 10.34
N ARG C 301 13.02 -34.11 10.01
CA ARG C 301 14.40 -34.14 9.54
C ARG C 301 15.32 -34.71 10.61
N TRP C 302 15.10 -34.25 11.84
CA TRP C 302 15.82 -34.75 13.00
C TRP C 302 15.69 -36.27 13.13
N VAL C 303 14.47 -36.78 12.97
CA VAL C 303 14.21 -38.21 13.04
C VAL C 303 14.94 -38.94 11.92
N ALA C 304 14.76 -38.44 10.70
CA ALA C 304 15.33 -39.04 9.51
C ALA C 304 16.86 -39.10 9.57
N LYS C 305 17.48 -37.99 9.95
CA LYS C 305 18.94 -37.93 10.03
C LYS C 305 19.46 -38.84 11.14
N SER C 306 18.69 -38.96 12.22
CA SER C 306 19.08 -39.82 13.33
C SER C 306 19.10 -41.29 12.90
N LEU C 307 18.14 -41.66 12.06
CA LEU C 307 18.03 -43.02 11.57
C LEU C 307 19.21 -43.39 10.66
N VAL C 308 19.57 -42.47 9.77
CA VAL C 308 20.66 -42.72 8.83
C VAL C 308 22.02 -42.67 9.53
N LYS C 309 22.24 -41.65 10.33
CA LYS C 309 23.48 -41.54 11.11
C LYS C 309 23.58 -42.67 12.13
N GLY C 310 22.43 -43.20 12.55
CA GLY C 310 22.39 -44.29 13.51
C GLY C 310 22.69 -45.63 12.86
N GLY C 311 22.79 -45.64 11.54
CA GLY C 311 23.12 -46.85 10.80
C GLY C 311 21.93 -47.78 10.57
N LEU C 312 20.72 -47.27 10.80
CA LEU C 312 19.53 -48.10 10.67
C LEU C 312 19.02 -48.19 9.23
N CYS C 313 19.39 -47.22 8.42
CA CYS C 313 19.09 -47.23 7.00
C CYS C 313 20.02 -46.27 6.27
N ARG C 314 20.03 -46.34 4.95
CA ARG C 314 20.90 -45.49 4.14
C ARG C 314 20.15 -44.28 3.61
N ARG C 315 18.84 -44.37 3.63
CA ARG C 315 17.97 -43.40 2.99
C ARG C 315 16.57 -43.56 3.55
N VAL C 316 15.93 -42.46 3.94
CA VAL C 316 14.64 -42.59 4.60
C VAL C 316 13.76 -41.34 4.48
N LEU C 317 12.46 -41.59 4.29
CA LEU C 317 11.45 -40.55 4.26
C LEU C 317 10.50 -40.74 5.43
N VAL C 318 10.20 -39.66 6.13
CA VAL C 318 9.32 -39.69 7.28
C VAL C 318 8.17 -38.72 7.11
N GLN C 319 6.93 -39.21 7.13
CA GLN C 319 5.77 -38.32 7.11
C GLN C 319 5.10 -38.26 8.47
N VAL C 320 4.72 -37.04 8.86
CA VAL C 320 3.92 -36.79 10.05
CA VAL C 320 3.89 -36.83 10.03
C VAL C 320 2.74 -35.90 9.67
N SER C 321 1.57 -36.13 10.27
CA SER C 321 0.42 -35.28 9.99
C SER C 321 -0.34 -34.93 11.27
N TYR C 322 -0.96 -33.75 11.27
CA TYR C 322 -1.65 -33.24 12.44
C TYR C 322 -3.07 -32.77 12.12
N ALA C 323 -3.87 -32.62 13.18
CA ALA C 323 -5.16 -31.97 13.05
C ALA C 323 -5.21 -30.86 14.08
N ILE C 324 -5.83 -29.73 13.73
CA ILE C 324 -5.88 -28.60 14.64
C ILE C 324 -6.60 -29.02 15.93
N GLY C 325 -6.01 -28.66 17.07
CA GLY C 325 -6.62 -29.01 18.35
C GLY C 325 -6.17 -30.33 18.93
N VAL C 326 -5.46 -31.14 18.14
CA VAL C 326 -5.04 -32.46 18.59
C VAL C 326 -3.53 -32.48 18.80
N SER C 327 -3.11 -33.07 19.91
CA SER C 327 -1.69 -33.05 20.29
CA SER C 327 -1.70 -33.05 20.30
C SER C 327 -0.87 -34.08 19.55
N HIS C 328 -1.27 -35.35 19.66
CA HIS C 328 -0.53 -36.42 19.02
C HIS C 328 -0.68 -36.36 17.51
N PRO C 329 0.40 -36.69 16.77
CA PRO C 329 0.31 -36.80 15.32
C PRO C 329 -0.80 -37.75 14.89
N LEU C 330 -1.50 -37.38 13.82
CA LEU C 330 -2.58 -38.18 13.28
C LEU C 330 -1.99 -39.48 12.72
N SER C 331 -0.81 -39.35 12.14
CA SER C 331 -0.09 -40.48 11.57
C SER C 331 1.41 -40.22 11.53
N ILE C 332 2.18 -41.28 11.71
CA ILE C 332 3.61 -41.24 11.47
C ILE C 332 3.92 -42.36 10.49
N SER C 333 4.55 -42.03 9.37
CA SER C 333 4.78 -43.01 8.31
C SER C 333 6.24 -42.97 7.83
N ILE C 334 6.80 -44.14 7.56
CA ILE C 334 8.22 -44.25 7.22
C ILE C 334 8.47 -45.06 5.95
N PHE C 335 9.28 -44.50 5.04
CA PHE C 335 9.66 -45.18 3.81
C PHE C 335 11.18 -45.24 3.75
N HIS C 336 11.76 -46.44 3.78
CA HIS C 336 13.22 -46.53 3.74
C HIS C 336 13.77 -46.92 2.36
N TYR C 337 12.88 -46.93 1.36
CA TYR C 337 13.25 -47.15 -0.04
C TYR C 337 13.93 -48.50 -0.27
N GLY C 338 13.88 -49.38 0.72
CA GLY C 338 14.53 -50.68 0.66
C GLY C 338 15.97 -50.66 1.16
N THR C 339 16.34 -49.58 1.86
CA THR C 339 17.72 -49.40 2.29
C THR C 339 17.98 -49.82 3.74
N SER C 340 17.09 -50.66 4.28
CA SER C 340 17.30 -51.22 5.60
C SER C 340 16.93 -52.69 5.60
N GLN C 341 17.62 -53.48 6.42
CA GLN C 341 17.24 -54.87 6.62
C GLN C 341 16.05 -54.94 7.58
N LYS C 342 15.87 -53.89 8.37
CA LYS C 342 14.71 -53.80 9.25
C LYS C 342 13.51 -53.31 8.44
N SER C 343 12.32 -53.75 8.80
CA SER C 343 11.12 -53.30 8.13
C SER C 343 10.77 -51.89 8.58
N GLU C 344 9.92 -51.21 7.80
CA GLU C 344 9.51 -49.86 8.16
C GLU C 344 8.66 -49.85 9.42
N ARG C 345 7.92 -50.93 9.65
CA ARG C 345 7.15 -51.06 10.87
C ARG C 345 8.08 -51.10 12.08
N GLU C 346 9.19 -51.81 11.93
CA GLU C 346 10.19 -51.89 12.99
C GLU C 346 10.86 -50.53 13.21
N LEU C 347 11.19 -49.84 12.12
CA LEU C 347 11.76 -48.49 12.23
C LEU C 347 10.78 -47.54 12.92
N LEU C 348 9.48 -47.73 12.66
CA LEU C 348 8.45 -46.93 13.33
C LEU C 348 8.45 -47.21 14.83
N GLU C 349 8.62 -48.48 15.19
CA GLU C 349 8.67 -48.85 16.61
C GLU C 349 9.83 -48.16 17.31
N ILE C 350 10.96 -48.09 16.62
CA ILE C 350 12.14 -47.41 17.14
C ILE C 350 11.94 -45.90 17.25
N VAL C 351 11.29 -45.30 16.25
CA VAL C 351 11.02 -43.86 16.28
C VAL C 351 10.12 -43.48 17.46
N LYS C 352 9.05 -44.23 17.65
CA LYS C 352 8.09 -43.98 18.72
C LYS C 352 8.70 -44.10 20.11
N LYS C 353 9.69 -44.98 20.23
CA LYS C 353 10.33 -45.21 21.52
C LYS C 353 11.39 -44.15 21.81
N ASN C 354 11.85 -43.47 20.76
CA ASN C 354 12.91 -42.49 20.91
C ASN C 354 12.46 -41.03 20.70
N PHE C 355 11.29 -40.84 20.09
CA PHE C 355 10.82 -39.49 19.77
C PHE C 355 9.38 -39.21 20.20
N ASP C 356 9.15 -37.99 20.68
CA ASP C 356 7.80 -37.51 21.01
C ASP C 356 7.47 -36.35 20.07
N LEU C 357 6.62 -36.59 19.11
CA LEU C 357 6.37 -35.63 18.03
C LEU C 357 5.18 -34.71 18.27
N ARG C 358 4.78 -34.58 19.53
CA ARG C 358 3.79 -33.57 19.90
C ARG C 358 4.44 -32.20 19.77
N PRO C 359 3.70 -31.21 19.23
CA PRO C 359 4.24 -29.87 18.98
C PRO C 359 4.93 -29.26 20.20
N GLY C 360 4.30 -29.37 21.36
CA GLY C 360 4.84 -28.81 22.58
C GLY C 360 6.12 -29.45 23.09
N VAL C 361 6.38 -30.68 22.67
CA VAL C 361 7.58 -31.39 23.10
C VAL C 361 8.72 -31.15 22.12
N ILE C 362 8.39 -31.07 20.83
CA ILE C 362 9.34 -30.72 19.79
C ILE C 362 10.06 -29.41 20.10
N VAL C 363 9.30 -28.42 20.56
CA VAL C 363 9.83 -27.11 20.89
C VAL C 363 10.88 -27.20 22.00
N ARG C 364 10.61 -28.05 22.98
CA ARG C 364 11.53 -28.24 24.11
C ARG C 364 12.77 -29.06 23.71
N ASP C 365 12.58 -30.09 22.91
CA ASP C 365 13.68 -30.95 22.50
C ASP C 365 14.67 -30.25 21.57
N LEU C 366 14.16 -29.39 20.70
CA LEU C 366 15.00 -28.73 19.71
C LEU C 366 15.28 -27.25 20.04
N ASP C 367 14.87 -26.82 21.24
CA ASP C 367 15.19 -25.47 21.73
C ASP C 367 14.76 -24.37 20.75
N LEU C 368 13.51 -24.44 20.30
CA LEU C 368 13.05 -23.63 19.18
C LEU C 368 12.60 -22.21 19.53
N LYS C 369 12.81 -21.78 20.77
CA LYS C 369 12.46 -20.42 21.16
C LYS C 369 13.63 -19.45 20.96
N LYS C 370 14.75 -19.98 20.51
CA LYS C 370 15.93 -19.16 20.26
C LYS C 370 15.82 -18.40 18.94
N PRO C 371 16.31 -17.15 18.91
CA PRO C 371 16.34 -16.36 17.68
C PRO C 371 17.41 -16.87 16.71
N ILE C 372 17.18 -18.04 16.13
CA ILE C 372 18.14 -18.68 15.25
C ILE C 372 17.65 -18.80 13.81
N TYR C 373 16.53 -18.14 13.52
CA TYR C 373 15.80 -18.46 12.30
C TYR C 373 16.25 -17.69 11.05
N GLN C 374 16.77 -16.48 11.22
CA GLN C 374 17.25 -15.73 10.07
C GLN C 374 18.38 -16.50 9.37
N ARG C 375 19.13 -17.25 10.17
CA ARG C 375 20.22 -18.07 9.66
C ARG C 375 19.73 -19.22 8.76
N THR C 376 18.48 -19.64 8.94
CA THR C 376 17.93 -20.74 8.13
C THR C 376 17.41 -20.27 6.78
N ALA C 377 17.18 -18.97 6.65
CA ALA C 377 16.38 -18.44 5.53
C ALA C 377 17.11 -18.37 4.20
N ALA C 378 18.40 -18.70 4.21
CA ALA C 378 19.15 -18.83 2.97
C ALA C 378 20.08 -20.03 3.04
N TYR C 379 20.33 -20.66 1.89
CA TYR C 379 21.25 -21.79 1.74
C TYR C 379 20.70 -23.07 2.38
N GLY C 380 19.38 -23.12 2.58
CA GLY C 380 18.74 -24.34 3.03
C GLY C 380 18.59 -24.47 4.54
N HIS C 381 17.47 -25.02 4.97
CA HIS C 381 17.22 -25.24 6.40
C HIS C 381 17.88 -26.53 6.90
N PHE C 382 18.28 -27.39 5.99
CA PHE C 382 18.82 -28.70 6.35
C PHE C 382 20.20 -28.96 5.78
N GLY C 383 21.02 -29.71 6.51
CA GLY C 383 22.35 -30.08 6.05
C GLY C 383 23.48 -29.31 6.70
N ARG C 384 23.14 -28.41 7.62
CA ARG C 384 24.14 -27.61 8.33
C ARG C 384 24.08 -27.94 9.82
N ASP C 385 25.19 -28.41 10.38
CA ASP C 385 25.16 -29.02 11.72
C ASP C 385 25.13 -28.03 12.88
N SER C 386 25.04 -26.74 12.59
CA SER C 386 24.92 -25.74 13.64
C SER C 386 23.48 -25.64 14.16
N PHE C 387 22.55 -26.33 13.48
CA PHE C 387 21.14 -26.35 13.87
C PHE C 387 20.83 -27.57 14.72
N PRO C 388 19.96 -27.39 15.74
CA PRO C 388 19.62 -28.48 16.67
C PRO C 388 19.04 -29.72 15.98
N TRP C 389 18.26 -29.54 14.92
CA TRP C 389 17.67 -30.67 14.20
C TRP C 389 18.68 -31.39 13.32
N GLU C 390 19.91 -30.90 13.30
CA GLU C 390 20.96 -31.53 12.50
C GLU C 390 21.94 -32.30 13.38
N VAL C 391 21.69 -32.32 14.68
CA VAL C 391 22.47 -33.12 15.60
C VAL C 391 21.73 -34.41 15.86
N PRO C 392 22.25 -35.53 15.32
CA PRO C 392 21.59 -36.84 15.46
C PRO C 392 21.37 -37.22 16.91
N LYS C 393 20.16 -37.68 17.23
CA LYS C 393 19.88 -38.24 18.53
C LYS C 393 20.40 -39.67 18.60
N LYS C 394 21.09 -40.01 19.69
CA LYS C 394 21.53 -41.38 19.92
C LYS C 394 20.33 -42.25 20.25
N LEU C 395 20.08 -43.26 19.41
CA LEU C 395 18.86 -44.06 19.51
C LEU C 395 19.00 -45.25 20.45
N LYS C 396 17.97 -45.49 21.25
CA LYS C 396 17.93 -46.65 22.13
C LYS C 396 16.83 -47.60 21.67
N TYR C 397 17.18 -48.86 21.44
CA TYR C 397 16.23 -49.86 20.98
C TYR C 397 16.74 -51.28 21.20
N ILE D 15 3.93 58.44 1.95
CA ILE D 15 4.25 58.56 3.37
C ILE D 15 4.58 57.19 3.95
N GLU D 16 5.41 57.16 4.99
CA GLU D 16 5.86 55.91 5.59
C GLU D 16 4.77 55.18 6.38
N GLU D 17 3.72 55.90 6.74
CA GLU D 17 2.61 55.33 7.50
C GLU D 17 1.58 54.73 6.54
N GLY D 18 1.66 55.14 5.28
CA GLY D 18 0.72 54.68 4.27
C GLY D 18 1.22 53.46 3.50
N THR D 19 2.43 53.00 3.79
CA THR D 19 2.97 51.87 3.05
C THR D 19 3.00 50.61 3.90
N PHE D 20 2.95 49.45 3.24
CA PHE D 20 3.06 48.19 3.95
C PHE D 20 3.73 47.11 3.10
N LEU D 21 4.31 46.13 3.77
CA LEU D 21 4.90 44.98 3.07
C LEU D 21 3.89 43.84 3.01
N PHE D 22 3.93 43.08 1.92
CA PHE D 22 3.18 41.84 1.83
C PHE D 22 3.98 40.80 1.06
N THR D 23 3.88 39.56 1.52
CA THR D 23 4.67 38.46 0.98
C THR D 23 3.79 37.33 0.43
N SER D 24 4.15 36.82 -0.74
CA SER D 24 3.53 35.62 -1.27
C SER D 24 4.60 34.61 -1.69
N GLU D 25 4.23 33.33 -1.74
CA GLU D 25 5.18 32.31 -2.13
C GLU D 25 4.66 31.48 -3.30
N SER D 26 5.57 30.83 -4.01
CA SER D 26 5.19 29.86 -5.03
C SER D 26 6.20 28.71 -5.00
N VAL D 27 5.82 27.56 -5.54
CA VAL D 27 6.75 26.43 -5.63
C VAL D 27 6.80 25.89 -7.05
N GLY D 28 7.90 25.23 -7.40
CA GLY D 28 8.08 24.70 -8.74
C GLY D 28 7.36 23.38 -8.94
N GLU D 29 7.42 22.85 -10.15
CA GLU D 29 6.76 21.59 -10.49
C GLU D 29 7.31 20.41 -9.69
N GLY D 30 8.57 20.50 -9.27
CA GLY D 30 9.23 19.42 -8.56
C GLY D 30 8.95 19.32 -7.07
N HIS D 31 8.26 20.31 -6.52
CA HIS D 31 7.85 20.28 -5.12
C HIS D 31 6.85 19.13 -4.90
N PRO D 32 7.05 18.33 -3.84
CA PRO D 32 6.28 17.10 -3.59
C PRO D 32 4.76 17.32 -3.60
N ASP D 33 4.30 18.43 -3.02
CA ASP D 33 2.88 18.74 -3.05
C ASP D 33 2.40 19.02 -4.47
N LYS D 34 3.20 19.75 -5.24
CA LYS D 34 2.83 20.13 -6.59
C LYS D 34 2.94 18.96 -7.56
N ILE D 35 3.87 18.04 -7.29
CA ILE D 35 3.92 16.79 -8.05
C ILE D 35 2.57 16.09 -7.97
N CYS D 36 2.03 16.05 -6.75
CA CYS D 36 0.75 15.39 -6.52
C CYS D 36 -0.41 16.11 -7.22
N ASP D 37 -0.41 17.44 -7.20
CA ASP D 37 -1.44 18.19 -7.90
C ASP D 37 -1.38 17.91 -9.39
N GLN D 38 -0.19 17.92 -9.96
CA GLN D 38 -0.04 17.70 -11.39
C GLN D 38 -0.43 16.28 -11.80
N ILE D 39 -0.04 15.29 -11.00
CA ILE D 39 -0.41 13.90 -11.27
C ILE D 39 -1.93 13.73 -11.23
N SER D 40 -2.56 14.24 -10.17
CA SER D 40 -4.01 14.17 -10.02
C SER D 40 -4.76 14.77 -11.21
N ASP D 41 -4.28 15.89 -11.74
CA ASP D 41 -4.94 16.52 -12.88
C ASP D 41 -4.56 15.85 -14.19
N ALA D 42 -3.38 15.22 -14.23
CA ALA D 42 -3.01 14.40 -15.38
C ALA D 42 -3.98 13.22 -15.50
N VAL D 43 -4.34 12.65 -14.36
CA VAL D 43 -5.32 11.57 -14.30
C VAL D 43 -6.69 12.09 -14.74
N LEU D 44 -7.06 13.25 -14.25
CA LEU D 44 -8.32 13.89 -14.65
C LEU D 44 -8.39 14.11 -16.16
N ASP D 45 -7.32 14.67 -16.72
CA ASP D 45 -7.28 14.93 -18.17
C ASP D 45 -7.36 13.64 -18.98
N ALA D 46 -6.65 12.61 -18.51
CA ALA D 46 -6.65 11.31 -19.18
C ALA D 46 -8.07 10.76 -19.35
N HIS D 47 -8.88 10.89 -18.30
CA HIS D 47 -10.26 10.44 -18.35
C HIS D 47 -11.12 11.31 -19.27
N LEU D 48 -10.98 12.63 -19.13
CA LEU D 48 -11.79 13.55 -19.92
C LEU D 48 -11.52 13.44 -21.42
N GLN D 49 -10.30 13.04 -21.78
CA GLN D 49 -9.95 12.86 -23.19
C GLN D 49 -10.77 11.76 -23.85
N GLN D 50 -11.18 10.76 -23.06
CA GLN D 50 -11.98 9.66 -23.59
C GLN D 50 -13.45 9.81 -23.20
N ASP D 51 -13.68 10.33 -22.00
CA ASP D 51 -15.03 10.45 -21.47
C ASP D 51 -15.24 11.83 -20.84
N PRO D 52 -15.86 12.74 -21.59
CA PRO D 52 -16.11 14.12 -21.15
C PRO D 52 -16.98 14.22 -19.90
N ASP D 53 -17.77 13.19 -19.63
CA ASP D 53 -18.68 13.20 -18.48
C ASP D 53 -18.12 12.44 -17.29
N ALA D 54 -16.83 12.13 -17.34
CA ALA D 54 -16.19 11.37 -16.28
C ALA D 54 -16.23 12.11 -14.95
N LYS D 55 -16.53 11.39 -13.88
CA LYS D 55 -16.46 11.94 -12.54
C LYS D 55 -15.16 11.48 -11.89
N VAL D 56 -14.33 12.44 -11.50
CA VAL D 56 -13.02 12.11 -10.96
C VAL D 56 -12.73 12.84 -9.65
N ALA D 57 -12.30 12.07 -8.66
CA ALA D 57 -11.79 12.62 -7.41
C ALA D 57 -10.50 11.88 -7.07
N CYS D 58 -9.39 12.34 -7.63
CA CYS D 58 -8.11 11.62 -7.52
C CYS D 58 -7.14 12.34 -6.59
N GLU D 59 -6.86 11.72 -5.45
CA GLU D 59 -5.88 12.24 -4.52
C GLU D 59 -4.55 11.51 -4.71
N THR D 60 -3.46 12.26 -4.72
CA THR D 60 -2.14 11.68 -4.91
C THR D 60 -1.27 11.88 -3.67
N VAL D 61 -0.54 10.82 -3.30
CA VAL D 61 0.41 10.88 -2.20
C VAL D 61 1.79 10.52 -2.75
N ALA D 62 2.78 11.36 -2.46
CA ALA D 62 4.12 11.11 -2.94
C ALA D 62 5.14 11.08 -1.81
N LYS D 63 5.89 10.00 -1.73
CA LYS D 63 6.93 9.83 -0.72
C LYS D 63 8.12 9.12 -1.36
N THR D 64 9.18 8.93 -0.59
CA THR D 64 10.40 8.31 -1.09
C THR D 64 10.12 7.10 -1.98
N GLY D 65 10.34 7.28 -3.27
CA GLY D 65 10.13 6.24 -4.25
C GLY D 65 8.75 5.58 -4.29
N MET D 66 7.70 6.39 -4.17
CA MET D 66 6.34 5.85 -4.21
C MET D 66 5.28 6.89 -4.57
N ILE D 67 4.41 6.53 -5.50
CA ILE D 67 3.23 7.31 -5.81
C ILE D 67 1.98 6.48 -5.50
N LEU D 68 1.11 7.05 -4.68
CA LEU D 68 -0.16 6.39 -4.37
C LEU D 68 -1.34 7.22 -4.89
N LEU D 69 -2.23 6.57 -5.62
CA LEU D 69 -3.46 7.22 -6.06
C LEU D 69 -4.63 6.67 -5.26
N ALA D 70 -5.42 7.56 -4.68
CA ALA D 70 -6.58 7.16 -3.90
C ALA D 70 -7.77 8.06 -4.21
N GLY D 71 -8.96 7.47 -4.26
CA GLY D 71 -10.15 8.24 -4.53
C GLY D 71 -11.22 7.45 -5.25
N GLU D 72 -12.09 8.16 -5.97
CA GLU D 72 -13.22 7.53 -6.63
C GLU D 72 -13.36 8.06 -8.05
N ILE D 73 -13.64 7.15 -8.97
CA ILE D 73 -13.80 7.52 -10.37
C ILE D 73 -14.99 6.81 -11.01
N THR D 74 -15.83 7.57 -11.67
CA THR D 74 -16.91 7.00 -12.47
C THR D 74 -16.71 7.42 -13.91
N SER D 75 -16.23 6.49 -14.73
CA SER D 75 -15.82 6.83 -16.08
C SER D 75 -15.87 5.64 -17.04
N ARG D 76 -16.12 5.94 -18.30
CA ARG D 76 -16.10 4.93 -19.35
C ARG D 76 -14.69 4.76 -19.92
N ALA D 77 -13.78 5.63 -19.48
CA ALA D 77 -12.43 5.63 -20.01
C ALA D 77 -11.61 4.44 -19.53
N ALA D 78 -10.72 3.96 -20.39
CA ALA D 78 -9.73 2.96 -19.99
C ALA D 78 -8.37 3.63 -19.84
N VAL D 79 -7.97 3.88 -18.59
CA VAL D 79 -6.77 4.65 -18.33
C VAL D 79 -5.65 3.83 -17.71
N ASP D 80 -4.49 3.84 -18.37
CA ASP D 80 -3.28 3.22 -17.84
C ASP D 80 -2.66 4.18 -16.82
N TYR D 81 -2.95 3.96 -15.54
CA TYR D 81 -2.50 4.86 -14.49
C TYR D 81 -0.99 4.85 -14.34
N GLN D 82 -0.36 3.69 -14.56
CA GLN D 82 1.09 3.59 -14.55
C GLN D 82 1.71 4.55 -15.56
N LYS D 83 1.21 4.51 -16.78
CA LYS D 83 1.71 5.38 -17.84
C LYS D 83 1.46 6.86 -17.54
N VAL D 84 0.26 7.17 -17.06
CA VAL D 84 -0.11 8.56 -16.76
C VAL D 84 0.81 9.17 -15.70
N VAL D 85 0.99 8.46 -14.60
CA VAL D 85 1.84 8.91 -13.50
C VAL D 85 3.30 9.04 -13.92
N ARG D 86 3.85 8.01 -14.58
CA ARG D 86 5.25 8.02 -14.95
C ARG D 86 5.57 9.09 -16.01
N GLU D 87 4.67 9.29 -16.96
CA GLU D 87 4.86 10.35 -17.95
C GLU D 87 4.76 11.73 -17.31
N ALA D 88 3.94 11.87 -16.28
CA ALA D 88 3.83 13.13 -15.56
C ALA D 88 5.12 13.44 -14.82
N VAL D 89 5.66 12.43 -14.14
CA VAL D 89 6.91 12.56 -13.40
C VAL D 89 8.08 12.81 -14.35
N LYS D 90 8.04 12.16 -15.50
CA LYS D 90 9.03 12.39 -16.55
C LYS D 90 9.00 13.84 -17.02
N HIS D 91 7.79 14.34 -17.29
CA HIS D 91 7.63 15.72 -17.75
C HIS D 91 8.15 16.72 -16.73
N ILE D 92 7.87 16.45 -15.46
CA ILE D 92 8.36 17.30 -14.37
C ILE D 92 9.89 17.35 -14.38
N GLY D 93 10.52 16.21 -14.69
CA GLY D 93 11.95 16.18 -14.90
C GLY D 93 12.71 15.20 -14.04
N TYR D 94 11.99 14.33 -13.33
CA TYR D 94 12.64 13.36 -12.47
C TYR D 94 12.90 12.06 -13.22
N ASP D 95 14.13 11.90 -13.70
CA ASP D 95 14.49 10.76 -14.53
C ASP D 95 15.77 10.06 -14.06
N ASP D 96 16.14 10.27 -12.80
CA ASP D 96 17.31 9.62 -12.23
C ASP D 96 17.35 9.66 -10.71
N SER D 97 17.91 8.62 -10.12
CA SER D 97 17.99 8.50 -8.66
C SER D 97 18.87 9.58 -8.03
N SER D 98 19.83 10.10 -8.80
CA SER D 98 20.70 11.16 -8.31
C SER D 98 19.92 12.45 -8.10
N LYS D 99 18.73 12.53 -8.69
CA LYS D 99 17.86 13.68 -8.51
C LYS D 99 16.84 13.44 -7.41
N GLY D 100 16.84 12.23 -6.84
CA GLY D 100 15.96 11.90 -5.74
C GLY D 100 14.70 11.17 -6.14
N PHE D 101 14.46 11.05 -7.44
CA PHE D 101 13.24 10.42 -7.94
C PHE D 101 13.39 10.09 -9.42
N ASP D 102 12.92 8.91 -9.81
CA ASP D 102 13.03 8.45 -11.19
C ASP D 102 11.71 7.85 -11.64
N TYR D 103 11.13 8.40 -12.70
CA TYR D 103 9.86 7.90 -13.23
C TYR D 103 9.98 6.44 -13.69
N LYS D 104 11.20 6.03 -14.02
CA LYS D 104 11.43 4.67 -14.51
C LYS D 104 11.32 3.61 -13.42
N THR D 105 11.59 3.99 -12.17
CA THR D 105 11.68 3.00 -11.10
C THR D 105 10.76 3.23 -9.89
N CYS D 106 9.97 4.30 -9.91
CA CYS D 106 9.10 4.58 -8.76
C CYS D 106 7.96 3.56 -8.65
N ASN D 107 7.61 3.23 -7.41
CA ASN D 107 6.50 2.31 -7.14
C ASN D 107 5.17 3.07 -7.24
N VAL D 108 4.26 2.59 -8.09
CA VAL D 108 2.96 3.25 -8.23
C VAL D 108 1.84 2.36 -7.68
N LEU D 109 1.19 2.83 -6.63
CA LEU D 109 0.10 2.10 -5.99
C LEU D 109 -1.25 2.74 -6.31
N VAL D 110 -2.17 1.96 -6.86
CA VAL D 110 -3.47 2.49 -7.24
C VAL D 110 -4.59 1.97 -6.33
N ALA D 111 -5.23 2.90 -5.62
CA ALA D 111 -6.37 2.58 -4.77
C ALA D 111 -7.57 3.41 -5.21
N LEU D 112 -7.91 3.32 -6.49
CA LEU D 112 -9.04 4.05 -7.04
C LEU D 112 -10.24 3.14 -7.23
N GLU D 113 -11.34 3.47 -6.55
CA GLU D 113 -12.58 2.74 -6.76
C GLU D 113 -13.29 3.23 -8.01
N GLN D 114 -13.46 2.33 -8.97
CA GLN D 114 -14.08 2.66 -10.24
C GLN D 114 -15.44 1.99 -10.39
N GLU D 130 -29.03 21.34 -15.93
CA GLU D 130 -28.54 22.67 -15.59
C GLU D 130 -29.07 23.12 -14.23
N ASP D 131 -30.12 22.46 -13.76
CA ASP D 131 -30.70 22.78 -12.46
C ASP D 131 -30.36 21.69 -11.44
N ILE D 132 -29.27 20.98 -11.69
CA ILE D 132 -28.81 19.94 -10.77
C ILE D 132 -28.24 20.58 -9.51
N GLY D 133 -28.59 20.02 -8.36
CA GLY D 133 -28.11 20.53 -7.09
C GLY D 133 -26.61 20.41 -6.96
N ALA D 134 -26.01 21.25 -6.13
CA ALA D 134 -24.57 21.18 -5.88
C ALA D 134 -24.18 19.81 -5.36
N GLY D 135 -22.99 19.34 -5.74
CA GLY D 135 -22.54 18.03 -5.32
C GLY D 135 -22.14 18.01 -3.86
N ASP D 136 -21.92 19.20 -3.32
CA ASP D 136 -21.54 19.33 -1.92
C ASP D 136 -21.96 20.69 -1.39
N GLN D 137 -21.45 21.04 -0.24
CA GLN D 137 -21.63 22.35 0.33
C GLN D 137 -20.27 23.00 0.26
N GLY D 138 -20.21 24.28 0.59
CA GLY D 138 -18.93 24.94 0.64
C GLY D 138 -19.02 26.39 0.24
N LEU D 139 -17.91 27.07 0.45
CA LEU D 139 -17.81 28.48 0.16
C LEU D 139 -16.55 28.70 -0.64
N MET D 140 -16.65 29.55 -1.67
CA MET D 140 -15.53 29.84 -2.55
C MET D 140 -15.41 31.34 -2.77
N PHE D 141 -14.20 31.81 -3.01
CA PHE D 141 -13.97 33.22 -3.31
C PHE D 141 -13.34 33.41 -4.67
N GLY D 142 -13.67 34.53 -5.30
CA GLY D 142 -12.98 35.01 -6.47
C GLY D 142 -12.41 36.37 -6.13
N TYR D 143 -11.27 36.72 -6.71
CA TYR D 143 -10.62 37.98 -6.40
C TYR D 143 -9.96 38.56 -7.66
N ALA D 144 -9.94 39.88 -7.74
CA ALA D 144 -9.27 40.57 -8.83
C ALA D 144 -8.76 41.94 -8.36
N THR D 145 -7.66 42.37 -8.94
CA THR D 145 -7.02 43.63 -8.57
C THR D 145 -6.35 44.24 -9.79
N ASP D 146 -6.49 45.55 -9.96
CA ASP D 146 -6.01 46.21 -11.18
C ASP D 146 -4.51 46.51 -11.16
N GLU D 147 -3.80 45.97 -10.16
CA GLU D 147 -2.38 46.29 -10.00
C GLU D 147 -1.49 45.64 -11.06
N THR D 148 -1.97 44.58 -11.69
CA THR D 148 -1.28 43.98 -12.83
C THR D 148 -2.24 43.84 -14.01
N GLU D 149 -1.68 43.68 -15.21
CA GLU D 149 -2.48 43.49 -16.41
C GLU D 149 -3.33 42.20 -16.36
N GLU D 150 -2.83 41.18 -15.67
CA GLU D 150 -3.59 39.93 -15.52
C GLU D 150 -4.57 39.97 -14.35
N CYS D 151 -4.76 41.15 -13.78
CA CYS D 151 -5.70 41.35 -12.68
C CYS D 151 -5.37 40.54 -11.44
N MET D 152 -4.09 40.35 -11.17
CA MET D 152 -3.64 39.54 -10.05
C MET D 152 -2.68 40.33 -9.17
N PRO D 153 -2.57 39.93 -7.89
CA PRO D 153 -1.58 40.57 -7.01
C PRO D 153 -0.16 40.39 -7.55
N LEU D 154 0.65 41.44 -7.48
CA LEU D 154 2.00 41.42 -8.02
C LEU D 154 2.86 40.37 -7.33
N THR D 155 2.68 40.22 -6.02
CA THR D 155 3.48 39.29 -5.23
C THR D 155 3.41 37.85 -5.77
N ILE D 156 2.20 37.37 -6.03
CA ILE D 156 2.02 35.98 -6.44
C ILE D 156 2.35 35.81 -7.93
N VAL D 157 2.13 36.85 -8.71
CA VAL D 157 2.47 36.84 -10.13
C VAL D 157 3.98 36.67 -10.29
N LEU D 158 4.75 37.46 -9.56
CA LEU D 158 6.20 37.40 -9.63
C LEU D 158 6.72 36.06 -9.12
N ALA D 159 6.13 35.57 -8.02
CA ALA D 159 6.55 34.31 -7.43
C ALA D 159 6.34 33.15 -8.41
N HIS D 160 5.16 33.10 -9.02
CA HIS D 160 4.86 32.10 -10.03
C HIS D 160 5.79 32.20 -11.23
N LYS D 161 5.96 33.42 -11.74
CA LYS D 161 6.75 33.64 -12.96
C LYS D 161 8.24 33.34 -12.74
N LEU D 162 8.70 33.48 -11.50
CA LEU D 162 10.08 33.13 -11.18
C LEU D 162 10.31 31.63 -11.31
N ASN D 163 9.37 30.84 -10.83
CA ASN D 163 9.46 29.38 -10.94
C ASN D 163 9.30 28.94 -12.39
N ALA D 164 8.42 29.63 -13.11
CA ALA D 164 8.20 29.32 -14.52
C ALA D 164 9.44 29.59 -15.35
N LYS D 165 10.15 30.66 -14.99
CA LYS D 165 11.37 31.03 -15.68
C LYS D 165 12.45 29.97 -15.46
N LEU D 166 12.54 29.48 -14.22
CA LEU D 166 13.47 28.41 -13.88
C LEU D 166 13.21 27.19 -14.76
N ALA D 167 11.95 26.79 -14.85
CA ALA D 167 11.55 25.64 -15.65
C ALA D 167 11.87 25.86 -17.12
N GLU D 168 11.67 27.08 -17.60
CA GLU D 168 11.97 27.41 -18.99
C GLU D 168 13.46 27.27 -19.27
N LEU D 169 14.27 27.82 -18.36
CA LEU D 169 15.72 27.81 -18.53
C LEU D 169 16.32 26.43 -18.26
N ARG D 170 15.63 25.62 -17.46
CA ARG D 170 16.06 24.25 -17.24
C ARG D 170 15.81 23.40 -18.47
N ARG D 171 14.63 23.55 -19.06
CA ARG D 171 14.19 22.70 -20.16
C ARG D 171 14.83 23.04 -21.51
N ASN D 172 15.23 24.30 -21.72
CA ASN D 172 15.86 24.66 -22.99
C ASN D 172 17.39 24.56 -22.94
N GLY D 173 17.91 24.23 -21.77
CA GLY D 173 19.34 23.97 -21.61
C GLY D 173 20.18 25.20 -21.29
N THR D 174 19.53 26.34 -21.07
CA THR D 174 20.25 27.56 -20.68
C THR D 174 20.97 27.37 -19.35
N LEU D 175 20.25 26.82 -18.38
CA LEU D 175 20.83 26.47 -17.10
C LEU D 175 20.67 24.96 -16.85
N PRO D 176 21.56 24.16 -17.45
CA PRO D 176 21.46 22.70 -17.44
C PRO D 176 21.66 22.08 -16.06
N TRP D 177 22.16 22.86 -15.11
CA TRP D 177 22.38 22.36 -13.76
C TRP D 177 21.10 22.42 -12.91
N LEU D 178 20.05 23.06 -13.43
CA LEU D 178 18.79 23.16 -12.71
C LEU D 178 18.07 21.82 -12.61
N ARG D 179 17.37 21.61 -11.49
CA ARG D 179 16.56 20.42 -11.28
C ARG D 179 15.14 20.87 -10.88
N PRO D 180 14.13 19.97 -10.97
CA PRO D 180 12.72 20.41 -10.91
C PRO D 180 12.21 21.11 -9.64
N ASP D 181 12.78 20.80 -8.47
CA ASP D 181 12.25 21.32 -7.22
C ASP D 181 12.67 22.77 -6.98
N SER D 182 11.73 23.62 -6.58
CA SER D 182 12.06 25.02 -6.30
C SER D 182 11.02 25.71 -5.42
N LYS D 183 11.46 26.76 -4.73
CA LYS D 183 10.56 27.62 -3.98
C LYS D 183 10.96 29.08 -4.15
N THR D 184 9.97 29.94 -4.30
CA THR D 184 10.21 31.38 -4.37
C THR D 184 9.31 32.09 -3.38
N GLN D 185 9.79 33.23 -2.91
CA GLN D 185 9.06 34.04 -1.95
C GLN D 185 9.31 35.49 -2.33
N VAL D 186 8.23 36.24 -2.54
CA VAL D 186 8.35 37.61 -3.00
C VAL D 186 7.63 38.58 -2.06
N THR D 187 8.39 39.53 -1.53
CA THR D 187 7.85 40.57 -0.67
C THR D 187 7.81 41.90 -1.41
N VAL D 188 6.60 42.45 -1.57
CA VAL D 188 6.41 43.71 -2.28
C VAL D 188 5.99 44.82 -1.31
N GLN D 189 6.56 46.00 -1.51
CA GLN D 189 6.17 47.19 -0.76
C GLN D 189 4.99 47.87 -1.45
N TYR D 190 3.88 48.02 -0.72
CA TYR D 190 2.66 48.55 -1.28
C TYR D 190 2.27 49.89 -0.68
N MET D 191 1.45 50.63 -1.41
CA MET D 191 0.70 51.71 -0.82
C MET D 191 -0.77 51.43 -1.07
N GLN D 192 -1.63 51.95 -0.21
CA GLN D 192 -3.04 51.69 -0.41
C GLN D 192 -3.59 53.02 -0.86
N ASP D 193 -4.40 52.97 -1.90
CA ASP D 193 -4.95 54.17 -2.51
C ASP D 193 -6.44 54.06 -2.70
N ARG D 194 -7.19 54.63 -1.76
CA ARG D 194 -8.65 54.60 -1.77
C ARG D 194 -9.20 53.19 -2.01
N GLY D 195 -8.70 52.23 -1.24
CA GLY D 195 -9.17 50.87 -1.31
C GLY D 195 -8.35 50.01 -2.26
N ALA D 196 -7.77 50.65 -3.26
CA ALA D 196 -6.88 49.98 -4.20
C ALA D 196 -5.48 49.87 -3.62
N VAL D 197 -4.77 48.80 -3.99
CA VAL D 197 -3.39 48.66 -3.55
C VAL D 197 -2.43 48.85 -4.72
N LEU D 198 -1.36 49.59 -4.44
CA LEU D 198 -0.42 50.04 -5.46
C LEU D 198 0.99 49.55 -5.12
N PRO D 199 1.52 48.64 -5.94
CA PRO D 199 2.87 48.17 -5.66
C PRO D 199 3.90 49.25 -5.96
N ILE D 200 4.78 49.49 -5.01
CA ILE D 200 5.81 50.53 -5.13
C ILE D 200 7.12 49.92 -5.62
N ARG D 201 7.56 48.86 -4.95
CA ARG D 201 8.84 48.25 -5.24
C ARG D 201 8.89 46.83 -4.71
N VAL D 202 9.81 46.04 -5.23
CA VAL D 202 10.06 44.72 -4.67
C VAL D 202 11.03 44.87 -3.50
N HIS D 203 10.61 44.43 -2.33
CA HIS D 203 11.39 44.61 -1.11
C HIS D 203 12.40 43.49 -0.91
N THR D 204 11.92 42.25 -1.05
CA THR D 204 12.75 41.07 -0.82
C THR D 204 12.35 39.95 -1.78
N ILE D 205 13.34 39.26 -2.33
CA ILE D 205 13.09 38.06 -3.10
C ILE D 205 13.88 36.88 -2.54
N VAL D 206 13.19 35.78 -2.28
CA VAL D 206 13.85 34.55 -1.88
C VAL D 206 13.70 33.52 -3.00
N ILE D 207 14.80 32.89 -3.39
CA ILE D 207 14.75 31.80 -4.36
C ILE D 207 15.64 30.63 -3.94
N SER D 208 15.02 29.46 -3.80
CA SER D 208 15.74 28.21 -3.60
C SER D 208 15.38 27.25 -4.72
N VAL D 209 16.39 26.69 -5.37
CA VAL D 209 16.13 25.77 -6.47
C VAL D 209 17.11 24.59 -6.47
N GLN D 210 16.57 23.41 -6.76
CA GLN D 210 17.37 22.19 -6.82
C GLN D 210 18.39 22.25 -7.95
N HIS D 211 19.54 21.61 -7.75
CA HIS D 211 20.65 21.69 -8.69
C HIS D 211 21.58 20.48 -8.60
N ASP D 212 22.46 20.31 -9.60
CA ASP D 212 23.37 19.17 -9.60
C ASP D 212 24.57 19.42 -8.69
N GLU D 213 25.45 18.42 -8.60
CA GLU D 213 26.58 18.46 -7.68
C GLU D 213 27.82 19.14 -8.27
N GLU D 214 27.71 19.61 -9.51
CA GLU D 214 28.85 20.20 -10.20
C GLU D 214 28.95 21.72 -10.04
N VAL D 215 27.84 22.41 -10.29
CA VAL D 215 27.81 23.87 -10.32
C VAL D 215 28.10 24.48 -8.94
N CYS D 216 28.83 25.59 -8.93
CA CYS D 216 29.20 26.24 -7.67
C CYS D 216 28.19 27.29 -7.25
N LEU D 217 28.22 27.66 -5.97
CA LEU D 217 27.23 28.55 -5.37
C LEU D 217 27.19 29.93 -6.03
N ASP D 218 28.36 30.52 -6.27
CA ASP D 218 28.44 31.85 -6.87
C ASP D 218 27.82 31.88 -8.26
N GLU D 219 28.12 30.86 -9.05
CA GLU D 219 27.59 30.76 -10.41
C GLU D 219 26.07 30.66 -10.41
N MET D 220 25.53 29.86 -9.49
CA MET D 220 24.08 29.71 -9.36
C MET D 220 23.42 31.03 -8.97
N ARG D 221 24.01 31.70 -7.98
CA ARG D 221 23.45 32.94 -7.45
C ARG D 221 23.49 34.05 -8.50
N ASP D 222 24.55 34.08 -9.29
CA ASP D 222 24.65 35.06 -10.36
C ASP D 222 23.61 34.83 -11.44
N ALA D 223 23.38 33.56 -11.77
CA ALA D 223 22.38 33.22 -12.78
C ALA D 223 20.97 33.54 -12.31
N LEU D 224 20.68 33.26 -11.04
CA LEU D 224 19.36 33.50 -10.49
C LEU D 224 19.00 34.99 -10.50
N LYS D 225 19.99 35.84 -10.32
CA LYS D 225 19.76 37.27 -10.31
C LYS D 225 19.67 37.82 -11.72
N GLU D 226 20.64 37.46 -12.57
CA GLU D 226 20.77 38.05 -13.90
C GLU D 226 19.86 37.42 -14.95
N LYS D 227 19.68 36.10 -14.88
CA LYS D 227 18.92 35.41 -15.92
C LYS D 227 17.51 35.01 -15.50
N VAL D 228 17.22 35.08 -14.21
CA VAL D 228 15.88 34.72 -13.74
C VAL D 228 15.16 35.96 -13.22
N ILE D 229 15.65 36.54 -12.13
CA ILE D 229 15.01 37.69 -11.50
C ILE D 229 14.91 38.91 -12.43
N LYS D 230 16.02 39.30 -13.04
CA LYS D 230 16.04 40.47 -13.90
C LYS D 230 15.29 40.22 -15.21
N ALA D 231 15.05 38.95 -15.52
CA ALA D 231 14.30 38.60 -16.73
C ALA D 231 12.80 38.51 -16.48
N VAL D 232 12.41 38.53 -15.21
CA VAL D 232 11.01 38.37 -14.85
C VAL D 232 10.41 39.64 -14.25
N VAL D 233 11.12 40.22 -13.28
CA VAL D 233 10.63 41.40 -12.57
C VAL D 233 10.96 42.68 -13.34
N PRO D 234 9.92 43.49 -13.63
CA PRO D 234 10.13 44.80 -14.26
C PRO D 234 11.15 45.63 -13.51
N ALA D 235 12.10 46.22 -14.23
CA ALA D 235 13.22 46.96 -13.63
C ALA D 235 12.77 48.07 -12.69
N LYS D 236 11.62 48.67 -12.97
CA LYS D 236 11.12 49.78 -12.15
C LYS D 236 10.80 49.35 -10.72
N TYR D 237 10.63 48.04 -10.52
CA TYR D 237 10.32 47.50 -9.20
C TYR D 237 11.59 47.08 -8.46
N LEU D 238 12.72 47.11 -9.16
CA LEU D 238 14.00 46.74 -8.56
C LEU D 238 14.88 47.96 -8.34
N ASP D 239 15.54 48.01 -7.19
CA ASP D 239 16.52 49.06 -6.91
C ASP D 239 17.67 48.51 -6.06
N GLU D 240 18.55 49.39 -5.61
CA GLU D 240 19.75 48.97 -4.92
C GLU D 240 19.49 48.49 -3.49
N ASP D 241 18.28 48.70 -3.01
CA ASP D 241 17.92 48.29 -1.65
C ASP D 241 17.20 46.95 -1.63
N THR D 242 16.75 46.51 -2.80
CA THR D 242 16.04 45.23 -2.91
C THR D 242 16.91 44.12 -2.35
N ILE D 243 16.36 43.34 -1.43
CA ILE D 243 17.11 42.29 -0.74
C ILE D 243 16.97 40.94 -1.45
N TYR D 244 18.09 40.30 -1.73
CA TYR D 244 18.10 39.02 -2.43
C TYR D 244 18.60 37.90 -1.53
N HIS D 245 17.78 36.87 -1.35
CA HIS D 245 18.22 35.66 -0.65
C HIS D 245 18.24 34.49 -1.64
N LEU D 246 19.39 34.31 -2.30
CA LEU D 246 19.52 33.28 -3.33
C LEU D 246 20.29 32.05 -2.85
N GLN D 247 19.67 30.89 -2.99
CA GLN D 247 20.16 29.63 -2.42
C GLN D 247 20.60 29.76 -0.96
N PRO D 248 19.67 30.20 -0.08
CA PRO D 248 20.05 30.51 1.31
C PRO D 248 20.49 29.30 2.15
N SER D 249 20.02 28.10 1.80
CA SER D 249 20.40 26.92 2.55
C SER D 249 21.70 26.33 2.04
N GLY D 250 22.15 26.81 0.88
CA GLY D 250 23.37 26.28 0.29
C GLY D 250 23.03 25.13 -0.63
N ARG D 251 23.62 23.98 -0.37
CA ARG D 251 23.41 22.80 -1.20
C ARG D 251 21.96 22.35 -1.22
N PHE D 252 21.43 22.18 -2.43
CA PHE D 252 20.06 21.73 -2.65
C PHE D 252 20.10 20.75 -3.82
N VAL D 253 20.68 19.58 -3.59
CA VAL D 253 20.90 18.60 -4.64
C VAL D 253 19.73 17.63 -4.78
N ILE D 254 19.23 17.16 -3.64
CA ILE D 254 18.10 16.23 -3.62
C ILE D 254 16.79 16.94 -3.34
N GLY D 255 15.84 16.80 -4.25
CA GLY D 255 14.53 17.38 -4.08
C GLY D 255 13.44 16.36 -4.30
N GLY D 256 12.21 16.83 -4.49
CA GLY D 256 11.08 15.93 -4.65
C GLY D 256 10.75 15.22 -3.35
N PRO D 257 10.05 14.09 -3.43
CA PRO D 257 9.62 13.31 -2.26
C PRO D 257 10.79 12.77 -1.45
N ASP D 260 8.84 13.17 4.51
CA ASP D 260 7.69 14.05 4.44
C ASP D 260 6.96 13.90 3.11
N ALA D 261 5.76 13.33 3.15
CA ALA D 261 5.00 13.06 1.95
C ALA D 261 4.39 14.32 1.34
N GLY D 262 4.34 14.36 0.02
CA GLY D 262 3.57 15.37 -0.67
C GLY D 262 2.16 14.86 -0.83
N LEU D 263 1.20 15.78 -0.85
CA LEU D 263 -0.21 15.43 -1.03
C LEU D 263 -0.91 16.37 -1.99
N THR D 264 -1.89 15.86 -2.71
CA THR D 264 -2.75 16.71 -3.53
C THR D 264 -3.47 17.72 -2.64
N GLY D 265 -3.56 18.96 -3.11
CA GLY D 265 -4.37 19.97 -2.45
C GLY D 265 -3.79 20.59 -1.19
N ARG D 266 -2.47 20.66 -1.14
CA ARG D 266 -1.79 21.20 0.04
C ARG D 266 -1.05 22.50 -0.28
N LYS D 267 -1.36 23.06 -1.45
CA LYS D 267 -0.79 24.32 -1.89
C LYS D 267 -1.89 25.25 -2.44
N ILE D 268 -3.01 25.33 -1.73
CA ILE D 268 -4.18 26.00 -2.28
C ILE D 268 -4.06 27.52 -2.29
N ILE D 269 -3.15 28.06 -1.48
CA ILE D 269 -2.96 29.51 -1.47
C ILE D 269 -2.00 29.89 -2.59
N VAL D 270 -1.01 29.02 -2.82
CA VAL D 270 -0.15 29.14 -3.99
C VAL D 270 -0.97 29.04 -5.27
N ASP D 271 -1.95 28.14 -5.27
CA ASP D 271 -2.80 27.91 -6.44
C ASP D 271 -3.68 29.10 -6.79
N THR D 272 -3.93 29.96 -5.82
CA THR D 272 -4.92 31.01 -6.01
C THR D 272 -4.32 32.42 -6.02
N TYR D 273 -4.40 33.12 -4.89
CA TYR D 273 -4.07 34.55 -4.90
C TYR D 273 -2.89 34.93 -4.00
N GLY D 274 -2.17 33.92 -3.52
CA GLY D 274 -0.98 34.13 -2.71
C GLY D 274 -1.26 34.81 -1.37
N GLY D 275 -2.46 34.63 -0.84
CA GLY D 275 -2.80 35.17 0.45
C GLY D 275 -3.72 36.39 0.37
N TRP D 276 -3.87 36.94 -0.83
CA TRP D 276 -4.77 38.07 -1.05
C TRP D 276 -6.22 37.62 -1.18
N GLY D 277 -7.15 38.56 -1.12
CA GLY D 277 -8.56 38.23 -1.23
C GLY D 277 -9.01 37.40 -0.05
N ALA D 278 -9.43 36.16 -0.35
CA ALA D 278 -9.83 35.20 0.67
C ALA D 278 -9.87 33.80 0.06
N HIS D 279 -9.89 32.77 0.91
CA HIS D 279 -9.99 31.39 0.42
C HIS D 279 -11.00 30.59 1.24
N GLY D 280 -11.82 29.79 0.57
CA GLY D 280 -12.83 28.99 1.22
C GLY D 280 -12.38 27.62 1.69
N GLY D 281 -11.19 27.19 1.25
CA GLY D 281 -10.60 25.96 1.75
C GLY D 281 -10.56 24.79 0.80
N GLY D 282 -11.27 24.88 -0.32
CA GLY D 282 -11.34 23.79 -1.26
C GLY D 282 -10.14 23.69 -2.19
N ALA D 283 -9.63 22.48 -2.36
CA ALA D 283 -8.53 22.22 -3.27
C ALA D 283 -9.06 22.03 -4.69
N PHE D 284 -8.23 22.31 -5.68
CA PHE D 284 -8.66 22.23 -7.08
C PHE D 284 -8.33 20.90 -7.77
N SER D 285 -7.07 20.49 -7.71
CA SER D 285 -6.57 19.43 -8.58
C SER D 285 -7.19 18.06 -8.25
N GLY D 286 -7.37 17.25 -9.30
CA GLY D 286 -7.93 15.92 -9.13
C GLY D 286 -9.45 15.90 -9.06
N LYS D 287 -10.07 17.07 -9.21
CA LYS D 287 -11.52 17.17 -9.15
C LYS D 287 -12.11 17.60 -10.50
N ASP D 288 -13.13 16.89 -10.95
CA ASP D 288 -13.81 17.24 -12.19
C ASP D 288 -14.76 18.41 -11.97
N TYR D 289 -15.48 18.80 -13.04
CA TYR D 289 -16.25 20.03 -13.02
C TYR D 289 -17.43 20.02 -12.04
N THR D 290 -17.90 18.83 -11.66
CA THR D 290 -19.06 18.75 -10.77
C THR D 290 -18.74 19.10 -9.33
N LYS D 291 -17.45 19.25 -9.02
CA LYS D 291 -17.04 19.67 -7.69
C LYS D 291 -17.02 21.19 -7.63
N VAL D 292 -17.94 21.77 -6.86
CA VAL D 292 -18.06 23.21 -6.78
C VAL D 292 -16.82 23.87 -6.21
N ASP D 293 -16.02 23.11 -5.44
CA ASP D 293 -14.74 23.60 -4.97
C ASP D 293 -13.89 24.17 -6.09
N ARG D 294 -13.98 23.56 -7.26
CA ARG D 294 -13.19 23.99 -8.41
C ARG D 294 -13.96 24.90 -9.35
N SER D 295 -15.07 24.42 -9.87
CA SER D 295 -15.82 25.14 -10.89
C SER D 295 -16.36 26.49 -10.40
N ALA D 296 -16.83 26.53 -9.16
CA ALA D 296 -17.39 27.76 -8.62
C ALA D 296 -16.30 28.76 -8.24
N ALA D 297 -15.14 28.25 -7.85
CA ALA D 297 -14.00 29.14 -7.59
C ALA D 297 -13.51 29.74 -8.90
N TYR D 298 -13.52 28.93 -9.95
CA TYR D 298 -13.16 29.41 -11.29
C TYR D 298 -14.16 30.46 -11.76
N ALA D 299 -15.44 30.17 -11.56
CA ALA D 299 -16.52 31.09 -11.94
C ALA D 299 -16.44 32.38 -11.13
N ALA D 300 -16.08 32.26 -9.85
CA ALA D 300 -15.98 33.42 -8.97
C ALA D 300 -14.84 34.34 -9.42
N ARG D 301 -13.73 33.73 -9.84
CA ARG D 301 -12.61 34.46 -10.44
C ARG D 301 -13.06 35.15 -11.72
N TRP D 302 -13.79 34.40 -12.54
CA TRP D 302 -14.38 34.92 -13.77
C TRP D 302 -15.21 36.18 -13.51
N VAL D 303 -16.05 36.13 -12.48
CA VAL D 303 -16.89 37.26 -12.11
C VAL D 303 -16.04 38.45 -11.67
N ALA D 304 -15.12 38.19 -10.76
CA ALA D 304 -14.27 39.23 -10.19
C ALA D 304 -13.44 39.93 -11.26
N LYS D 305 -12.83 39.15 -12.15
CA LYS D 305 -12.03 39.73 -13.22
C LYS D 305 -12.89 40.50 -14.21
N SER D 306 -14.12 40.04 -14.44
CA SER D 306 -15.03 40.72 -15.35
C SER D 306 -15.42 42.09 -14.80
N LEU D 307 -15.58 42.17 -13.48
CA LEU D 307 -15.95 43.43 -12.83
C LEU D 307 -14.81 44.44 -12.93
N VAL D 308 -13.58 44.01 -12.70
CA VAL D 308 -12.44 44.90 -12.74
C VAL D 308 -12.09 45.32 -14.17
N LYS D 309 -11.99 44.36 -15.08
CA LYS D 309 -11.71 44.67 -16.49
C LYS D 309 -12.84 45.48 -17.12
N GLY D 310 -14.04 45.33 -16.59
CA GLY D 310 -15.20 46.05 -17.11
C GLY D 310 -15.22 47.50 -16.64
N GLY D 311 -14.31 47.82 -15.73
CA GLY D 311 -14.18 49.18 -15.23
C GLY D 311 -15.16 49.52 -14.12
N LEU D 312 -15.80 48.51 -13.53
CA LEU D 312 -16.78 48.74 -12.49
C LEU D 312 -16.13 48.93 -11.13
N CYS D 313 -14.92 48.42 -10.96
CA CYS D 313 -14.13 48.65 -9.75
C CYS D 313 -12.65 48.34 -10.01
N ARG D 314 -11.79 48.72 -9.06
CA ARG D 314 -10.36 48.53 -9.22
C ARG D 314 -9.89 47.25 -8.54
N ARG D 315 -10.73 46.76 -7.62
CA ARG D 315 -10.37 45.67 -6.75
C ARG D 315 -11.65 45.10 -6.16
N VAL D 316 -11.78 43.77 -6.18
CA VAL D 316 -13.04 43.20 -5.74
C VAL D 316 -12.89 41.75 -5.23
N LEU D 317 -13.67 41.45 -4.19
CA LEU D 317 -13.76 40.10 -3.63
C LEU D 317 -15.19 39.59 -3.79
N VAL D 318 -15.33 38.36 -4.25
CA VAL D 318 -16.65 37.77 -4.46
C VAL D 318 -16.80 36.46 -3.71
N GLN D 319 -17.75 36.36 -2.79
CA GLN D 319 -18.01 35.08 -2.13
C GLN D 319 -19.29 34.42 -2.61
N VAL D 320 -19.21 33.11 -2.84
CA VAL D 320 -20.36 32.30 -3.20
C VAL D 320 -20.41 31.09 -2.28
N SER D 321 -21.61 30.67 -1.89
CA SER D 321 -21.75 29.48 -1.05
C SER D 321 -22.88 28.61 -1.56
N TYR D 322 -22.75 27.30 -1.35
CA TYR D 322 -23.71 26.33 -1.84
C TYR D 322 -24.15 25.37 -0.72
N ALA D 323 -25.25 24.68 -0.97
CA ALA D 323 -25.67 23.59 -0.09
C ALA D 323 -25.81 22.34 -0.95
N ILE D 324 -25.47 21.20 -0.36
CA ILE D 324 -25.42 19.92 -1.09
C ILE D 324 -26.74 19.51 -1.77
N GLY D 325 -27.86 20.07 -1.33
CA GLY D 325 -29.13 19.73 -1.92
C GLY D 325 -29.69 20.78 -2.87
N VAL D 326 -29.06 21.95 -2.88
CA VAL D 326 -29.58 23.11 -3.60
C VAL D 326 -28.76 23.51 -4.84
N SER D 327 -29.47 23.86 -5.92
CA SER D 327 -28.86 24.27 -7.18
C SER D 327 -28.34 25.70 -7.16
N HIS D 328 -29.20 26.65 -6.80
CA HIS D 328 -28.81 28.05 -6.72
C HIS D 328 -27.84 28.28 -5.57
N PRO D 329 -26.87 29.20 -5.76
CA PRO D 329 -26.01 29.57 -4.64
C PRO D 329 -26.83 30.03 -3.44
N LEU D 330 -26.40 29.65 -2.25
CA LEU D 330 -27.09 30.04 -1.03
C LEU D 330 -26.95 31.53 -0.83
N SER D 331 -25.77 32.04 -1.18
CA SER D 331 -25.48 33.46 -1.06
C SER D 331 -24.39 33.89 -2.02
N ILE D 332 -24.50 35.12 -2.52
CA ILE D 332 -23.43 35.76 -3.27
C ILE D 332 -23.12 37.08 -2.59
N SER D 333 -21.86 37.29 -2.24
CA SER D 333 -21.49 38.48 -1.48
C SER D 333 -20.31 39.17 -2.14
N ILE D 334 -20.33 40.50 -2.16
CA ILE D 334 -19.32 41.27 -2.89
C ILE D 334 -18.71 42.39 -2.06
N PHE D 335 -17.37 42.45 -2.07
CA PHE D 335 -16.63 43.49 -1.37
C PHE D 335 -15.75 44.21 -2.38
N HIS D 336 -15.99 45.49 -2.62
CA HIS D 336 -15.16 46.21 -3.60
C HIS D 336 -14.10 47.10 -2.95
N TYR D 337 -13.93 46.96 -1.64
CA TYR D 337 -12.88 47.64 -0.89
C TYR D 337 -12.98 49.18 -0.98
N GLY D 338 -14.10 49.67 -1.47
CA GLY D 338 -14.29 51.10 -1.65
C GLY D 338 -13.79 51.60 -3.00
N THR D 339 -13.55 50.68 -3.93
CA THR D 339 -12.96 51.04 -5.22
C THR D 339 -13.96 51.21 -6.36
N SER D 340 -15.22 51.45 -5.99
CA SER D 340 -16.25 51.76 -6.98
C SER D 340 -17.16 52.89 -6.50
N GLN D 341 -17.70 53.67 -7.43
CA GLN D 341 -18.70 54.66 -7.08
C GLN D 341 -20.04 53.95 -6.88
N LYS D 342 -20.16 52.76 -7.45
CA LYS D 342 -21.35 51.92 -7.24
C LYS D 342 -21.25 51.18 -5.92
N SER D 343 -22.41 50.92 -5.30
CA SER D 343 -22.45 50.14 -4.09
C SER D 343 -22.29 48.66 -4.43
N GLU D 344 -21.97 47.86 -3.42
CA GLU D 344 -21.85 46.43 -3.60
C GLU D 344 -23.20 45.80 -3.92
N ARG D 345 -24.28 46.43 -3.44
CA ARG D 345 -25.62 45.96 -3.79
C ARG D 345 -25.86 46.09 -5.29
N GLU D 346 -25.42 47.21 -5.87
CA GLU D 346 -25.55 47.40 -7.31
C GLU D 346 -24.69 46.42 -8.10
N LEU D 347 -23.46 46.21 -7.65
CA LEU D 347 -22.57 45.27 -8.31
C LEU D 347 -23.17 43.87 -8.29
N LEU D 348 -23.84 43.52 -7.20
CA LEU D 348 -24.49 42.22 -7.08
C LEU D 348 -25.62 42.05 -8.09
N GLU D 349 -26.42 43.09 -8.28
CA GLU D 349 -27.49 43.06 -9.27
C GLU D 349 -26.93 42.92 -10.68
N ILE D 350 -25.80 43.57 -10.93
CA ILE D 350 -25.12 43.45 -12.21
C ILE D 350 -24.63 42.01 -12.41
N VAL D 351 -24.09 41.42 -11.36
CA VAL D 351 -23.61 40.05 -11.38
C VAL D 351 -24.77 39.07 -11.65
N LYS D 352 -25.86 39.27 -10.92
CA LYS D 352 -27.03 38.40 -11.05
C LYS D 352 -27.64 38.45 -12.45
N LYS D 353 -27.55 39.61 -13.10
CA LYS D 353 -28.09 39.78 -14.43
C LYS D 353 -27.18 39.23 -15.53
N ASN D 354 -25.89 39.08 -15.22
CA ASN D 354 -24.92 38.68 -16.23
C ASN D 354 -24.37 37.26 -16.03
N PHE D 355 -24.55 36.70 -14.83
CA PHE D 355 -23.99 35.39 -14.51
C PHE D 355 -25.01 34.44 -13.90
N ASP D 356 -24.90 33.17 -14.29
CA ASP D 356 -25.70 32.09 -13.71
C ASP D 356 -24.74 31.13 -13.01
N LEU D 357 -24.71 31.17 -11.68
CA LEU D 357 -23.68 30.46 -10.93
C LEU D 357 -24.13 29.07 -10.46
N ARG D 358 -25.14 28.52 -11.11
CA ARG D 358 -25.50 27.12 -10.88
C ARG D 358 -24.41 26.25 -11.50
N PRO D 359 -24.01 25.18 -10.78
CA PRO D 359 -22.91 24.31 -11.20
C PRO D 359 -23.04 23.83 -12.65
N GLY D 360 -24.23 23.39 -13.03
CA GLY D 360 -24.49 22.89 -14.37
C GLY D 360 -24.40 23.92 -15.48
N VAL D 361 -24.54 25.20 -15.14
CA VAL D 361 -24.47 26.27 -16.14
C VAL D 361 -23.04 26.80 -16.27
N ILE D 362 -22.33 26.86 -15.14
CA ILE D 362 -20.92 27.22 -15.12
C ILE D 362 -20.10 26.33 -16.07
N VAL D 363 -20.42 25.03 -16.07
CA VAL D 363 -19.72 24.06 -16.91
C VAL D 363 -19.82 24.39 -18.39
N ARG D 364 -21.01 24.81 -18.82
CA ARG D 364 -21.24 25.14 -20.23
C ARG D 364 -20.56 26.46 -20.58
N ASP D 365 -20.65 27.43 -19.68
CA ASP D 365 -20.09 28.77 -19.93
C ASP D 365 -18.57 28.74 -19.98
N LEU D 366 -17.95 27.92 -19.14
CA LEU D 366 -16.49 27.90 -19.03
C LEU D 366 -15.88 26.67 -19.72
N ASP D 367 -16.73 25.88 -20.38
CA ASP D 367 -16.28 24.75 -21.19
C ASP D 367 -15.38 23.82 -20.38
N LEU D 368 -15.84 23.44 -19.19
CA LEU D 368 -14.99 22.78 -18.22
C LEU D 368 -14.86 21.26 -18.41
N LYS D 369 -15.38 20.75 -19.52
CA LYS D 369 -15.26 19.33 -19.81
C LYS D 369 -14.02 19.04 -20.65
N LYS D 370 -13.27 20.08 -20.99
CA LYS D 370 -12.05 19.92 -21.77
C LYS D 370 -10.90 19.44 -20.90
N PRO D 371 -10.05 18.56 -21.43
CA PRO D 371 -8.86 18.10 -20.71
C PRO D 371 -7.78 19.18 -20.64
N ILE D 372 -8.03 20.22 -19.85
CA ILE D 372 -7.11 21.35 -19.78
C ILE D 372 -6.52 21.53 -18.39
N TYR D 373 -6.72 20.56 -17.51
CA TYR D 373 -6.50 20.82 -16.09
C TYR D 373 -5.06 20.61 -15.61
N GLN D 374 -4.31 19.74 -16.27
CA GLN D 374 -2.92 19.53 -15.88
C GLN D 374 -2.13 20.84 -15.98
N ARG D 375 -2.51 21.69 -16.94
CA ARG D 375 -1.83 22.97 -17.12
C ARG D 375 -2.03 23.91 -15.95
N THR D 376 -3.13 23.71 -15.21
CA THR D 376 -3.45 24.58 -14.08
C THR D 376 -2.69 24.22 -12.79
N ALA D 377 -2.14 23.00 -12.75
CA ALA D 377 -1.66 22.42 -11.50
C ALA D 377 -0.31 22.98 -11.06
N ALA D 378 0.30 23.80 -11.89
CA ALA D 378 1.50 24.53 -11.49
C ALA D 378 1.44 25.97 -12.00
N TYR D 379 2.07 26.87 -11.24
CA TYR D 379 2.21 28.29 -11.59
C TYR D 379 0.88 29.05 -11.48
N GLY D 380 -0.07 28.51 -10.73
CA GLY D 380 -1.31 29.21 -10.42
C GLY D 380 -2.45 28.93 -11.36
N HIS D 381 -3.65 28.82 -10.81
CA HIS D 381 -4.85 28.58 -11.60
C HIS D 381 -5.41 29.87 -12.21
N PHE D 382 -4.96 31.01 -11.69
CA PHE D 382 -5.50 32.31 -12.10
C PHE D 382 -4.40 33.22 -12.61
N GLY D 383 -4.75 34.09 -13.57
CA GLY D 383 -3.81 35.08 -14.06
C GLY D 383 -3.24 34.76 -15.43
N ARG D 384 -3.65 33.64 -16.01
CA ARG D 384 -3.18 33.24 -17.34
C ARG D 384 -4.36 33.20 -18.31
N ASP D 385 -4.29 34.01 -19.37
CA ASP D 385 -5.48 34.27 -20.20
C ASP D 385 -5.81 33.16 -21.19
N SER D 386 -5.06 32.05 -21.14
CA SER D 386 -5.38 30.91 -21.98
C SER D 386 -6.52 30.08 -21.39
N PHE D 387 -6.90 30.40 -20.15
CA PHE D 387 -7.99 29.71 -19.47
C PHE D 387 -9.30 30.48 -19.64
N PRO D 388 -10.42 29.75 -19.83
CA PRO D 388 -11.73 30.36 -20.08
C PRO D 388 -12.17 31.36 -19.00
N TRP D 389 -11.85 31.08 -17.74
CA TRP D 389 -12.25 31.95 -16.66
C TRP D 389 -11.40 33.22 -16.56
N GLU D 390 -10.43 33.35 -17.47
CA GLU D 390 -9.57 34.52 -17.48
C GLU D 390 -9.92 35.45 -18.64
N VAL D 391 -10.94 35.06 -19.39
CA VAL D 391 -11.48 35.90 -20.45
C VAL D 391 -12.70 36.66 -19.91
N PRO D 392 -12.56 37.97 -19.72
CA PRO D 392 -13.64 38.79 -19.14
C PRO D 392 -14.93 38.71 -19.94
N LYS D 393 -16.05 38.52 -19.24
CA LYS D 393 -17.36 38.64 -19.87
C LYS D 393 -17.73 40.10 -20.06
N LYS D 394 -18.23 40.44 -21.24
CA LYS D 394 -18.74 41.77 -21.49
C LYS D 394 -20.04 41.96 -20.73
N LEU D 395 -20.06 42.92 -19.82
CA LEU D 395 -21.18 43.10 -18.90
C LEU D 395 -22.25 44.02 -19.47
N LYS D 396 -23.51 43.64 -19.26
CA LYS D 396 -24.65 44.46 -19.66
C LYS D 396 -25.40 44.94 -18.43
N TYR D 397 -25.59 46.25 -18.33
CA TYR D 397 -26.28 46.84 -17.18
C TYR D 397 -26.76 48.26 -17.48
C10 8AJ E . 14.28 -40.53 -12.43
C13 8AJ E . 13.69 -39.44 -11.66
C15 8AJ E . 12.03 -39.78 -7.00
C17 8AJ E . 17.72 -45.90 -13.57
N01 8AJ E . 15.15 -42.94 -9.62
C01 8AJ E . 14.67 -41.78 -10.33
C02 8AJ E . 15.05 -43.04 -8.27
C03 8AJ E . 15.79 -44.21 -10.05
C04 8AJ E . 14.09 -40.72 -9.61
C05 8AJ E . 14.76 -41.67 -11.77
C06 8AJ E . 14.48 -41.98 -7.49
N02 8AJ E . 15.62 -44.30 -7.86
N03 8AJ E . 16.04 -44.96 -8.95
C07 8AJ E . 16.14 -44.68 -11.44
C08 8AJ E . 14.00 -40.80 -8.16
C09 8AJ E . 13.60 -39.54 -10.29
C11 8AJ E . 16.48 -46.14 -11.60
C12 8AJ E . 13.36 -39.68 -7.35
N 8AJ E . 16.64 -46.63 -12.92
C14 8AJ E . 14.13 -38.56 -6.93
CL 8AJ E . 13.10 -38.04 -12.43
C16 8AJ E . 16.96 -48.05 -12.87
C18 8AJ E . 13.54 -37.59 -6.20
C19 8AJ E . 11.41 -38.76 -6.25
C 8AJ E . 12.16 -37.66 -5.85
C10 8AJ F . -0.75 44.57 6.25
C13 8AJ F . -1.14 43.21 5.92
C15 8AJ F . -3.64 41.59 2.31
C17 8AJ F . -2.48 52.42 6.17
N01 8AJ F . -3.24 46.50 4.12
C01 8AJ F . -2.52 45.43 4.74
C02 8AJ F . -4.27 46.27 3.25
C03 8AJ F . -3.15 47.98 4.21
C04 8AJ F . -2.87 44.09 4.44
C05 8AJ F . -1.44 45.65 5.67
C06 8AJ F . -4.66 44.93 2.90
N02 8AJ F . -4.78 47.53 2.80
N03 8AJ F . -4.10 48.52 3.40
C07 8AJ F . -2.21 48.85 5.04
C08 8AJ F . -3.96 43.83 3.49
C09 8AJ F . -2.16 42.99 5.04
C11 8AJ F . -2.58 50.30 5.14
C12 8AJ F . -4.40 42.40 3.14
N 8AJ F . -1.89 51.09 6.11
C14 8AJ F . -5.61 41.93 3.70
CL 8AJ F . -0.33 41.88 6.62
C16 8AJ F . -0.49 51.18 5.73
C18 8AJ F . -6.04 40.67 3.43
C19 8AJ F . -4.08 40.29 2.03
C 8AJ F . -5.28 39.82 2.58
C10 8AJ G . -18.47 41.24 1.25
C13 8AJ G . -17.54 40.14 1.38
C15 8AJ G . -13.05 40.34 3.49
C17 8AJ G . -20.43 48.85 2.85
N01 8AJ G . -17.03 43.62 3.83
C01 8AJ G . -17.22 42.47 3.00
C02 8AJ G . -16.00 43.69 4.73
C03 8AJ G . -17.75 44.90 3.98
C04 8AJ G . -16.33 41.38 3.11
C05 8AJ G . -18.30 42.39 2.05
C06 8AJ G . -15.06 42.60 4.88
N02 8AJ G . -16.07 44.95 5.40
N03 8AJ G . -17.12 45.64 4.93
C07 8AJ G . -18.98 45.41 3.25
C08 8AJ G . -15.23 41.44 4.07
C09 8AJ G . -16.50 40.21 2.28
C11 8AJ G . -19.29 46.86 3.41
C12 8AJ G . -14.22 40.29 4.21
N 8AJ G . -20.36 47.40 2.63
C14 8AJ G . -14.48 39.19 5.08
CL 8AJ G . -17.72 38.75 0.42
C16 8AJ G . -21.59 46.78 3.02
C18 8AJ G . -13.57 38.19 5.18
C19 8AJ G . -12.11 39.31 3.58
C 8AJ G . -12.36 38.23 4.43
C10 8AJ H . 5.79 -44.49 3.76
C13 8AJ H . 5.79 -43.12 3.27
C15 8AJ H . 4.75 -41.51 -1.11
C17 8AJ H . 6.78 -52.32 2.40
N01 8AJ H . 5.86 -46.39 0.47
C01 8AJ H . 5.83 -45.32 1.43
C02 8AJ H . 5.88 -46.14 -0.88
C03 8AJ H . 5.86 -47.87 0.57
C04 8AJ H . 5.84 -43.99 0.98
C05 8AJ H . 5.80 -45.56 2.85
C06 8AJ H . 5.89 -44.79 -1.39
N02 8AJ H . 5.90 -47.40 -1.58
N03 8AJ H . 5.89 -48.40 -0.68
C07 8AJ H . 5.85 -48.73 1.81
C08 8AJ H . 5.87 -43.71 -0.44
C09 8AJ H . 5.82 -42.89 1.92
C11 8AJ H . 6.09 -50.20 1.62
C12 8AJ H . 5.89 -42.27 -0.96
N 8AJ H . 6.37 -50.96 2.79
C14 8AJ H . 7.18 -41.72 -1.27
CL 8AJ H . 5.78 -41.81 4.35
C16 8AJ H . 5.19 -51.01 3.61
C18 8AJ H . 7.29 -40.46 -1.73
C19 8AJ H . 4.87 -40.19 -1.58
C 8AJ H . 6.12 -39.66 -1.89
#